data_8Y3R
#
_entry.id   8Y3R
#
_cell.length_a   1.00
_cell.length_b   1.00
_cell.length_c   1.00
_cell.angle_alpha   90.00
_cell.angle_beta   90.00
_cell.angle_gamma   90.00
#
_symmetry.space_group_name_H-M   'P 1'
#
loop_
_entity.id
_entity.type
_entity.pdbx_description
1 polymer B646L
2 polymer 'Heavy chain of H3'
3 polymer 'Light chain of H3'
#
loop_
_entity_poly.entity_id
_entity_poly.type
_entity_poly.pdbx_seq_one_letter_code
_entity_poly.pdbx_strand_id
1 'polypeptide(L)'
;MHHHHHHHHHHGSDYKDHDGDYKDHDIDYKDDDDKELENLYFQGAGSMASGGAFCLIANDGKADKIILAQDLLNSRISNI
KNVNKSYGKPDPEPTLSQIEETHLVHFNAHFKPYVPVGFEYNKVRPHTGTPTLGNKLTFGIPQYGDFFHDMVGHHILGAC
HSSWQDAPIQGTSQMGAHGQLQTFPRNGYDWDNQTPLEGAVYTLVDPFGRPIVPGTKNAYRNLVYYCEYPGERLYENVRF
DVNGNSLDEYSSDVTTLVRKFCIPGDKMTGYKHLVGQEVSVEGTSGPLLCNIHDLHKPHQSKPILTDENDTQRTCSHTNP
KFLSQHFPENSHNIQTAGKQDITPITDATYLDIRRNVHYSCNGPQTPKYYQPPLALWIKLRFWFNENVNLAIPSVSIPFG
ERFITIKLASQKDLVNEFPGLFVRQSRFIAGRPSRRNIRFKPWFIPGVINEISLTNNELYINNLFVTPEIHNLFVKRVRF
SLIRVHKTQVTHTNNNHHDEKLMSALKWPIEYMFIGLKPTWNISDQNPHQHRDWHKFGHVVNAIMQPTHHAEISFQDRDT
ALPDACSSISDISPVTYPITLPIIKNISVTAHGINLIDKFPSKFCSSYIPFHYGGNAIKTPDDPGAMMITFALKPREEYQ
PSGHINVSRAREFYISWDTDYVGSITTADLVVSASAINFLLLQNGSAVLRYST
;
A,C,D
2 'polypeptide(L)'
;QEKLVESGGGLVQPGGSLILSCVGSGFTFITYEINWVRQAPGKGLEWLAVVSKIGDRTYYAHSVRGRLTISRDNSQNTAY
LQMNSLRTEDTARYYCVRAWCATTCLPGDIMDLWGPGVGVIV
;
B,E,F
3 'polypeptide(L)'
;TVIHEPAMSLSPGGTDTLTCAFSSGSITNNNYPSWFQQTPRQPPRLLIYNTNNRPTGVPSRFSGAISGNKAALTITGAQA
NDEADYFCTLYISIADVIFGGGTHLTVL
;
L,G,H
#
# COMPACT_ATOMS: atom_id res chain seq x y z
N GLY A 118 -1.97 49.58 28.79
CA GLY A 118 -1.11 48.44 28.57
C GLY A 118 -0.63 47.78 29.85
N PHE A 119 -0.75 46.46 29.92
CA PHE A 119 -0.33 45.68 31.07
C PHE A 119 0.73 44.67 30.66
N GLU A 120 1.70 44.44 31.54
CA GLU A 120 2.79 43.51 31.29
C GLU A 120 2.89 42.52 32.43
N TYR A 121 3.11 41.25 32.09
CA TYR A 121 3.25 40.19 33.08
C TYR A 121 4.73 40.01 33.41
N ASN A 122 5.04 39.97 34.70
CA ASN A 122 6.41 39.87 35.18
C ASN A 122 6.68 38.47 35.72
N LYS A 123 7.93 38.02 35.53
CA LYS A 123 8.35 36.68 35.93
C LYS A 123 8.82 36.67 37.38
N VAL A 124 9.12 35.47 37.87
CA VAL A 124 9.65 35.27 39.21
C VAL A 124 10.44 33.96 39.21
N ARG A 125 11.51 33.92 40.02
CA ARG A 125 12.37 32.76 40.04
C ARG A 125 12.24 32.01 41.36
N PRO A 126 12.45 30.70 41.37
CA PRO A 126 12.39 29.94 42.62
C PRO A 126 13.54 30.31 43.55
N HIS A 127 13.30 30.12 44.84
CA HIS A 127 14.30 30.43 45.86
C HIS A 127 15.12 29.22 46.29
N THR A 128 14.60 28.00 46.11
CA THR A 128 15.34 26.82 46.52
C THR A 128 16.59 26.62 45.67
N GLY A 129 16.45 26.74 44.35
CA GLY A 129 17.58 26.62 43.45
C GLY A 129 17.88 25.17 43.08
N THR A 130 18.52 25.02 41.91
CA THR A 130 18.93 23.74 41.35
C THR A 130 17.77 22.75 41.33
N PRO A 131 16.77 22.96 40.47
CA PRO A 131 15.67 21.99 40.39
C PRO A 131 16.15 20.64 39.89
N THR A 132 15.57 19.58 40.45
CA THR A 132 15.90 18.21 40.09
C THR A 132 14.61 17.43 39.86
N LEU A 133 14.68 16.46 38.96
CA LEU A 133 13.53 15.61 38.67
C LEU A 133 13.23 14.70 39.85
N GLY A 134 11.94 14.45 40.08
CA GLY A 134 11.54 13.54 41.13
C GLY A 134 11.70 14.07 42.53
N ASN A 135 11.74 15.39 42.70
CA ASN A 135 11.89 16.02 44.01
C ASN A 135 10.89 17.15 44.15
N LYS A 136 10.57 17.47 45.40
CA LYS A 136 9.59 18.51 45.69
C LYS A 136 10.22 19.88 45.59
N LEU A 137 9.49 20.81 44.98
CA LEU A 137 9.96 22.18 44.76
C LEU A 137 8.97 23.16 45.37
N THR A 138 9.48 24.07 46.19
CA THR A 138 8.65 25.09 46.86
C THR A 138 8.95 26.44 46.23
N PHE A 139 7.92 27.07 45.66
CA PHE A 139 8.04 28.33 44.96
C PHE A 139 7.26 29.40 45.71
N GLY A 140 7.82 30.61 45.78
CA GLY A 140 7.25 31.67 46.57
C GLY A 140 5.95 32.27 46.03
N ILE A 141 6.04 32.96 44.89
CA ILE A 141 4.95 33.75 44.34
C ILE A 141 4.45 34.68 45.44
N PRO A 142 5.33 35.41 46.14
CA PRO A 142 4.93 36.04 47.40
C PRO A 142 3.89 37.14 47.29
N GLN A 143 4.18 38.21 46.56
CA GLN A 143 3.33 39.40 46.62
C GLN A 143 3.18 40.15 45.31
N TYR A 144 3.73 39.68 44.20
CA TYR A 144 3.75 40.47 42.98
C TYR A 144 2.37 40.45 42.33
N GLY A 145 1.71 41.60 42.31
CA GLY A 145 0.41 41.73 41.68
C GLY A 145 -0.70 42.06 42.65
N ASP A 146 -1.42 43.15 42.39
CA ASP A 146 -2.59 43.48 43.21
C ASP A 146 -3.65 42.41 43.11
N PHE A 147 -3.90 41.92 41.90
CA PHE A 147 -4.79 40.80 41.65
C PHE A 147 -4.08 39.79 40.74
N PHE A 148 -4.29 38.52 41.01
CA PHE A 148 -3.64 37.45 40.25
C PHE A 148 -4.67 36.38 39.87
N HIS A 149 -4.38 35.69 38.79
CA HIS A 149 -5.24 34.62 38.28
C HIS A 149 -4.34 33.47 37.84
N ASP A 150 -4.91 32.55 37.06
CA ASP A 150 -4.26 31.28 36.76
C ASP A 150 -2.83 31.46 36.26
N MET A 151 -1.91 30.70 36.84
CA MET A 151 -0.49 30.84 36.61
C MET A 151 -0.04 29.99 35.42
N VAL A 152 1.13 30.34 34.88
CA VAL A 152 1.75 29.62 33.78
C VAL A 152 3.19 29.32 34.17
N GLY A 153 3.63 28.07 33.96
CA GLY A 153 4.98 27.70 34.29
C GLY A 153 5.76 27.16 33.09
N HIS A 154 6.86 27.83 32.75
CA HIS A 154 7.73 27.35 31.69
C HIS A 154 8.63 26.23 32.19
N HIS A 155 9.01 25.33 31.29
CA HIS A 155 9.94 24.26 31.61
C HIS A 155 10.63 23.85 30.33
N ILE A 156 11.93 24.11 30.24
CA ILE A 156 12.74 23.76 29.07
C ILE A 156 13.54 22.52 29.41
N LEU A 157 13.30 21.44 28.68
CA LEU A 157 13.96 20.17 28.94
C LEU A 157 15.29 20.12 28.19
N GLY A 158 15.92 18.95 28.17
CA GLY A 158 17.23 18.82 27.54
C GLY A 158 17.34 17.68 26.56
N ALA A 159 18.57 17.26 26.28
CA ALA A 159 18.81 16.16 25.35
C ALA A 159 18.30 14.84 25.92
N CYS A 160 18.09 13.88 25.03
CA CYS A 160 17.56 12.58 25.42
C CYS A 160 18.26 11.43 24.73
N HIS A 161 19.55 11.60 24.40
CA HIS A 161 20.28 10.53 23.74
C HIS A 161 20.49 9.36 24.69
N SER A 162 20.30 8.14 24.17
CA SER A 162 20.45 6.94 24.97
C SER A 162 21.90 6.48 24.98
N SER A 163 22.15 5.39 25.70
CA SER A 163 23.50 4.83 25.81
C SER A 163 23.76 3.82 24.70
N TRP A 164 25.03 3.73 24.31
CA TRP A 164 25.42 2.77 23.28
C TRP A 164 25.35 1.35 23.83
N GLN A 165 25.01 0.42 22.95
CA GLN A 165 24.87 -0.99 23.32
C GLN A 165 25.64 -1.86 22.33
N ASP A 166 25.72 -3.14 22.65
CA ASP A 166 26.49 -4.11 21.87
C ASP A 166 25.55 -5.09 21.19
N ALA A 167 25.87 -5.44 19.95
CA ALA A 167 25.04 -6.37 19.20
C ALA A 167 25.12 -7.76 19.81
N PRO A 168 24.03 -8.53 19.77
CA PRO A 168 24.04 -9.87 20.35
C PRO A 168 24.74 -10.88 19.46
N ILE A 169 24.96 -12.06 20.02
CA ILE A 169 25.56 -13.18 19.31
C ILE A 169 24.44 -14.13 18.89
N GLN A 170 24.69 -14.91 17.84
CA GLN A 170 23.65 -15.74 17.24
C GLN A 170 23.05 -16.74 18.21
N GLY A 171 23.74 -17.09 19.28
CA GLY A 171 23.20 -17.99 20.27
C GLY A 171 22.72 -17.34 21.55
N THR A 172 22.82 -16.03 21.67
CA THR A 172 22.49 -15.35 22.92
C THR A 172 21.00 -15.43 23.22
N SER A 173 20.67 -15.58 24.50
CA SER A 173 19.30 -15.58 25.00
C SER A 173 19.20 -14.73 26.25
N GLN A 174 19.73 -13.51 26.17
CA GLN A 174 19.81 -12.64 27.34
C GLN A 174 18.42 -12.27 27.85
N MET A 175 18.34 -12.08 29.16
CA MET A 175 17.08 -11.70 29.78
C MET A 175 16.69 -10.28 29.38
N GLY A 176 15.40 -10.08 29.12
CA GLY A 176 14.89 -8.80 28.69
C GLY A 176 14.30 -7.99 29.82
N ALA A 177 13.37 -7.10 29.47
CA ALA A 177 12.73 -6.21 30.41
C ALA A 177 11.30 -6.65 30.70
N HIS A 178 10.76 -6.16 31.81
CA HIS A 178 9.38 -6.42 32.23
C HIS A 178 9.10 -7.91 32.38
N GLY A 179 10.13 -8.70 32.67
CA GLY A 179 9.97 -10.12 32.86
C GLY A 179 9.86 -10.93 31.57
N GLN A 180 9.96 -10.28 30.42
CA GLN A 180 9.84 -10.96 29.13
C GLN A 180 11.23 -11.28 28.60
N LEU A 181 11.43 -12.53 28.19
CA LEU A 181 12.72 -12.97 27.69
C LEU A 181 12.86 -12.58 26.22
N GLN A 182 14.03 -12.04 25.88
CA GLN A 182 14.36 -11.67 24.50
C GLN A 182 15.43 -12.62 23.98
N THR A 183 15.17 -13.24 22.83
CA THR A 183 16.05 -14.26 22.28
C THR A 183 16.50 -13.88 20.88
N PHE A 184 17.68 -14.38 20.50
CA PHE A 184 18.22 -14.26 19.15
C PHE A 184 18.33 -15.70 18.62
N PRO A 185 17.31 -16.18 17.92
CA PRO A 185 17.28 -17.60 17.56
C PRO A 185 18.39 -17.98 16.60
N ARG A 186 18.82 -19.23 16.70
CA ARG A 186 19.80 -19.79 15.79
C ARG A 186 19.16 -20.09 14.43
N ASN A 187 19.99 -20.34 13.43
CA ASN A 187 19.49 -20.70 12.12
C ASN A 187 18.81 -22.06 12.16
N GLY A 188 17.62 -22.14 11.58
CA GLY A 188 16.90 -23.39 11.55
C GLY A 188 16.04 -23.68 12.76
N TYR A 189 15.73 -22.68 13.57
CA TYR A 189 14.91 -22.86 14.76
C TYR A 189 13.81 -21.80 14.78
N ASP A 190 12.82 -22.01 15.64
CA ASP A 190 11.73 -21.07 15.81
C ASP A 190 12.22 -19.91 16.69
N TRP A 191 11.29 -19.07 17.16
CA TRP A 191 11.68 -17.99 18.07
C TRP A 191 12.31 -18.55 19.34
N ASP A 192 11.73 -19.61 19.89
CA ASP A 192 12.39 -20.34 20.95
C ASP A 192 13.56 -21.14 20.39
N ASN A 193 14.53 -21.43 21.26
CA ASN A 193 15.72 -22.17 20.86
C ASN A 193 15.57 -23.67 21.06
N GLN A 194 14.34 -24.18 21.10
CA GLN A 194 14.10 -25.60 21.31
C GLN A 194 13.42 -26.27 20.12
N THR A 195 12.29 -25.76 19.68
CA THR A 195 11.55 -26.40 18.60
C THR A 195 12.23 -26.14 17.26
N PRO A 196 12.57 -27.18 16.50
CA PRO A 196 13.21 -26.97 15.20
C PRO A 196 12.20 -26.53 14.15
N LEU A 197 12.57 -25.49 13.39
CA LEU A 197 11.73 -24.97 12.31
C LEU A 197 12.53 -25.03 11.02
N GLU A 198 11.92 -25.57 9.97
CA GLU A 198 12.60 -25.77 8.69
C GLU A 198 12.74 -24.44 7.96
N GLY A 199 13.94 -24.18 7.46
CA GLY A 199 14.19 -23.05 6.59
C GLY A 199 13.99 -21.67 7.21
N ALA A 200 14.52 -21.45 8.41
CA ALA A 200 14.44 -20.15 9.07
C ALA A 200 15.83 -19.55 9.17
N VAL A 201 15.99 -18.32 8.70
CA VAL A 201 17.26 -17.61 8.73
C VAL A 201 17.05 -16.27 9.40
N TYR A 202 17.94 -15.92 10.33
CA TYR A 202 17.79 -14.72 11.13
C TYR A 202 18.93 -13.75 10.87
N THR A 203 18.62 -12.45 10.99
CA THR A 203 19.59 -11.39 10.74
C THR A 203 19.23 -10.21 11.63
N LEU A 204 20.20 -9.33 11.87
CA LEU A 204 19.98 -8.12 12.65
C LEU A 204 19.80 -6.94 11.71
N VAL A 205 18.79 -6.10 11.97
CA VAL A 205 18.50 -4.96 11.12
C VAL A 205 18.14 -3.75 11.97
N ASP A 206 18.46 -2.56 11.45
CA ASP A 206 18.03 -1.32 12.05
C ASP A 206 16.53 -1.14 11.80
N PRO A 207 15.77 -0.61 12.78
CA PRO A 207 14.35 -0.33 12.55
C PRO A 207 14.03 0.42 11.25
N PHE A 208 15.01 1.10 10.67
CA PHE A 208 14.84 1.74 9.37
C PHE A 208 15.27 0.86 8.22
N GLY A 209 15.70 -0.38 8.48
CA GLY A 209 16.07 -1.31 7.44
C GLY A 209 17.57 -1.46 7.23
N ARG A 210 18.39 -0.62 7.85
CA ARG A 210 19.83 -0.70 7.65
C ARG A 210 20.39 -1.94 8.35
N PRO A 211 21.35 -2.63 7.74
CA PRO A 211 21.96 -3.79 8.38
C PRO A 211 22.76 -3.38 9.62
N ILE A 212 22.82 -4.30 10.59
CA ILE A 212 23.60 -4.13 11.81
C ILE A 212 24.50 -5.34 11.95
N VAL A 213 25.80 -5.11 12.06
CA VAL A 213 26.77 -6.21 12.15
C VAL A 213 26.72 -6.80 13.56
N PRO A 214 26.65 -8.12 13.70
CA PRO A 214 26.59 -8.72 15.04
C PRO A 214 27.96 -8.76 15.71
N GLY A 215 27.92 -8.80 17.04
CA GLY A 215 29.14 -8.98 17.81
C GLY A 215 30.09 -7.81 17.80
N THR A 216 29.62 -6.63 17.43
CA THR A 216 30.46 -5.44 17.34
C THR A 216 30.16 -4.50 18.50
N LYS A 217 31.21 -4.02 19.16
CA LYS A 217 31.05 -3.11 20.28
C LYS A 217 30.48 -1.78 19.79
N ASN A 218 29.50 -1.26 20.54
CA ASN A 218 28.86 0.03 20.25
C ASN A 218 28.26 0.02 18.84
N ALA A 219 27.29 -0.88 18.63
CA ALA A 219 26.73 -1.12 17.32
C ALA A 219 25.42 -0.39 17.06
N TYR A 220 24.65 -0.07 18.11
CA TYR A 220 23.35 0.56 17.92
C TYR A 220 22.99 1.35 19.17
N ARG A 221 21.95 2.18 19.04
CA ARG A 221 21.43 2.97 20.14
C ARG A 221 19.92 2.83 20.18
N ASN A 222 19.37 2.72 21.40
CA ASN A 222 17.93 2.62 21.56
C ASN A 222 17.27 3.96 21.26
N LEU A 223 16.08 3.92 20.67
CA LEU A 223 15.34 5.14 20.40
C LEU A 223 14.65 5.61 21.67
N VAL A 224 14.48 6.93 21.79
CA VAL A 224 13.86 7.54 22.96
C VAL A 224 12.63 8.31 22.52
N TYR A 225 11.50 8.06 23.18
CA TYR A 225 10.27 8.77 22.86
C TYR A 225 9.57 9.19 24.14
N TYR A 226 8.93 10.35 24.10
CA TYR A 226 8.23 10.87 25.26
C TYR A 226 6.86 10.22 25.41
N CYS A 227 6.40 10.12 26.66
CA CYS A 227 5.07 9.63 26.92
C CYS A 227 4.03 10.61 26.41
N GLU A 228 2.86 10.09 26.07
CA GLU A 228 1.77 10.94 25.58
C GLU A 228 1.41 11.97 26.62
N TYR A 229 1.29 13.22 26.18
CA TYR A 229 1.08 14.39 27.04
C TYR A 229 2.22 14.48 28.07
N PRO A 230 3.45 14.72 27.62
CA PRO A 230 4.56 14.80 28.58
C PRO A 230 4.40 15.89 29.62
N GLY A 231 3.80 17.02 29.24
CA GLY A 231 3.63 18.11 30.18
C GLY A 231 2.53 17.91 31.19
N GLU A 232 1.73 16.86 31.05
CA GLU A 232 0.64 16.61 31.98
C GLU A 232 1.06 15.75 33.16
N ARG A 233 1.98 14.81 32.95
CA ARG A 233 2.50 14.00 34.05
C ARG A 233 3.54 14.73 34.88
N LEU A 234 3.99 15.90 34.44
CA LEU A 234 5.02 16.63 35.17
C LEU A 234 4.53 17.03 36.55
N TYR A 235 3.29 17.51 36.65
CA TYR A 235 2.73 17.97 37.93
C TYR A 235 1.91 16.83 38.53
N GLU A 236 2.61 15.83 39.07
CA GLU A 236 1.91 14.70 39.68
C GLU A 236 1.19 15.10 40.95
N ASN A 237 1.65 16.14 41.63
CA ASN A 237 0.99 16.61 42.84
C ASN A 237 1.30 18.08 43.04
N VAL A 238 0.28 18.88 43.33
CA VAL A 238 0.46 20.30 43.57
C VAL A 238 -0.34 20.70 44.81
N ARG A 239 0.32 21.47 45.68
CA ARG A 239 -0.22 21.98 46.92
C ARG A 239 -0.15 23.50 46.89
N PHE A 240 -1.27 24.15 47.21
CA PHE A 240 -1.34 25.60 47.34
C PHE A 240 -1.61 25.92 48.80
N ASP A 241 -0.62 26.47 49.48
CA ASP A 241 -0.68 26.70 50.92
C ASP A 241 -0.11 28.07 51.28
N VAL A 242 -0.58 28.59 52.40
CA VAL A 242 -0.12 29.86 52.95
C VAL A 242 0.11 29.63 54.44
N ASN A 243 1.37 29.38 54.83
CA ASN A 243 1.76 29.15 56.21
C ASN A 243 0.94 28.03 56.85
N GLY A 244 1.04 26.85 56.24
CA GLY A 244 0.28 25.71 56.71
C GLY A 244 -1.18 25.83 56.30
N ASN A 245 -1.96 24.83 56.72
CA ASN A 245 -3.37 24.73 56.37
C ASN A 245 -3.56 24.84 54.86
N SER A 246 -2.97 23.88 54.15
CA SER A 246 -2.88 23.93 52.70
C SER A 246 -4.26 24.11 52.06
N LEU A 247 -4.38 25.17 51.26
CA LEU A 247 -5.68 25.54 50.73
C LEU A 247 -6.12 24.61 49.61
N ASP A 248 -5.21 24.20 48.73
CA ASP A 248 -5.60 23.42 47.57
C ASP A 248 -4.67 22.23 47.36
N GLU A 249 -5.25 21.10 46.95
CA GLU A 249 -4.54 19.89 46.56
C GLU A 249 -5.09 19.44 45.22
N TYR A 250 -4.22 19.08 44.28
CA TYR A 250 -4.70 18.24 43.19
C TYR A 250 -3.52 17.57 42.49
N SER A 251 -3.85 16.75 41.49
CA SER A 251 -2.90 15.85 40.85
C SER A 251 -3.19 15.83 39.35
N SER A 252 -2.63 14.82 38.67
CA SER A 252 -2.74 14.73 37.21
C SER A 252 -4.10 14.24 36.74
N ASP A 253 -4.74 13.34 37.51
CA ASP A 253 -6.00 12.75 37.04
C ASP A 253 -7.10 13.79 36.95
N VAL A 254 -7.16 14.72 37.90
CA VAL A 254 -8.16 15.79 37.84
C VAL A 254 -7.95 16.64 36.60
N THR A 255 -6.68 16.95 36.29
CA THR A 255 -6.39 17.71 35.08
C THR A 255 -6.80 16.95 33.83
N THR A 256 -6.57 15.63 33.82
CA THR A 256 -6.98 14.83 32.66
C THR A 256 -8.50 14.85 32.49
N LEU A 257 -9.24 14.72 33.59
CA LEU A 257 -10.70 14.77 33.51
C LEU A 257 -11.17 16.13 33.01
N VAL A 258 -10.57 17.21 33.53
CA VAL A 258 -10.94 18.56 33.10
C VAL A 258 -10.66 18.73 31.62
N ARG A 259 -9.51 18.25 31.16
CA ARG A 259 -9.18 18.30 29.74
C ARG A 259 -10.21 17.55 28.90
N LYS A 260 -10.59 16.35 29.35
CA LYS A 260 -11.54 15.56 28.58
C LYS A 260 -12.94 16.17 28.56
N PHE A 261 -13.29 17.00 29.54
CA PHE A 261 -14.63 17.59 29.54
C PHE A 261 -14.66 19.09 29.32
N CYS A 262 -13.77 19.85 29.98
CA CYS A 262 -13.95 21.30 30.04
C CYS A 262 -13.57 22.00 28.73
N ILE A 263 -12.31 21.86 28.32
CA ILE A 263 -11.79 22.72 27.25
C ILE A 263 -12.53 22.44 25.95
N PRO A 264 -12.91 23.45 25.19
CA PRO A 264 -13.65 23.21 23.94
C PRO A 264 -12.77 22.58 22.87
N GLY A 265 -13.42 21.96 21.88
CA GLY A 265 -12.71 21.35 20.79
C GLY A 265 -12.04 22.33 19.84
N ASP A 266 -12.52 23.58 19.80
CA ASP A 266 -11.88 24.57 18.95
C ASP A 266 -10.55 25.03 19.55
N LYS A 267 -10.50 25.21 20.86
CA LYS A 267 -9.29 25.64 21.55
C LYS A 267 -8.41 24.45 21.87
N MET A 268 -8.11 23.62 20.86
CA MET A 268 -7.44 22.34 21.09
C MET A 268 -6.04 22.30 20.50
N THR A 269 -5.90 22.56 19.20
CA THR A 269 -4.63 22.31 18.52
C THR A 269 -3.49 23.07 19.18
N GLY A 270 -3.66 24.38 19.39
CA GLY A 270 -2.64 25.13 20.08
C GLY A 270 -2.42 24.64 21.50
N TYR A 271 -3.50 24.29 22.19
CA TYR A 271 -3.36 23.70 23.52
C TYR A 271 -2.61 22.38 23.45
N LYS A 272 -2.72 21.66 22.32
CA LYS A 272 -1.95 20.44 22.15
C LYS A 272 -0.46 20.71 21.99
N HIS A 273 -0.09 21.95 21.68
CA HIS A 273 1.32 22.33 21.60
C HIS A 273 1.89 22.75 22.95
N LEU A 274 1.05 23.22 23.86
CA LEU A 274 1.54 23.65 25.17
C LEU A 274 2.06 22.47 25.98
N VAL A 275 1.40 21.33 25.90
CA VAL A 275 1.78 20.16 26.69
C VAL A 275 2.70 19.23 25.90
N GLY A 276 3.28 19.71 24.81
CA GLY A 276 4.25 18.93 24.07
C GLY A 276 3.71 17.67 23.41
N GLN A 277 2.51 17.75 22.84
CA GLN A 277 1.91 16.65 22.11
C GLN A 277 1.89 16.98 20.62
N GLU A 278 2.36 16.04 19.80
CA GLU A 278 2.46 16.29 18.36
C GLU A 278 1.08 16.45 17.75
N VAL A 279 1.04 17.17 16.63
CA VAL A 279 -0.19 17.41 15.89
C VAL A 279 0.03 16.93 14.45
N SER A 280 -1.05 16.48 13.82
CA SER A 280 -0.98 15.86 12.50
C SER A 280 -1.03 16.90 11.39
N VAL A 281 -0.36 16.57 10.28
CA VAL A 281 -0.36 17.39 9.07
C VAL A 281 -0.66 16.47 7.89
N GLU A 282 -1.33 17.03 6.89
CA GLU A 282 -1.82 16.24 5.75
C GLU A 282 -1.11 16.64 4.46
N GLY A 283 -0.85 15.63 3.62
CA GLY A 283 -0.29 15.85 2.31
C GLY A 283 -1.12 15.14 1.24
N THR A 284 -0.75 15.39 0.00
CA THR A 284 -1.47 14.86 -1.16
C THR A 284 -0.58 13.91 -1.94
N SER A 285 -1.16 13.28 -2.96
CA SER A 285 -0.46 12.27 -3.75
C SER A 285 -0.62 12.49 -5.25
N GLY A 286 -1.05 13.67 -5.68
CA GLY A 286 -1.18 13.96 -7.09
C GLY A 286 -2.44 13.41 -7.70
N PRO A 287 -2.63 13.64 -9.00
CA PRO A 287 -3.86 13.20 -9.65
C PRO A 287 -3.90 11.69 -9.88
N LEU A 288 -5.10 11.14 -9.84
CA LEU A 288 -5.35 9.73 -10.10
C LEU A 288 -6.65 9.59 -10.88
N LEU A 289 -6.70 8.56 -11.73
CA LEU A 289 -7.84 8.34 -12.60
C LEU A 289 -8.84 7.39 -11.94
N CYS A 290 -10.13 7.72 -12.04
CA CYS A 290 -11.16 6.96 -11.36
C CYS A 290 -12.35 6.77 -12.30
N ASN A 291 -13.14 5.74 -12.00
CA ASN A 291 -14.39 5.47 -12.71
C ASN A 291 -15.56 5.87 -11.85
N ILE A 292 -16.60 6.40 -12.48
CA ILE A 292 -17.85 6.76 -11.80
C ILE A 292 -18.97 5.92 -12.40
N HIS A 293 -19.73 5.25 -11.54
CA HIS A 293 -20.82 4.38 -11.97
C HIS A 293 -22.15 5.08 -11.78
N ASP A 294 -23.01 4.98 -12.79
CA ASP A 294 -24.30 5.64 -12.79
C ASP A 294 -25.42 4.61 -12.71
N LEU A 295 -26.55 5.05 -12.16
CA LEU A 295 -27.75 4.22 -11.99
C LEU A 295 -27.43 2.95 -11.20
N LEU A 351 -15.26 8.58 -16.13
CA LEU A 351 -13.88 8.79 -15.73
C LEU A 351 -13.70 10.18 -15.12
N ASP A 352 -12.84 10.27 -14.11
CA ASP A 352 -12.64 11.52 -13.39
C ASP A 352 -11.25 11.52 -12.78
N ILE A 353 -10.82 12.69 -12.32
CA ILE A 353 -9.52 12.88 -11.69
C ILE A 353 -9.75 13.22 -10.22
N ARG A 354 -9.07 12.48 -9.34
CA ARG A 354 -9.21 12.66 -7.90
C ARG A 354 -7.83 12.66 -7.24
N ARG A 355 -7.76 13.26 -6.07
CA ARG A 355 -6.51 13.36 -5.32
C ARG A 355 -6.65 12.64 -3.98
N ASN A 356 -5.59 11.94 -3.59
CA ASN A 356 -5.56 11.22 -2.33
C ASN A 356 -4.97 12.11 -1.23
N VAL A 357 -5.41 11.86 0.00
CA VAL A 357 -4.99 12.62 1.17
C VAL A 357 -4.40 11.66 2.19
N HIS A 358 -3.19 11.96 2.66
CA HIS A 358 -2.51 11.17 3.67
C HIS A 358 -2.21 12.05 4.89
N TYR A 359 -2.20 11.43 6.07
CA TYR A 359 -1.93 12.13 7.31
C TYR A 359 -0.66 11.58 7.95
N SER A 360 0.18 12.47 8.47
CA SER A 360 1.40 12.06 9.15
C SER A 360 1.81 13.15 10.12
N CYS A 361 2.61 12.78 11.11
CA CYS A 361 3.02 13.71 12.14
C CYS A 361 4.35 13.29 12.72
N ASN A 362 5.04 14.25 13.34
CA ASN A 362 6.31 14.01 14.00
C ASN A 362 6.43 14.94 15.19
N GLY A 363 7.21 14.53 16.18
CA GLY A 363 7.39 15.32 17.37
C GLY A 363 7.91 14.52 18.55
N PRO A 364 7.60 14.99 19.76
CA PRO A 364 8.09 14.29 20.96
C PRO A 364 7.63 12.84 21.07
N GLN A 365 6.41 12.54 20.62
CA GLN A 365 5.88 11.18 20.71
C GLN A 365 6.48 10.24 19.67
N THR A 366 7.16 10.78 18.66
CA THR A 366 7.79 9.94 17.65
C THR A 366 9.16 9.51 18.14
N PRO A 367 9.45 8.22 18.20
CA PRO A 367 10.78 7.77 18.65
C PRO A 367 11.88 8.30 17.74
N LYS A 368 12.80 9.07 18.33
CA LYS A 368 13.89 9.68 17.60
C LYS A 368 15.21 9.40 18.30
N TYR A 369 16.30 9.38 17.53
CA TYR A 369 17.62 9.18 18.12
C TYR A 369 17.99 10.29 19.08
N TYR A 370 17.70 11.54 18.70
CA TYR A 370 18.12 12.71 19.48
C TYR A 370 16.93 13.65 19.59
N GLN A 371 16.35 13.72 20.78
CA GLN A 371 15.18 14.57 20.99
C GLN A 371 15.60 16.02 21.18
N PRO A 372 15.10 16.95 20.36
CA PRO A 372 15.35 18.36 20.63
C PRO A 372 14.74 18.76 21.96
N PRO A 373 15.32 19.75 22.63
CA PRO A 373 14.78 20.18 23.93
C PRO A 373 13.33 20.64 23.80
N LEU A 374 12.49 20.21 24.74
CA LEU A 374 11.09 20.56 24.72
C LEU A 374 10.86 21.92 25.38
N ALA A 375 9.62 22.40 25.30
CA ALA A 375 9.22 23.66 25.92
C ALA A 375 7.80 23.48 26.44
N LEU A 376 7.68 23.08 27.70
CA LEU A 376 6.38 22.94 28.34
C LEU A 376 5.93 24.27 28.91
N TRP A 377 4.66 24.61 28.69
CA TRP A 377 4.11 25.88 29.13
C TRP A 377 2.94 25.61 30.08
N ILE A 378 3.20 24.78 31.08
CA ILE A 378 2.13 24.14 31.84
C ILE A 378 1.20 25.17 32.48
N LYS A 379 -0.09 24.85 32.51
CA LYS A 379 -1.11 25.73 33.05
C LYS A 379 -1.56 25.21 34.41
N LEU A 380 -1.82 26.13 35.34
CA LEU A 380 -2.27 25.79 36.68
C LEU A 380 -3.75 26.11 36.81
N ARG A 381 -4.50 25.16 37.35
CA ARG A 381 -5.95 25.28 37.50
C ARG A 381 -6.32 25.62 38.93
N PHE A 382 -7.30 26.49 39.10
CA PHE A 382 -7.78 26.87 40.42
C PHE A 382 -9.25 27.25 40.33
N TRP A 383 -9.94 27.20 41.47
CA TRP A 383 -11.36 27.54 41.51
C TRP A 383 -11.57 29.03 41.47
N PHE A 384 -10.69 29.81 42.09
CA PHE A 384 -10.82 31.26 42.16
C PHE A 384 -10.03 31.98 41.07
N ASN A 385 -9.35 31.25 40.19
CA ASN A 385 -8.57 31.85 39.12
C ASN A 385 -9.21 31.59 37.75
N GLU A 386 -10.53 31.39 37.73
CA GLU A 386 -11.25 31.23 36.47
C GLU A 386 -11.92 32.52 36.00
N ASN A 387 -12.18 33.46 36.90
CA ASN A 387 -12.77 34.74 36.55
C ASN A 387 -11.95 35.86 37.20
N VAL A 388 -11.89 37.00 36.53
CA VAL A 388 -11.12 38.13 37.04
C VAL A 388 -11.76 38.70 38.31
N ASN A 389 -13.08 38.60 38.44
CA ASN A 389 -13.77 39.13 39.61
C ASN A 389 -13.69 38.21 40.82
N LEU A 390 -13.25 36.97 40.65
CA LEU A 390 -13.17 36.02 41.75
C LEU A 390 -11.79 35.99 42.41
N ALA A 391 -10.86 36.82 41.96
CA ALA A 391 -9.51 36.82 42.54
C ALA A 391 -9.54 37.43 43.95
N ILE A 392 -8.90 36.74 44.89
CA ILE A 392 -8.83 37.20 46.27
C ILE A 392 -7.87 38.39 46.35
N PRO A 393 -8.11 39.36 47.23
CA PRO A 393 -7.18 40.47 47.34
C PRO A 393 -5.85 40.04 47.94
N SER A 394 -4.76 40.62 47.40
CA SER A 394 -3.43 40.28 47.88
C SER A 394 -3.11 40.93 49.22
N VAL A 395 -3.66 42.12 49.48
CA VAL A 395 -3.34 42.82 50.72
C VAL A 395 -3.97 42.11 51.92
N SER A 396 -5.21 41.61 51.76
CA SER A 396 -5.88 40.96 52.88
C SER A 396 -5.21 39.64 53.24
N ILE A 397 -4.86 38.82 52.25
CA ILE A 397 -4.24 37.53 52.48
C ILE A 397 -2.77 37.74 52.83
N PRO A 398 -2.14 36.84 53.60
CA PRO A 398 -0.71 36.99 53.90
C PRO A 398 0.15 36.76 52.68
N PHE A 399 0.84 37.81 52.22
CA PHE A 399 1.63 37.69 51.00
C PHE A 399 2.92 36.91 51.24
N GLY A 400 3.56 37.13 52.38
CA GLY A 400 4.85 36.52 52.63
C GLY A 400 4.82 35.04 52.95
N GLU A 401 3.64 34.48 53.23
CA GLU A 401 3.52 33.09 53.66
C GLU A 401 3.05 32.16 52.55
N ARG A 402 2.74 32.67 51.37
CA ARG A 402 2.32 31.82 50.27
C ARG A 402 3.50 31.00 49.76
N PHE A 403 3.31 29.68 49.65
CA PHE A 403 4.38 28.80 49.19
C PHE A 403 3.75 27.63 48.45
N ILE A 404 3.86 27.62 47.12
CA ILE A 404 3.26 26.59 46.30
C ILE A 404 4.25 25.44 46.15
N THR A 405 3.80 24.23 46.46
CA THR A 405 4.65 23.04 46.39
C THR A 405 4.27 22.20 45.18
N ILE A 406 5.26 21.78 44.40
CA ILE A 406 5.05 20.97 43.21
C ILE A 406 5.95 19.75 43.29
N LYS A 407 5.38 18.57 43.05
CA LYS A 407 6.15 17.33 43.01
C LYS A 407 6.45 17.03 41.54
N LEU A 408 7.70 17.22 41.13
CA LEU A 408 8.09 16.97 39.76
C LEU A 408 8.04 15.49 39.44
N ALA A 409 7.77 15.17 38.18
CA ALA A 409 7.63 13.78 37.76
C ALA A 409 8.97 13.07 37.80
N SER A 410 8.90 11.75 37.97
CA SER A 410 10.11 10.93 37.94
C SER A 410 10.69 10.89 36.52
N GLN A 411 12.01 10.80 36.45
CA GLN A 411 12.68 10.78 35.15
C GLN A 411 12.28 9.56 34.34
N LYS A 412 11.90 8.47 35.01
CA LYS A 412 11.48 7.25 34.33
C LYS A 412 10.01 7.27 33.93
N ASP A 413 9.28 8.35 34.23
CA ASP A 413 7.87 8.42 33.89
C ASP A 413 7.61 9.13 32.57
N LEU A 414 8.42 10.15 32.24
CA LEU A 414 8.18 10.91 31.02
C LEU A 414 8.75 10.19 29.80
N VAL A 415 10.06 9.96 29.78
CA VAL A 415 10.70 9.35 28.62
C VAL A 415 10.54 7.84 28.66
N ASN A 416 10.76 7.21 27.50
CA ASN A 416 10.70 5.77 27.39
C ASN A 416 11.55 5.33 26.22
N GLU A 417 11.87 4.05 26.20
CA GLU A 417 12.76 3.46 25.20
C GLU A 417 11.96 2.63 24.21
N PHE A 418 12.27 2.82 22.93
CA PHE A 418 11.80 2.05 21.78
C PHE A 418 12.96 1.27 21.19
N PRO A 419 12.75 0.01 20.81
CA PRO A 419 13.87 -0.83 20.37
C PRO A 419 14.61 -0.24 19.19
N GLY A 420 15.93 -0.22 19.29
CA GLY A 420 16.80 0.22 18.21
C GLY A 420 17.39 -0.91 17.40
N LEU A 421 16.90 -2.14 17.56
CA LEU A 421 17.44 -3.29 16.85
C LEU A 421 16.31 -4.28 16.63
N PHE A 422 16.31 -4.93 15.47
CA PHE A 422 15.26 -5.87 15.10
C PHE A 422 15.88 -7.16 14.59
N VAL A 423 15.21 -8.27 14.89
CA VAL A 423 15.68 -9.60 14.48
C VAL A 423 14.80 -10.02 13.31
N ARG A 424 15.28 -9.75 12.11
CA ARG A 424 14.57 -10.12 10.89
C ARG A 424 14.63 -11.62 10.68
N GLN A 425 13.49 -12.21 10.34
CA GLN A 425 13.37 -13.63 10.04
C GLN A 425 12.97 -13.80 8.59
N SER A 426 13.61 -14.76 7.91
CA SER A 426 13.28 -15.11 6.55
C SER A 426 13.02 -16.61 6.48
N ARG A 427 12.04 -17.00 5.66
CA ARG A 427 11.60 -18.38 5.57
C ARG A 427 11.59 -18.82 4.11
N PHE A 428 11.27 -20.10 3.90
CA PHE A 428 11.08 -20.64 2.56
C PHE A 428 10.25 -21.90 2.69
N ILE A 429 9.11 -21.95 2.01
CA ILE A 429 8.18 -23.07 2.09
C ILE A 429 8.10 -23.72 0.72
N ALA A 430 8.29 -25.04 0.66
CA ALA A 430 8.28 -25.76 -0.65
C ALA A 430 6.84 -25.93 -1.19
N GLY A 431 6.60 -26.98 -1.97
CA GLY A 431 5.27 -27.17 -2.59
C GLY A 431 5.19 -26.52 -3.96
N ARG A 432 4.04 -26.62 -4.63
CA ARG A 432 3.91 -26.08 -6.01
C ARG A 432 4.17 -24.57 -6.04
N PRO A 433 3.59 -23.74 -5.14
CA PRO A 433 3.93 -22.32 -5.09
C PRO A 433 4.95 -22.09 -3.96
N SER A 434 6.19 -21.76 -4.31
CA SER A 434 7.21 -21.46 -3.26
C SER A 434 6.80 -20.16 -2.56
N ARG A 435 6.94 -20.10 -1.24
CA ARG A 435 6.50 -18.90 -0.47
C ARG A 435 7.69 -18.38 0.35
N ARG A 436 7.99 -17.08 0.23
CA ARG A 436 9.10 -16.51 0.98
C ARG A 436 8.51 -15.49 1.96
N ASN A 437 8.48 -15.84 3.24
CA ASN A 437 7.88 -15.01 4.28
C ASN A 437 8.95 -14.35 5.10
N ILE A 438 8.77 -13.06 5.37
CA ILE A 438 9.68 -12.28 6.20
C ILE A 438 8.89 -11.70 7.38
N ARG A 439 9.39 -11.92 8.59
CA ARG A 439 8.77 -11.44 9.81
C ARG A 439 9.82 -10.78 10.68
N PHE A 440 9.36 -9.99 11.64
CA PHE A 440 10.24 -9.21 12.50
C PHE A 440 9.81 -9.36 13.96
N LYS A 441 10.76 -9.14 14.87
CA LYS A 441 10.50 -9.19 16.30
C LYS A 441 11.53 -8.31 16.99
N PRO A 442 11.10 -7.35 17.80
CA PRO A 442 12.06 -6.42 18.41
C PRO A 442 12.96 -7.10 19.43
N TRP A 443 14.16 -6.56 19.58
CA TRP A 443 15.11 -6.97 20.60
C TRP A 443 15.27 -5.77 21.53
N PHE A 444 14.56 -5.82 22.67
CA PHE A 444 14.45 -4.67 23.57
C PHE A 444 15.20 -4.98 24.86
N ILE A 445 16.23 -4.20 25.13
CA ILE A 445 17.00 -4.31 26.37
C ILE A 445 17.07 -2.93 27.01
N PRO A 446 16.67 -2.78 28.26
CA PRO A 446 16.64 -1.44 28.87
C PRO A 446 18.02 -0.89 29.16
N GLY A 447 18.44 0.10 28.37
CA GLY A 447 19.73 0.73 28.54
C GLY A 447 19.67 1.85 29.57
N VAL A 448 20.69 2.70 29.53
CA VAL A 448 20.80 3.84 30.44
C VAL A 448 20.42 5.10 29.68
N ILE A 449 19.54 5.91 30.28
CA ILE A 449 19.07 7.15 29.68
C ILE A 449 19.84 8.31 30.30
N ASN A 450 20.32 9.21 29.46
CA ASN A 450 21.05 10.38 29.94
C ASN A 450 20.17 11.23 30.85
N GLU A 451 20.79 11.80 31.87
CA GLU A 451 20.06 12.65 32.81
C GLU A 451 19.52 13.87 32.08
N ILE A 452 18.27 14.24 32.42
CA ILE A 452 17.57 15.33 31.75
C ILE A 452 17.36 16.45 32.76
N SER A 453 17.88 17.64 32.43
CA SER A 453 17.80 18.79 33.31
C SER A 453 16.62 19.66 32.94
N LEU A 454 16.26 20.56 33.87
CA LEU A 454 15.18 21.53 33.69
C LEU A 454 15.76 22.92 33.89
N THR A 455 16.25 23.51 32.82
CA THR A 455 16.87 24.83 32.87
C THR A 455 15.90 25.90 32.35
N ASN A 456 16.13 27.14 32.79
CA ASN A 456 15.30 28.28 32.42
C ASN A 456 13.83 28.01 32.73
N ASN A 457 13.59 27.40 33.89
CA ASN A 457 12.23 26.99 34.27
C ASN A 457 11.56 28.05 35.13
N GLU A 458 11.39 29.23 34.55
CA GLU A 458 10.67 30.30 35.25
C GLU A 458 9.17 30.11 35.12
N LEU A 459 8.43 30.79 35.99
CA LEU A 459 6.98 30.79 35.96
C LEU A 459 6.51 32.20 35.57
N TYR A 460 6.04 32.34 34.34
CA TYR A 460 5.66 33.65 33.79
C TYR A 460 4.31 34.03 34.38
N ILE A 461 4.35 34.53 35.62
CA ILE A 461 3.12 34.85 36.33
C ILE A 461 2.40 35.99 35.62
N ASN A 462 1.12 35.81 35.38
CA ASN A 462 0.29 36.81 34.71
C ASN A 462 -0.21 37.83 35.74
N ASN A 463 0.28 39.06 35.62
CA ASN A 463 -0.04 40.13 36.57
C ASN A 463 -0.64 41.31 35.82
N LEU A 464 -1.83 41.73 36.24
CA LEU A 464 -2.55 42.80 35.58
C LEU A 464 -2.70 43.98 36.54
N PHE A 465 -2.87 45.16 35.95
CA PHE A 465 -3.03 46.40 36.70
C PHE A 465 -4.49 46.81 36.72
N VAL A 466 -4.99 47.15 37.90
CA VAL A 466 -6.38 47.58 38.05
C VAL A 466 -6.52 49.07 37.78
N ILE A 510 -24.64 17.37 44.13
CA ILE A 510 -25.22 18.69 44.28
C ILE A 510 -25.48 19.29 42.90
N GLU A 511 -24.42 19.79 42.26
CA GLU A 511 -24.51 20.31 40.91
C GLU A 511 -24.17 19.20 39.91
N TYR A 512 -23.97 19.56 38.65
CA TYR A 512 -23.53 18.58 37.67
C TYR A 512 -22.10 18.15 37.98
N MET A 513 -21.87 16.84 37.98
CA MET A 513 -20.66 16.24 38.52
C MET A 513 -19.97 15.39 37.48
N PHE A 514 -18.65 15.47 37.43
CA PHE A 514 -17.84 14.66 36.53
C PHE A 514 -17.20 13.54 37.31
N ILE A 515 -17.31 12.31 36.83
CA ILE A 515 -16.63 11.19 37.48
C ILE A 515 -15.93 10.35 36.42
N GLY A 516 -14.81 9.76 36.81
CA GLY A 516 -14.05 8.93 35.91
C GLY A 516 -13.51 7.71 36.63
N LEU A 517 -13.47 6.60 35.88
CA LEU A 517 -13.04 5.31 36.41
C LEU A 517 -11.84 4.83 35.62
N LYS A 518 -10.82 4.35 36.33
CA LYS A 518 -9.57 3.95 35.70
C LYS A 518 -9.05 2.65 36.32
N PRO A 519 -8.64 1.69 35.50
CA PRO A 519 -7.94 0.52 36.05
C PRO A 519 -6.62 0.92 36.66
N THR A 520 -6.23 0.22 37.72
CA THR A 520 -4.95 0.50 38.36
C THR A 520 -3.78 0.07 37.48
N TRP A 521 -3.98 -0.91 36.60
CA TRP A 521 -2.92 -1.35 35.71
C TRP A 521 -2.48 -0.26 34.74
N ASN A 522 -3.32 0.75 34.52
CA ASN A 522 -2.94 1.84 33.63
C ASN A 522 -1.76 2.62 34.18
N ILE A 523 -1.77 2.89 35.49
CA ILE A 523 -0.70 3.67 36.10
C ILE A 523 0.47 2.79 36.51
N SER A 524 0.21 1.52 36.83
CA SER A 524 1.24 0.64 37.37
C SER A 524 2.38 0.46 36.37
N ASP A 525 3.61 0.38 36.90
CA ASP A 525 4.79 0.25 36.06
C ASP A 525 4.84 -1.08 35.32
N GLN A 526 4.08 -2.08 35.76
CA GLN A 526 4.07 -3.37 35.09
C GLN A 526 3.44 -3.30 33.71
N ASN A 527 2.72 -2.23 33.39
CA ASN A 527 2.09 -2.09 32.08
C ASN A 527 3.14 -1.83 31.01
N PRO A 528 3.24 -2.66 29.98
CA PRO A 528 4.20 -2.37 28.91
C PRO A 528 3.95 -1.05 28.20
N HIS A 529 2.69 -0.65 28.07
CA HIS A 529 2.32 0.60 27.40
C HIS A 529 1.77 1.61 28.40
N GLN A 530 2.35 1.68 29.59
CA GLN A 530 1.87 2.60 30.61
C GLN A 530 2.07 4.05 30.23
N HIS A 531 3.00 4.34 29.31
CA HIS A 531 3.27 5.72 28.93
C HIS A 531 2.17 6.32 28.07
N ARG A 532 1.35 5.50 27.42
CA ARG A 532 0.25 5.99 26.61
C ARG A 532 -1.10 5.45 27.09
N ASP A 533 -1.14 4.77 28.22
CA ASP A 533 -2.38 4.31 28.83
C ASP A 533 -2.72 5.00 30.14
N TRP A 534 -1.81 5.82 30.66
CA TRP A 534 -2.05 6.44 31.97
C TRP A 534 -3.25 7.38 31.94
N HIS A 535 -3.42 8.12 30.85
CA HIS A 535 -4.52 9.07 30.73
C HIS A 535 -5.82 8.43 30.25
N LYS A 536 -5.79 7.15 29.89
CA LYS A 536 -6.98 6.48 29.37
C LYS A 536 -7.86 6.00 30.52
N PHE A 537 -9.17 6.19 30.36
CA PHE A 537 -10.17 5.72 31.32
C PHE A 537 -10.85 4.50 30.73
N GLY A 538 -10.60 3.34 31.32
CA GLY A 538 -11.16 2.10 30.83
C GLY A 538 -10.06 1.23 30.24
N HIS A 539 -10.11 -0.06 30.57
CA HIS A 539 -9.08 -0.98 30.10
C HIS A 539 -9.12 -1.08 28.58
N VAL A 540 -7.94 -1.20 27.97
CA VAL A 540 -7.79 -1.13 26.52
C VAL A 540 -7.06 -2.36 26.03
N VAL A 541 -7.25 -2.65 24.75
CA VAL A 541 -6.60 -3.76 24.06
C VAL A 541 -5.97 -3.22 22.79
N ASN A 542 -5.09 -4.04 22.19
CA ASN A 542 -4.34 -3.63 21.02
C ASN A 542 -4.73 -4.47 19.83
N ALA A 543 -5.15 -3.81 18.74
CA ALA A 543 -5.45 -4.48 17.48
C ALA A 543 -4.32 -4.25 16.50
N ILE A 544 -3.88 -5.31 15.85
CA ILE A 544 -2.70 -5.27 14.98
C ILE A 544 -3.11 -5.68 13.58
N MET A 545 -2.85 -4.79 12.61
CA MET A 545 -3.00 -5.09 11.18
C MET A 545 -1.60 -5.18 10.59
N GLN A 546 -1.14 -6.39 10.29
CA GLN A 546 0.13 -6.56 9.61
C GLN A 546 -0.12 -6.63 8.12
N PRO A 547 0.25 -5.62 7.33
CA PRO A 547 0.01 -5.65 5.88
C PRO A 547 1.18 -6.25 5.13
N THR A 548 0.85 -7.15 4.20
CA THR A 548 1.83 -7.85 3.40
C THR A 548 1.80 -7.34 1.96
N HIS A 549 2.81 -7.74 1.19
CA HIS A 549 2.95 -7.35 -0.21
C HIS A 549 3.03 -8.62 -1.06
N HIS A 550 1.87 -9.15 -1.45
CA HIS A 550 1.83 -10.35 -2.25
C HIS A 550 2.19 -10.06 -3.70
N ALA A 551 2.82 -11.05 -4.34
CA ALA A 551 3.18 -10.92 -5.76
C ALA A 551 3.44 -12.32 -6.29
N GLU A 552 2.61 -12.75 -7.24
CA GLU A 552 2.74 -14.07 -7.85
C GLU A 552 3.38 -13.95 -9.22
N ILE A 553 4.29 -14.87 -9.52
CA ILE A 553 5.09 -14.85 -10.74
C ILE A 553 5.07 -16.24 -11.36
N SER A 554 5.00 -16.30 -12.69
CA SER A 554 5.05 -17.55 -13.44
C SER A 554 6.25 -17.51 -14.39
N PHE A 555 6.96 -18.63 -14.49
CA PHE A 555 8.19 -18.70 -15.27
C PHE A 555 8.07 -19.50 -16.55
N GLN A 556 7.19 -20.50 -16.61
CA GLN A 556 7.22 -21.50 -17.67
C GLN A 556 6.14 -21.33 -18.73
N ASP A 557 5.16 -20.46 -18.50
CA ASP A 557 4.09 -20.10 -19.43
C ASP A 557 3.52 -21.28 -20.21
N ARG A 558 3.46 -22.45 -19.57
CA ARG A 558 2.83 -23.63 -20.23
C ARG A 558 1.63 -24.06 -19.39
N ASP A 559 1.84 -24.88 -18.37
CA ASP A 559 0.70 -25.40 -17.57
C ASP A 559 -0.01 -24.24 -16.85
N THR A 560 0.73 -23.37 -16.16
CA THR A 560 0.14 -22.15 -15.53
C THR A 560 -1.08 -22.50 -14.66
N ALA A 561 -1.11 -23.68 -14.04
CA ALA A 561 -2.23 -24.05 -13.15
C ALA A 561 -2.19 -23.18 -11.88
N LEU A 562 -1.00 -22.98 -11.32
CA LEU A 562 -0.85 -22.22 -10.06
C LEU A 562 0.35 -21.28 -10.20
N PRO A 563 0.47 -20.19 -9.40
CA PRO A 563 1.64 -19.34 -9.46
C PRO A 563 2.89 -20.15 -9.11
N ASP A 564 3.96 -20.02 -9.92
CA ASP A 564 5.20 -20.79 -9.68
C ASP A 564 5.84 -20.36 -8.36
N ALA A 565 5.85 -19.05 -8.06
CA ALA A 565 6.49 -18.56 -6.82
C ALA A 565 5.69 -17.40 -6.24
N CYS A 566 5.89 -17.09 -4.95
CA CYS A 566 5.10 -16.01 -4.28
C CYS A 566 5.99 -15.23 -3.32
N SER A 567 5.50 -14.11 -2.79
CA SER A 567 6.24 -13.30 -1.83
C SER A 567 5.27 -12.77 -0.79
N SER A 568 5.76 -12.64 0.44
CA SER A 568 4.97 -12.15 1.57
C SER A 568 5.76 -11.15 2.38
N ILE A 569 6.34 -10.16 1.71
CA ILE A 569 7.10 -9.13 2.40
C ILE A 569 6.18 -8.39 3.37
N SER A 570 6.65 -8.18 4.59
CA SER A 570 5.88 -7.52 5.63
C SER A 570 6.65 -6.35 6.20
N ASP A 571 5.91 -5.34 6.64
CA ASP A 571 6.53 -4.14 7.22
C ASP A 571 7.18 -4.48 8.56
N ILE A 572 8.19 -3.69 8.91
CA ILE A 572 8.94 -3.93 10.14
C ILE A 572 8.05 -3.71 11.36
N SER A 573 7.33 -2.58 11.39
CA SER A 573 6.51 -2.23 12.53
C SER A 573 5.04 -2.31 12.18
N PRO A 574 4.22 -2.94 13.02
CA PRO A 574 2.79 -3.09 12.72
C PRO A 574 2.04 -1.78 12.96
N VAL A 575 0.74 -1.85 12.79
CA VAL A 575 -0.17 -0.72 13.05
C VAL A 575 -0.99 -1.09 14.27
N THR A 576 -0.81 -0.36 15.36
CA THR A 576 -1.45 -0.66 16.63
C THR A 576 -2.63 0.26 16.86
N TYR A 577 -3.80 -0.33 17.11
CA TYR A 577 -5.00 0.42 17.43
C TYR A 577 -5.37 0.20 18.88
N PRO A 578 -5.40 1.25 19.70
CA PRO A 578 -5.80 1.11 21.10
C PRO A 578 -7.32 1.09 21.29
N ILE A 579 -7.93 -0.09 21.12
CA ILE A 579 -9.37 -0.20 21.26
C ILE A 579 -9.73 -0.14 22.74
N THR A 580 -10.63 0.78 23.09
CA THR A 580 -11.08 0.94 24.46
C THR A 580 -12.44 0.29 24.65
N LEU A 581 -12.63 -0.38 25.78
CA LEU A 581 -13.86 -1.08 26.08
C LEU A 581 -14.41 -0.63 27.43
N PRO A 582 -15.73 -0.66 27.61
CA PRO A 582 -16.30 -0.34 28.93
C PRO A 582 -15.79 -1.30 29.98
N ILE A 583 -15.62 -0.78 31.20
CA ILE A 583 -15.15 -1.59 32.32
C ILE A 583 -16.31 -1.97 33.21
N ILE A 584 -17.30 -1.10 33.33
CA ILE A 584 -18.46 -1.32 34.19
C ILE A 584 -19.67 -1.60 33.33
N LYS A 585 -20.33 -2.73 33.58
CA LYS A 585 -21.58 -3.03 32.90
C LYS A 585 -22.73 -2.23 33.47
N ASN A 586 -22.69 -1.94 34.77
CA ASN A 586 -23.76 -1.22 35.44
C ASN A 586 -23.16 -0.29 36.49
N ILE A 587 -23.88 0.79 36.78
CA ILE A 587 -23.48 1.74 37.81
C ILE A 587 -24.56 1.76 38.89
N SER A 588 -24.11 2.00 40.13
CA SER A 588 -25.02 2.05 41.27
C SER A 588 -24.38 2.98 42.32
N VAL A 589 -24.87 4.22 42.38
CA VAL A 589 -24.37 5.18 43.35
C VAL A 589 -25.41 5.33 44.46
N THR A 590 -25.23 4.58 45.54
CA THR A 590 -26.19 4.53 46.64
C THR A 590 -25.58 5.19 47.87
N ALA A 591 -25.90 6.46 48.08
CA ALA A 591 -25.49 7.17 49.27
C ALA A 591 -26.53 7.03 50.36
N HIS A 592 -26.09 7.24 51.61
CA HIS A 592 -26.99 7.10 52.75
C HIS A 592 -28.05 8.18 52.76
N GLY A 593 -27.62 9.44 52.60
CA GLY A 593 -28.59 10.55 52.64
C GLY A 593 -29.56 10.54 51.48
N ILE A 594 -29.05 10.30 50.27
CA ILE A 594 -29.87 10.30 49.06
C ILE A 594 -29.57 9.04 48.26
N ASN A 595 -30.62 8.41 47.73
CA ASN A 595 -30.44 7.19 46.96
C ASN A 595 -29.66 7.44 45.68
N LEU A 596 -29.77 8.65 45.12
CA LEU A 596 -29.05 9.05 43.90
C LEU A 596 -29.46 8.10 42.78
N ILE A 597 -28.54 7.34 42.20
CA ILE A 597 -28.82 6.50 41.04
C ILE A 597 -28.45 5.05 41.36
N ASP A 598 -29.22 4.13 40.79
CA ASP A 598 -29.00 2.70 41.03
C ASP A 598 -29.38 1.91 39.80
N LYS A 599 -28.59 0.89 39.49
CA LYS A 599 -28.87 -0.04 38.38
C LYS A 599 -28.99 0.68 37.05
N PHE A 600 -27.99 1.52 36.74
CA PHE A 600 -28.11 2.23 35.48
C PHE A 600 -27.06 1.77 34.48
N PRO A 601 -27.38 1.76 33.19
CA PRO A 601 -26.37 1.46 32.18
C PRO A 601 -25.35 2.59 32.05
N SER A 602 -24.15 2.21 31.61
CA SER A 602 -23.07 3.18 31.49
C SER A 602 -23.29 4.14 30.31
N LYS A 603 -24.02 3.68 29.29
CA LYS A 603 -24.21 4.51 28.10
C LYS A 603 -25.03 5.76 28.39
N PHE A 604 -26.01 5.67 29.30
CA PHE A 604 -26.82 6.83 29.65
C PHE A 604 -25.95 7.92 30.27
N CYS A 605 -25.18 7.57 31.30
CA CYS A 605 -24.34 8.55 31.97
C CYS A 605 -23.11 8.93 31.16
N SER A 606 -22.77 8.17 30.12
CA SER A 606 -21.59 8.48 29.31
C SER A 606 -21.90 9.37 28.13
N SER A 607 -23.05 9.18 27.48
CA SER A 607 -23.35 9.87 26.24
C SER A 607 -24.52 10.83 26.34
N TYR A 608 -25.69 10.37 26.79
CA TYR A 608 -26.88 11.21 26.72
C TYR A 608 -26.82 12.38 27.70
N ILE A 609 -26.32 12.15 28.92
CA ILE A 609 -26.29 13.20 29.92
C ILE A 609 -25.43 14.38 29.48
N PRO A 610 -24.18 14.20 29.03
CA PRO A 610 -23.44 15.35 28.49
C PRO A 610 -24.09 15.95 27.26
N PHE A 611 -24.75 15.14 26.44
CA PHE A 611 -25.38 15.66 25.23
C PHE A 611 -26.51 16.62 25.56
N HIS A 612 -27.34 16.28 26.55
CA HIS A 612 -28.52 17.06 26.88
C HIS A 612 -28.30 18.06 28.00
N TYR A 613 -27.26 17.90 28.80
CA TYR A 613 -27.00 18.77 29.93
C TYR A 613 -25.60 19.35 29.84
N GLY A 614 -25.45 20.57 30.33
CA GLY A 614 -24.15 21.22 30.36
C GLY A 614 -24.06 22.47 29.52
N GLY A 615 -24.66 22.43 28.33
CA GLY A 615 -24.61 23.58 27.44
C GLY A 615 -23.50 23.51 26.42
N ASN A 616 -22.92 24.66 26.10
CA ASN A 616 -21.86 24.72 25.10
C ASN A 616 -20.46 24.53 25.69
N ALA A 617 -20.27 24.84 26.98
CA ALA A 617 -18.95 24.71 27.58
C ALA A 617 -18.51 23.24 27.63
N ILE A 618 -19.44 22.34 27.94
CA ILE A 618 -19.10 20.93 28.08
C ILE A 618 -18.82 20.33 26.71
N LYS A 619 -17.88 19.39 26.66
CA LYS A 619 -17.55 18.66 25.45
C LYS A 619 -17.93 17.19 25.64
N THR A 620 -18.44 16.58 24.58
CA THR A 620 -18.90 15.20 24.67
C THR A 620 -17.73 14.26 24.96
N PRO A 621 -17.86 13.37 25.93
CA PRO A 621 -16.76 12.43 26.22
C PRO A 621 -16.51 11.49 25.06
N ASP A 622 -15.26 11.03 24.95
CA ASP A 622 -14.87 10.07 23.93
C ASP A 622 -14.59 8.67 24.48
N ASP A 623 -14.31 8.55 25.77
CA ASP A 623 -13.99 7.26 26.37
C ASP A 623 -15.10 6.81 27.30
N PRO A 624 -15.45 5.52 27.29
CA PRO A 624 -16.52 5.04 28.18
C PRO A 624 -16.14 5.05 29.66
N GLY A 625 -14.85 5.19 29.98
CA GLY A 625 -14.44 5.16 31.38
C GLY A 625 -14.98 6.34 32.17
N ALA A 626 -15.03 7.52 31.56
CA ALA A 626 -15.49 8.72 32.22
C ALA A 626 -16.95 8.98 31.88
N MET A 627 -17.72 9.43 32.87
CA MET A 627 -19.12 9.74 32.69
C MET A 627 -19.53 10.92 33.57
N MET A 628 -20.78 11.33 33.38
CA MET A 628 -21.36 12.54 33.97
C MET A 628 -22.56 12.16 34.83
N ILE A 629 -22.57 12.60 36.07
CA ILE A 629 -23.67 12.35 36.99
C ILE A 629 -24.14 13.69 37.55
N THR A 630 -25.38 14.05 37.25
CA THR A 630 -25.93 15.31 37.71
C THR A 630 -26.29 15.26 39.19
N PHE A 653 -18.10 10.43 49.18
CA PHE A 653 -19.34 9.92 48.60
C PHE A 653 -19.21 8.44 48.28
N TYR A 654 -20.19 7.65 48.73
CA TYR A 654 -20.16 6.21 48.54
C TYR A 654 -20.66 5.87 47.14
N ILE A 655 -19.82 5.24 46.34
CA ILE A 655 -20.15 4.83 44.98
C ILE A 655 -19.83 3.36 44.83
N SER A 656 -20.78 2.58 44.31
CA SER A 656 -20.61 1.16 44.07
C SER A 656 -20.61 0.86 42.58
N TRP A 657 -20.17 -0.34 42.24
CA TRP A 657 -20.09 -0.77 40.86
C TRP A 657 -20.60 -2.20 40.73
N ASP A 658 -21.08 -2.53 39.54
CA ASP A 658 -21.59 -3.86 39.22
C ASP A 658 -20.85 -4.42 38.01
N THR A 659 -19.55 -4.18 37.93
CA THR A 659 -18.75 -4.61 36.80
C THR A 659 -18.45 -6.10 36.87
N ASP A 660 -17.99 -6.65 35.76
CA ASP A 660 -17.55 -8.03 35.69
C ASP A 660 -16.04 -8.18 35.65
N TYR A 661 -15.33 -7.19 35.11
CA TYR A 661 -13.86 -7.20 35.08
C TYR A 661 -13.36 -6.74 36.45
N VAL A 662 -13.47 -7.64 37.42
CA VAL A 662 -13.13 -7.34 38.80
C VAL A 662 -11.72 -7.86 39.08
N GLY A 663 -10.81 -6.95 39.41
CA GLY A 663 -9.46 -7.32 39.78
C GLY A 663 -8.91 -6.44 40.88
N SER A 664 -9.82 -5.77 41.60
CA SER A 664 -9.45 -4.78 42.62
C SER A 664 -8.52 -3.71 42.04
N ILE A 665 -8.80 -3.31 40.80
CA ILE A 665 -8.00 -2.33 40.08
C ILE A 665 -8.75 -1.04 39.82
N THR A 666 -10.00 -0.94 40.27
CA THR A 666 -10.80 0.23 39.99
C THR A 666 -10.35 1.41 40.85
N THR A 667 -10.16 2.57 40.22
CA THR A 667 -9.85 3.81 40.91
C THR A 667 -10.76 4.91 40.37
N ALA A 668 -11.30 5.72 41.27
CA ALA A 668 -12.28 6.73 40.91
C ALA A 668 -11.71 8.13 41.12
N ASP A 669 -12.03 9.02 40.18
CA ASP A 669 -11.73 10.44 40.29
C ASP A 669 -13.02 11.22 40.11
N LEU A 670 -13.15 12.35 40.80
CA LEU A 670 -14.40 13.09 40.81
C LEU A 670 -14.14 14.58 40.87
N VAL A 671 -14.98 15.33 40.16
CA VAL A 671 -15.01 16.79 40.22
C VAL A 671 -16.45 17.23 40.43
N VAL A 672 -16.67 18.05 41.45
CA VAL A 672 -18.02 18.49 41.81
C VAL A 672 -18.16 20.01 41.83
N SER A 673 -17.06 20.76 41.89
CA SER A 673 -17.16 22.22 41.95
C SER A 673 -17.77 22.82 40.69
N ALA A 674 -17.73 22.09 39.58
CA ALA A 674 -18.32 22.58 38.33
C ALA A 674 -19.83 22.39 38.33
N GLN B 1 18.13 -41.35 23.17
CA GLN B 1 19.41 -41.84 22.67
C GLN B 1 19.28 -42.42 21.27
N GLU B 2 19.19 -41.55 20.27
CA GLU B 2 19.05 -42.00 18.90
C GLU B 2 20.33 -42.67 18.42
N LYS B 3 20.18 -43.74 17.66
CA LYS B 3 21.31 -44.51 17.15
C LYS B 3 21.15 -44.74 15.65
N LEU B 4 22.27 -44.81 14.95
CA LEU B 4 22.30 -45.13 13.53
C LEU B 4 23.36 -46.20 13.29
N VAL B 5 23.01 -47.20 12.48
CA VAL B 5 23.89 -48.34 12.22
C VAL B 5 23.96 -48.56 10.71
N GLU B 6 25.18 -48.66 10.20
CA GLU B 6 25.42 -49.03 8.81
C GLU B 6 25.83 -50.49 8.71
N SER B 7 25.50 -51.11 7.58
CA SER B 7 25.85 -52.50 7.36
C SER B 7 26.01 -52.75 5.87
N GLY B 8 26.73 -53.83 5.55
CA GLY B 8 26.97 -54.23 4.18
C GLY B 8 28.38 -54.06 3.68
N GLY B 9 29.31 -53.63 4.52
CA GLY B 9 30.68 -53.40 4.10
C GLY B 9 31.53 -54.66 4.28
N GLY B 10 32.48 -54.84 3.36
CA GLY B 10 33.36 -55.97 3.42
C GLY B 10 34.20 -56.07 2.17
N LEU B 11 35.08 -57.08 2.17
CA LEU B 11 35.94 -57.31 1.02
C LEU B 11 35.10 -57.76 -0.18
N VAL B 12 35.41 -57.20 -1.34
CA VAL B 12 34.68 -57.50 -2.57
C VAL B 12 35.61 -57.33 -3.75
N GLN B 13 35.46 -58.18 -4.75
CA GLN B 13 36.25 -58.08 -5.96
C GLN B 13 35.81 -56.85 -6.76
N PRO B 14 36.73 -56.25 -7.52
CA PRO B 14 36.35 -55.08 -8.34
C PRO B 14 35.35 -55.47 -9.44
N GLY B 15 34.49 -54.51 -9.78
CA GLY B 15 33.49 -54.74 -10.79
C GLY B 15 32.22 -55.40 -10.33
N GLY B 16 32.06 -55.62 -9.03
CA GLY B 16 30.89 -56.27 -8.48
C GLY B 16 29.80 -55.29 -8.10
N SER B 17 28.88 -55.76 -7.27
CA SER B 17 27.76 -54.97 -6.79
C SER B 17 27.72 -55.01 -5.26
N LEU B 18 27.43 -53.87 -4.65
CA LEU B 18 27.41 -53.75 -3.20
C LEU B 18 26.13 -53.07 -2.76
N ILE B 19 25.62 -53.49 -1.61
CA ILE B 19 24.44 -52.92 -0.98
C ILE B 19 24.84 -52.41 0.40
N LEU B 20 24.50 -51.16 0.69
CA LEU B 20 24.73 -50.56 2.00
C LEU B 20 23.39 -50.24 2.64
N SER B 21 23.17 -50.73 3.85
CA SER B 21 21.93 -50.55 4.58
C SER B 21 22.17 -49.64 5.77
N CYS B 22 21.30 -48.64 5.93
CA CYS B 22 21.38 -47.69 7.02
C CYS B 22 20.09 -47.77 7.83
N VAL B 23 20.21 -48.14 9.10
CA VAL B 23 19.06 -48.28 9.97
C VAL B 23 19.19 -47.28 11.12
N GLY B 24 18.05 -46.83 11.64
CA GLY B 24 18.04 -45.86 12.71
C GLY B 24 17.01 -46.21 13.77
N SER B 25 17.25 -45.68 14.97
CA SER B 25 16.35 -45.91 16.08
C SER B 25 16.37 -44.70 16.99
N GLY B 26 15.28 -44.51 17.74
CA GLY B 26 15.15 -43.40 18.66
C GLY B 26 14.66 -42.11 18.05
N PHE B 27 14.38 -42.09 16.75
CA PHE B 27 13.92 -40.86 16.09
C PHE B 27 12.95 -41.23 14.98
N THR B 28 12.16 -40.25 14.56
CA THR B 28 11.19 -40.44 13.49
C THR B 28 11.92 -40.37 12.16
N PHE B 29 12.02 -41.50 11.47
CA PHE B 29 12.72 -41.58 10.19
C PHE B 29 11.93 -40.96 9.05
N ILE B 30 10.66 -40.63 9.27
CA ILE B 30 9.82 -40.12 8.20
C ILE B 30 10.24 -38.72 7.78
N THR B 31 10.53 -37.85 8.74
CA THR B 31 10.74 -36.43 8.49
C THR B 31 12.23 -36.06 8.52
N TYR B 32 13.08 -36.93 7.98
CA TYR B 32 14.51 -36.64 7.94
C TYR B 32 15.09 -37.19 6.65
N GLU B 33 16.08 -36.48 6.12
CA GLU B 33 16.78 -36.91 4.92
C GLU B 33 17.85 -37.94 5.29
N ILE B 34 18.54 -38.45 4.28
CA ILE B 34 19.63 -39.39 4.47
C ILE B 34 20.72 -39.06 3.45
N ASN B 35 21.90 -38.69 3.95
CA ASN B 35 23.04 -38.39 3.11
C ASN B 35 24.13 -39.44 3.35
N TRP B 36 24.98 -39.62 2.35
CA TRP B 36 26.09 -40.57 2.43
C TRP B 36 27.39 -39.84 2.15
N VAL B 37 28.33 -39.95 3.08
CA VAL B 37 29.60 -39.23 3.00
C VAL B 37 30.72 -40.27 2.92
N ARG B 38 31.59 -40.11 1.93
CA ARG B 38 32.71 -41.02 1.72
C ARG B 38 34.00 -40.36 2.17
N GLN B 39 34.76 -41.07 3.00
CA GLN B 39 36.05 -40.59 3.50
C GLN B 39 37.13 -41.56 3.04
N ALA B 40 37.98 -41.09 2.14
CA ALA B 40 39.08 -41.91 1.65
C ALA B 40 40.20 -41.97 2.69
N PRO B 41 40.96 -43.06 2.73
CA PRO B 41 42.08 -43.15 3.69
C PRO B 41 43.16 -42.14 3.36
N GLY B 42 43.49 -41.30 4.33
CA GLY B 42 44.50 -40.28 4.11
C GLY B 42 44.08 -39.14 3.21
N LYS B 43 42.77 -38.89 3.09
CA LYS B 43 42.27 -37.82 2.24
C LYS B 43 41.09 -37.16 2.94
N GLY B 44 40.37 -36.32 2.21
CA GLY B 44 39.23 -35.60 2.74
C GLY B 44 37.94 -36.40 2.64
N LEU B 45 36.85 -35.74 3.01
CA LEU B 45 35.51 -36.33 2.98
C LEU B 45 34.76 -35.83 1.77
N GLU B 46 34.07 -36.74 1.08
CA GLU B 46 33.31 -36.40 -0.11
C GLU B 46 31.82 -36.61 0.13
N TRP B 47 31.02 -35.83 -0.57
CA TRP B 47 29.57 -36.00 -0.59
C TRP B 47 29.17 -36.87 -1.78
N LEU B 48 28.21 -37.78 -1.56
CA LEU B 48 27.89 -38.79 -2.55
C LEU B 48 26.48 -38.62 -3.15
N ALA B 49 25.45 -38.59 -2.32
CA ALA B 49 24.09 -38.61 -2.84
C ALA B 49 23.13 -38.02 -1.81
N VAL B 50 21.93 -37.70 -2.28
CA VAL B 50 20.85 -37.17 -1.45
C VAL B 50 19.57 -37.91 -1.80
N VAL B 51 18.80 -38.27 -0.77
CA VAL B 51 17.46 -38.82 -0.95
C VAL B 51 16.49 -37.96 -0.16
N SER B 52 15.33 -37.68 -0.76
CA SER B 52 14.37 -36.77 -0.16
C SER B 52 13.67 -37.44 1.03
N LYS B 53 12.71 -36.73 1.60
CA LYS B 53 11.99 -37.24 2.76
C LYS B 53 11.17 -38.48 2.43
N ILE B 54 10.55 -38.51 1.25
CA ILE B 54 9.75 -39.64 0.83
C ILE B 54 10.27 -40.25 -0.47
N GLY B 55 11.51 -39.95 -0.83
CA GLY B 55 12.13 -40.55 -2.00
C GLY B 55 11.66 -40.01 -3.33
N ASP B 56 10.92 -38.90 -3.33
CA ASP B 56 10.40 -38.37 -4.59
C ASP B 56 11.51 -37.74 -5.43
N ARG B 57 12.43 -37.00 -4.80
CA ARG B 57 13.56 -36.40 -5.50
C ARG B 57 14.88 -36.95 -4.98
N THR B 58 15.86 -37.01 -5.87
CA THR B 58 17.19 -37.50 -5.53
C THR B 58 18.23 -36.72 -6.34
N TYR B 59 19.46 -36.71 -5.82
CA TYR B 59 20.56 -36.03 -6.47
C TYR B 59 21.85 -36.79 -6.19
N TYR B 60 22.87 -36.54 -7.00
CA TYR B 60 24.11 -37.29 -6.92
C TYR B 60 25.28 -36.34 -7.18
N ALA B 61 26.48 -36.91 -7.19
CA ALA B 61 27.70 -36.17 -7.47
C ALA B 61 28.16 -36.42 -8.90
N HIS B 62 29.20 -35.68 -9.30
CA HIS B 62 29.64 -35.74 -10.69
C HIS B 62 30.36 -37.05 -10.99
N SER B 63 31.16 -37.54 -10.06
CA SER B 63 32.02 -38.69 -10.31
C SER B 63 31.37 -40.03 -9.99
N VAL B 64 30.15 -40.05 -9.47
CA VAL B 64 29.52 -41.30 -9.06
C VAL B 64 28.15 -41.46 -9.72
N ARG B 65 27.68 -40.43 -10.40
CA ARG B 65 26.37 -40.50 -11.04
C ARG B 65 26.38 -41.54 -12.15
N GLY B 66 25.30 -42.31 -12.24
CA GLY B 66 25.17 -43.38 -13.21
C GLY B 66 25.53 -44.75 -12.68
N ARG B 67 26.19 -44.83 -11.52
CA ARG B 67 26.57 -46.10 -10.92
C ARG B 67 25.94 -46.36 -9.57
N LEU B 68 25.49 -45.33 -8.86
CA LEU B 68 24.94 -45.48 -7.52
C LEU B 68 23.45 -45.15 -7.54
N THR B 69 22.66 -45.97 -6.85
CA THR B 69 21.22 -45.77 -6.74
C THR B 69 20.85 -45.75 -5.26
N ILE B 70 20.26 -44.65 -4.82
CA ILE B 70 19.83 -44.51 -3.44
C ILE B 70 18.33 -44.72 -3.38
N SER B 71 17.87 -45.30 -2.28
CA SER B 71 16.44 -45.58 -2.11
C SER B 71 16.11 -45.61 -0.63
N ARG B 72 14.83 -45.53 -0.33
CA ARG B 72 14.35 -45.50 1.05
C ARG B 72 13.35 -46.61 1.27
N ASP B 73 13.11 -46.91 2.56
CA ASP B 73 12.06 -47.84 2.98
C ASP B 73 11.55 -47.31 4.32
N ASN B 74 10.46 -46.54 4.25
CA ASN B 74 9.95 -45.84 5.42
C ASN B 74 9.11 -46.73 6.32
N SER B 75 8.69 -47.89 5.85
CA SER B 75 7.92 -48.80 6.69
C SER B 75 8.77 -49.39 7.80
N GLN B 76 9.95 -49.90 7.45
CA GLN B 76 10.89 -50.46 8.43
C GLN B 76 12.05 -49.52 8.73
N ASN B 77 12.01 -48.28 8.23
CA ASN B 77 12.99 -47.26 8.54
C ASN B 77 14.41 -47.70 8.17
N THR B 78 14.62 -47.88 6.87
CA THR B 78 15.93 -48.31 6.38
C THR B 78 16.22 -47.67 5.03
N ALA B 79 17.41 -47.09 4.90
CA ALA B 79 17.87 -46.48 3.66
C ALA B 79 18.83 -47.42 2.96
N TYR B 80 18.63 -47.61 1.66
CA TYR B 80 19.44 -48.53 0.87
C TYR B 80 20.29 -47.74 -0.13
N LEU B 81 21.52 -48.21 -0.34
CA LEU B 81 22.40 -47.65 -1.34
C LEU B 81 23.00 -48.79 -2.15
N GLN B 82 22.58 -48.92 -3.40
CA GLN B 82 23.18 -49.88 -4.32
C GLN B 82 24.29 -49.21 -5.10
N MET B 83 25.41 -49.92 -5.27
CA MET B 83 26.52 -49.36 -6.03
C MET B 83 27.16 -50.46 -6.87
N ASN B 84 27.36 -50.16 -8.16
CA ASN B 84 27.89 -51.11 -9.13
C ASN B 84 29.13 -50.53 -9.79
N SER B 85 29.73 -51.32 -10.67
CA SER B 85 30.95 -50.94 -11.38
C SER B 85 32.05 -50.55 -10.40
N LEU B 86 32.40 -51.51 -9.54
CA LEU B 86 33.37 -51.28 -8.49
C LEU B 86 34.77 -51.12 -9.07
N ARG B 87 35.54 -50.20 -8.50
CA ARG B 87 36.96 -50.04 -8.82
C ARG B 87 37.75 -49.92 -7.52
N THR B 88 39.06 -49.69 -7.68
CA THR B 88 39.95 -49.68 -6.52
C THR B 88 39.76 -48.46 -5.65
N GLU B 89 39.38 -47.32 -6.23
CA GLU B 89 39.24 -46.08 -5.47
C GLU B 89 38.10 -46.14 -4.46
N ASP B 90 37.19 -47.09 -4.60
CA ASP B 90 36.05 -47.19 -3.69
C ASP B 90 36.45 -47.54 -2.27
N THR B 91 37.68 -47.97 -2.02
CA THR B 91 38.12 -48.26 -0.67
C THR B 91 38.09 -47.00 0.18
N ALA B 92 37.20 -46.96 1.16
CA ALA B 92 36.98 -45.76 1.97
C ALA B 92 36.11 -46.16 3.17
N ARG B 93 35.67 -45.14 3.90
CA ARG B 93 34.70 -45.31 4.98
C ARG B 93 33.45 -44.52 4.63
N TYR B 94 32.30 -45.18 4.64
CA TYR B 94 31.03 -44.57 4.29
C TYR B 94 30.24 -44.27 5.55
N TYR B 95 29.70 -43.06 5.65
CA TYR B 95 28.96 -42.60 6.80
C TYR B 95 27.54 -42.23 6.36
N CYS B 96 26.55 -42.83 7.00
CA CYS B 96 25.15 -42.47 6.79
C CYS B 96 24.78 -41.39 7.80
N VAL B 97 24.34 -40.23 7.30
CA VAL B 97 24.14 -39.08 8.15
C VAL B 97 22.74 -38.50 7.91
N ARG B 98 22.25 -37.82 8.93
CA ARG B 98 20.97 -37.12 8.91
C ARG B 98 21.21 -35.64 8.63
N ALA B 99 20.12 -34.91 8.36
CA ALA B 99 20.27 -33.51 8.02
C ALA B 99 18.94 -32.77 8.23
N TRP B 100 19.05 -31.49 8.54
CA TRP B 100 17.93 -30.56 8.59
C TRP B 100 17.96 -29.68 7.35
N CYS B 101 17.11 -28.64 7.33
CA CYS B 101 17.10 -27.65 6.25
C CYS B 101 17.10 -26.25 6.84
N ALA B 102 18.29 -25.72 7.08
CA ALA B 102 18.49 -24.31 7.36
C ALA B 102 19.27 -23.72 6.19
N THR B 103 18.81 -22.57 5.69
CA THR B 103 19.28 -22.03 4.42
C THR B 103 19.11 -23.08 3.33
N THR B 104 20.23 -23.68 2.91
CA THR B 104 20.15 -24.77 1.93
C THR B 104 19.48 -25.98 2.55
N CYS B 105 18.64 -26.64 1.75
CA CYS B 105 17.86 -27.79 2.22
C CYS B 105 18.25 -29.09 1.54
N LEU B 106 18.26 -29.13 0.21
CA LEU B 106 18.47 -30.39 -0.49
C LEU B 106 19.82 -31.03 -0.20
N PRO B 107 20.97 -30.35 -0.30
CA PRO B 107 22.24 -31.03 -0.04
C PRO B 107 22.60 -31.12 1.43
N GLY B 108 21.82 -30.49 2.32
CA GLY B 108 22.09 -30.58 3.74
C GLY B 108 22.94 -29.44 4.26
N ASP B 109 22.61 -28.91 5.43
CA ASP B 109 23.36 -27.81 6.01
C ASP B 109 23.81 -28.09 7.44
N ILE B 110 23.02 -28.80 8.22
CA ILE B 110 23.29 -29.00 9.64
C ILE B 110 24.04 -30.31 9.88
N MET B 111 23.53 -31.41 9.33
CA MET B 111 24.19 -32.71 9.39
C MET B 111 24.42 -33.17 10.83
N ASP B 112 23.31 -33.35 11.55
CA ASP B 112 23.35 -33.91 12.89
C ASP B 112 23.49 -35.43 12.86
N LEU B 113 24.08 -35.97 13.94
CA LEU B 113 24.05 -37.39 14.25
C LEU B 113 24.67 -38.21 13.10
N TRP B 114 25.98 -38.01 12.95
CA TRP B 114 26.75 -38.88 12.07
C TRP B 114 26.76 -40.30 12.63
N GLY B 115 26.71 -41.28 11.74
CA GLY B 115 26.82 -42.66 12.13
C GLY B 115 28.27 -43.06 12.36
N PRO B 116 28.46 -44.22 12.99
CA PRO B 116 29.83 -44.72 13.17
C PRO B 116 30.57 -44.94 11.87
N GLY B 117 29.86 -45.29 10.80
CA GLY B 117 30.49 -45.52 9.52
C GLY B 117 30.94 -46.96 9.34
N VAL B 118 31.03 -47.37 8.08
CA VAL B 118 31.44 -48.73 7.73
C VAL B 118 32.53 -48.65 6.67
N GLY B 119 33.57 -49.46 6.83
CA GLY B 119 34.69 -49.47 5.90
C GLY B 119 34.46 -50.46 4.78
N VAL B 120 34.65 -50.01 3.55
CA VAL B 120 34.51 -50.84 2.36
C VAL B 120 35.82 -50.81 1.58
N ILE B 121 36.32 -52.00 1.24
CA ILE B 121 37.59 -52.13 0.52
C ILE B 121 37.36 -53.01 -0.70
N VAL B 122 38.27 -52.89 -1.66
CA VAL B 122 38.20 -53.66 -2.89
C VAL B 122 39.10 -54.89 -2.78
N THR C 1 39.44 -26.50 -3.97
CA THR C 1 39.76 -27.31 -2.81
C THR C 1 39.83 -26.46 -1.55
N VAL C 2 40.08 -27.10 -0.41
CA VAL C 2 40.16 -26.44 0.89
C VAL C 2 41.52 -26.74 1.50
N ILE C 3 42.23 -25.69 1.90
CA ILE C 3 43.54 -25.81 2.52
C ILE C 3 43.38 -25.65 4.03
N HIS C 4 44.02 -26.56 4.78
CA HIS C 4 43.89 -26.56 6.22
C HIS C 4 45.18 -27.14 6.79
N GLU C 5 45.45 -26.86 8.07
CA GLU C 5 46.73 -27.21 8.66
C GLU C 5 46.92 -28.73 8.68
N PRO C 6 48.16 -29.20 8.56
CA PRO C 6 48.42 -30.65 8.65
C PRO C 6 48.49 -31.15 10.09
N ALA C 7 49.01 -30.33 10.99
CA ALA C 7 49.17 -30.72 12.38
C ALA C 7 49.23 -29.47 13.25
N MET C 8 48.99 -29.66 14.54
CA MET C 8 48.96 -28.55 15.48
C MET C 8 49.03 -29.10 16.90
N SER C 9 49.67 -28.34 17.78
CA SER C 9 49.85 -28.73 19.18
C SER C 9 49.41 -27.60 20.10
N LEU C 10 49.07 -27.96 21.33
CA LEU C 10 48.61 -26.99 22.32
C LEU C 10 49.04 -27.46 23.71
N SER C 11 49.40 -26.51 24.56
CA SER C 11 49.67 -26.80 25.96
C SER C 11 48.37 -26.84 26.75
N PRO C 12 48.32 -27.61 27.83
CA PRO C 12 47.09 -27.66 28.64
C PRO C 12 46.74 -26.30 29.21
N GLY C 13 45.45 -25.97 29.20
CA GLY C 13 44.97 -24.71 29.72
C GLY C 13 45.20 -23.52 28.82
N GLY C 14 45.76 -23.71 27.63
CA GLY C 14 46.04 -22.63 26.72
C GLY C 14 44.92 -22.38 25.73
N THR C 15 45.20 -21.49 24.78
CA THR C 15 44.26 -21.11 23.74
C THR C 15 44.85 -21.47 22.38
N ASP C 16 44.04 -22.13 21.55
CA ASP C 16 44.47 -22.58 20.24
C ASP C 16 43.58 -22.00 19.15
N THR C 17 44.14 -21.84 17.96
CA THR C 17 43.40 -21.35 16.80
C THR C 17 43.70 -22.22 15.59
N LEU C 18 42.68 -22.45 14.77
CA LEU C 18 42.77 -23.24 13.56
C LEU C 18 42.19 -22.45 12.40
N THR C 19 42.82 -22.56 11.23
CA THR C 19 42.42 -21.78 10.07
C THR C 19 42.08 -22.70 8.90
N CYS C 20 41.01 -22.35 8.19
CA CYS C 20 40.54 -23.06 7.01
C CYS C 20 40.43 -22.05 5.88
N ALA C 21 41.00 -22.36 4.72
CA ALA C 21 41.11 -21.37 3.65
C ALA C 21 40.80 -22.00 2.30
N PHE C 22 40.55 -21.14 1.32
CA PHE C 22 40.36 -21.56 -0.06
C PHE C 22 41.69 -21.54 -0.81
N SER C 23 41.68 -22.16 -1.99
CA SER C 23 42.89 -22.18 -2.81
C SER C 23 43.20 -20.80 -3.37
N SER C 24 42.20 -20.14 -3.97
CA SER C 24 42.40 -18.85 -4.60
C SER C 24 41.53 -17.75 -4.01
N GLY C 25 40.23 -17.99 -3.86
CA GLY C 25 39.31 -16.96 -3.43
C GLY C 25 39.28 -16.75 -1.94
N SER C 26 38.40 -15.86 -1.51
CA SER C 26 38.21 -15.54 -0.11
C SER C 26 37.06 -16.35 0.47
N ILE C 27 36.73 -16.10 1.73
CA ILE C 27 35.66 -16.78 2.44
C ILE C 27 34.74 -15.74 3.06
N THR C 28 33.44 -15.91 2.83
CA THR C 28 32.42 -15.00 3.43
C THR C 28 31.34 -15.85 4.11
N ASN C 29 30.26 -15.23 4.57
CA ASN C 29 29.19 -15.98 5.28
C ASN C 29 28.50 -16.92 4.29
N ASN C 30 28.55 -16.60 3.00
CA ASN C 30 27.89 -17.41 1.95
C ASN C 30 28.51 -18.81 1.90
N ASN C 31 29.82 -18.92 2.07
CA ASN C 31 30.50 -20.24 1.93
C ASN C 31 30.03 -21.23 3.00
N TYR C 32 29.32 -20.76 4.04
CA TYR C 32 28.75 -21.68 5.08
C TYR C 32 29.86 -22.54 5.71
N PRO C 33 30.84 -22.01 6.48
CA PRO C 33 31.84 -22.87 7.13
C PRO C 33 31.21 -23.72 8.22
N SER C 34 31.74 -24.92 8.39
CA SER C 34 31.27 -25.84 9.42
C SER C 34 32.45 -26.60 9.99
N TRP C 35 32.47 -26.72 11.32
CA TRP C 35 33.55 -27.38 12.05
C TRP C 35 32.99 -28.57 12.79
N PHE C 36 33.67 -29.72 12.65
CA PHE C 36 33.32 -30.98 13.29
C PHE C 36 34.44 -31.39 14.24
N GLN C 37 34.32 -32.60 14.77
CA GLN C 37 35.43 -33.25 15.46
C GLN C 37 35.25 -34.75 15.30
N GLN C 38 36.35 -35.49 15.25
CA GLN C 38 36.32 -36.93 15.02
C GLN C 38 37.30 -37.60 15.97
N THR C 39 36.80 -37.96 17.15
CA THR C 39 37.57 -38.79 18.06
C THR C 39 37.72 -40.19 17.44
N PRO C 40 38.81 -40.90 17.78
CA PRO C 40 39.03 -42.21 17.17
C PRO C 40 37.87 -43.17 17.46
N ARG C 41 37.56 -43.99 16.46
CA ARG C 41 36.52 -45.03 16.48
C ARG C 41 35.22 -44.57 17.15
N GLN C 42 34.92 -43.27 17.06
CA GLN C 42 33.66 -42.69 17.51
C GLN C 42 33.02 -41.92 16.38
N PRO C 43 31.69 -41.81 16.37
CA PRO C 43 31.02 -41.05 15.32
C PRO C 43 31.36 -39.57 15.42
N PRO C 44 31.49 -38.87 14.30
CA PRO C 44 31.71 -37.43 14.35
C PRO C 44 30.54 -36.70 14.98
N ARG C 45 30.85 -35.59 15.66
CA ARG C 45 29.86 -34.79 16.36
C ARG C 45 29.90 -33.36 15.82
N LEU C 46 28.74 -32.85 15.45
CA LEU C 46 28.66 -31.48 14.95
C LEU C 46 29.06 -30.49 16.03
N LEU C 47 29.90 -29.53 15.65
CA LEU C 47 30.31 -28.47 16.57
C LEU C 47 29.80 -27.10 16.13
N ILE C 48 30.12 -26.67 14.90
CA ILE C 48 29.75 -25.33 14.44
C ILE C 48 29.21 -25.44 13.02
N TYR C 49 27.88 -25.43 12.86
CA TYR C 49 27.32 -25.74 11.54
C TYR C 49 27.22 -24.51 10.64
N ASN C 50 26.82 -23.36 11.17
CA ASN C 50 27.02 -22.11 10.45
C ASN C 50 28.35 -21.50 10.89
N THR C 51 28.57 -20.21 10.59
CA THR C 51 29.82 -19.57 11.00
C THR C 51 30.00 -19.59 12.50
N ASN C 52 28.94 -19.30 13.26
CA ASN C 52 29.03 -19.21 14.71
C ASN C 52 27.96 -19.99 15.46
N ASN C 53 27.00 -20.59 14.76
CA ASN C 53 25.97 -21.37 15.43
C ASN C 53 26.54 -22.69 15.95
N ARG C 54 25.94 -23.20 17.01
CA ARG C 54 26.30 -24.50 17.56
C ARG C 54 25.04 -25.21 18.04
N PRO C 55 25.01 -26.53 18.00
CA PRO C 55 23.85 -27.28 18.47
C PRO C 55 23.87 -27.42 19.99
N THR C 56 22.81 -28.03 20.52
CA THR C 56 22.69 -28.24 21.95
C THR C 56 23.56 -29.41 22.40
N GLY C 57 23.98 -29.35 23.66
CA GLY C 57 24.78 -30.40 24.26
C GLY C 57 26.28 -30.26 24.06
N VAL C 58 26.72 -29.29 23.27
CA VAL C 58 28.14 -29.06 23.04
C VAL C 58 28.64 -28.06 24.06
N PRO C 59 29.79 -28.29 24.70
CA PRO C 59 30.30 -27.34 25.68
C PRO C 59 30.54 -25.97 25.07
N SER C 60 30.29 -24.93 25.87
CA SER C 60 30.37 -23.54 25.42
C SER C 60 31.78 -22.98 25.42
N ARG C 61 32.80 -23.83 25.44
CA ARG C 61 34.19 -23.38 25.33
C ARG C 61 34.66 -23.30 23.89
N PHE C 62 33.81 -23.63 22.92
CA PHE C 62 34.14 -23.54 21.51
C PHE C 62 33.65 -22.22 20.93
N SER C 63 34.24 -21.83 19.82
CA SER C 63 33.89 -20.58 19.14
C SER C 63 34.14 -20.78 17.64
N GLY C 64 34.22 -19.67 16.91
CA GLY C 64 34.47 -19.72 15.48
C GLY C 64 33.91 -18.53 14.74
N ALA C 65 34.65 -18.00 13.79
CA ALA C 65 34.22 -16.83 13.03
C ALA C 65 35.00 -16.77 11.73
N ILE C 66 34.94 -15.62 11.06
CA ILE C 66 35.69 -15.38 9.83
C ILE C 66 36.69 -14.25 10.10
N SER C 67 37.97 -14.53 9.87
CA SER C 67 39.02 -13.55 10.08
C SER C 67 40.07 -13.72 8.98
N GLY C 68 40.50 -12.59 8.42
CA GLY C 68 41.53 -12.60 7.40
C GLY C 68 41.18 -13.44 6.19
N ASN C 69 39.92 -13.40 5.76
CA ASN C 69 39.43 -14.21 4.64
C ASN C 69 39.63 -15.70 4.91
N LYS C 70 39.57 -16.11 6.17
CA LYS C 70 39.70 -17.50 6.56
C LYS C 70 38.65 -17.83 7.61
N ALA C 71 38.32 -19.12 7.72
CA ALA C 71 37.44 -19.60 8.77
C ALA C 71 38.28 -20.00 9.96
N ALA C 72 38.05 -19.34 11.10
CA ALA C 72 38.88 -19.51 12.28
C ALA C 72 38.09 -20.18 13.39
N LEU C 73 38.66 -21.24 13.95
CA LEU C 73 38.10 -21.96 15.10
C LEU C 73 39.03 -21.75 16.28
N THR C 74 38.50 -21.18 17.36
CA THR C 74 39.29 -20.85 18.54
C THR C 74 38.81 -21.70 19.72
N ILE C 75 39.75 -22.34 20.40
CA ILE C 75 39.46 -23.16 21.57
C ILE C 75 40.17 -22.52 22.76
N THR C 76 39.40 -22.25 23.81
CA THR C 76 39.90 -21.63 25.03
C THR C 76 39.61 -22.53 26.22
N GLY C 77 40.59 -22.66 27.11
CA GLY C 77 40.44 -23.55 28.26
C GLY C 77 40.32 -25.00 27.85
N ALA C 78 41.17 -25.46 26.93
CA ALA C 78 41.09 -26.83 26.45
C ALA C 78 41.49 -27.82 27.55
N GLN C 79 40.77 -28.93 27.59
CA GLN C 79 41.06 -29.99 28.54
C GLN C 79 42.03 -30.99 27.90
N ALA C 80 42.22 -32.13 28.57
CA ALA C 80 43.10 -33.18 28.05
C ALA C 80 42.36 -34.22 27.23
N ASN C 81 41.05 -34.07 27.03
CA ASN C 81 40.24 -35.01 26.27
C ASN C 81 40.08 -34.61 24.81
N ASP C 82 40.74 -33.53 24.37
CA ASP C 82 40.63 -33.05 23.01
C ASP C 82 41.61 -33.72 22.06
N GLU C 83 42.12 -34.91 22.42
CA GLU C 83 43.00 -35.67 21.54
C GLU C 83 42.15 -36.29 20.43
N ALA C 84 41.89 -35.48 19.41
CA ALA C 84 41.00 -35.87 18.32
C ALA C 84 41.46 -35.20 17.04
N ASP C 85 40.59 -35.21 16.04
CA ASP C 85 40.85 -34.58 14.75
C ASP C 85 39.83 -33.48 14.49
N TYR C 86 40.27 -32.44 13.79
CA TYR C 86 39.40 -31.32 13.44
C TYR C 86 39.55 -31.02 11.96
N PHE C 87 38.42 -30.88 11.26
CA PHE C 87 38.43 -30.61 9.84
C PHE C 87 37.36 -29.58 9.47
N CYS C 88 37.48 -29.04 8.27
CA CYS C 88 36.65 -27.94 7.78
C CYS C 88 35.93 -28.34 6.50
N THR C 89 34.69 -27.88 6.35
CA THR C 89 33.91 -28.09 5.15
C THR C 89 33.24 -26.80 4.73
N LEU C 90 32.98 -26.67 3.43
CA LEU C 90 32.48 -25.44 2.86
C LEU C 90 31.52 -25.75 1.71
N TYR C 91 30.70 -24.73 1.39
CA TYR C 91 29.65 -24.88 0.36
C TYR C 91 29.92 -23.91 -0.80
N ILE C 92 30.16 -24.45 -1.99
CA ILE C 92 30.45 -23.67 -3.19
C ILE C 92 29.50 -24.09 -4.30
N SER C 93 29.47 -23.29 -5.35
CA SER C 93 28.58 -23.44 -6.51
C SER C 93 27.14 -23.36 -5.98
N ILE C 94 26.21 -24.15 -6.51
CA ILE C 94 24.85 -24.18 -6.00
C ILE C 94 24.56 -25.45 -5.21
N ALA C 95 25.22 -26.56 -5.51
CA ALA C 95 25.05 -27.80 -4.76
C ALA C 95 26.38 -28.51 -4.57
N ASP C 96 27.44 -27.75 -4.29
CA ASP C 96 28.77 -28.32 -4.12
C ASP C 96 29.19 -28.22 -2.66
N VAL C 97 29.57 -29.35 -2.08
CA VAL C 97 30.08 -29.42 -0.71
C VAL C 97 31.48 -29.99 -0.77
N ILE C 98 32.44 -29.26 -0.22
CA ILE C 98 33.85 -29.68 -0.24
C ILE C 98 34.37 -29.71 1.19
N PHE C 99 34.89 -30.86 1.61
CA PHE C 99 35.48 -30.99 2.93
C PHE C 99 36.98 -30.76 2.84
N GLY C 100 37.59 -30.50 4.00
CA GLY C 100 39.01 -30.22 4.09
C GLY C 100 39.77 -31.30 4.85
N GLY C 101 41.07 -31.05 4.99
CA GLY C 101 41.93 -31.95 5.73
C GLY C 101 41.75 -31.82 7.22
N GLY C 102 42.36 -32.76 7.94
CA GLY C 102 42.21 -32.86 9.39
C GLY C 102 43.49 -32.57 10.13
N THR C 103 43.35 -31.91 11.28
CA THR C 103 44.44 -31.68 12.23
C THR C 103 44.29 -32.64 13.39
N HIS C 104 45.36 -33.39 13.67
CA HIS C 104 45.49 -34.22 14.86
C HIS C 104 46.02 -33.35 15.99
N LEU C 105 45.10 -32.64 16.64
CA LEU C 105 45.49 -31.75 17.74
C LEU C 105 46.08 -32.57 18.87
N THR C 106 47.20 -32.08 19.42
CA THR C 106 47.92 -32.77 20.48
C THR C 106 48.04 -31.85 21.68
N VAL C 107 47.79 -32.40 22.88
CA VAL C 107 47.91 -31.66 24.14
C VAL C 107 49.10 -32.22 24.90
N LEU C 108 50.02 -31.34 25.28
CA LEU C 108 51.23 -31.75 26.00
C LEU C 108 50.89 -32.16 27.42
N GLY D 118 -41.17 39.66 4.55
CA GLY D 118 -40.26 39.10 3.56
C GLY D 118 -39.41 40.14 2.86
N PHE D 119 -38.11 39.90 2.81
CA PHE D 119 -37.16 40.80 2.19
C PHE D 119 -36.42 40.08 1.07
N GLU D 120 -36.10 40.83 0.01
CA GLU D 120 -35.41 40.29 -1.15
C GLU D 120 -34.19 41.14 -1.47
N TYR D 121 -33.10 40.49 -1.85
CA TYR D 121 -31.87 41.19 -2.21
C TYR D 121 -31.81 41.35 -3.72
N ASN D 122 -31.55 42.58 -4.16
CA ASN D 122 -31.52 42.91 -5.59
C ASN D 122 -30.09 43.11 -6.06
N LYS D 123 -29.84 42.73 -7.31
CA LYS D 123 -28.51 42.76 -7.89
C LYS D 123 -28.21 44.14 -8.49
N VAL D 124 -26.98 44.30 -8.97
CA VAL D 124 -26.54 45.53 -9.62
C VAL D 124 -25.40 45.18 -10.55
N ARG D 125 -25.32 45.87 -11.69
CA ARG D 125 -24.31 45.56 -12.68
C ARG D 125 -23.27 46.67 -12.78
N PRO D 126 -22.04 46.34 -13.14
CA PRO D 126 -21.02 47.37 -13.33
C PRO D 126 -21.33 48.27 -14.52
N HIS D 127 -20.84 49.51 -14.44
CA HIS D 127 -21.04 50.48 -15.50
C HIS D 127 -19.88 50.55 -16.48
N THR D 128 -18.67 50.14 -16.08
CA THR D 128 -17.53 50.20 -16.98
C THR D 128 -17.70 49.24 -18.15
N GLY D 129 -18.09 48.00 -17.86
CA GLY D 129 -18.32 47.03 -18.91
C GLY D 129 -17.06 46.31 -19.35
N THR D 130 -17.24 45.10 -19.87
CA THR D 130 -16.18 44.23 -20.36
C THR D 130 -15.08 44.05 -19.33
N PRO D 131 -15.36 43.34 -18.22
CA PRO D 131 -14.30 43.12 -17.22
C PRO D 131 -13.16 42.30 -17.80
N THR D 132 -11.93 42.65 -17.40
CA THR D 132 -10.73 41.96 -17.84
C THR D 132 -9.87 41.63 -16.63
N LEU D 133 -9.14 40.52 -16.72
CA LEU D 133 -8.24 40.13 -15.65
C LEU D 133 -7.04 41.06 -15.59
N GLY D 134 -6.58 41.33 -14.37
CA GLY D 134 -5.40 42.16 -14.19
C GLY D 134 -5.60 43.64 -14.42
N ASN D 135 -6.85 44.12 -14.31
CA ASN D 135 -7.15 45.52 -14.52
C ASN D 135 -8.09 45.99 -13.41
N LYS D 136 -8.07 47.30 -13.17
CA LYS D 136 -8.89 47.90 -12.13
C LYS D 136 -10.33 48.06 -12.61
N LEU D 137 -11.28 47.74 -11.74
CA LEU D 137 -12.71 47.82 -12.05
C LEU D 137 -13.41 48.68 -11.01
N THR D 138 -14.22 49.61 -11.48
CA THR D 138 -14.95 50.53 -10.61
C THR D 138 -16.44 50.19 -10.67
N PHE D 139 -17.04 49.93 -9.51
CA PHE D 139 -18.45 49.59 -9.41
C PHE D 139 -19.18 50.67 -8.63
N GLY D 140 -20.40 50.97 -9.06
CA GLY D 140 -21.18 52.03 -8.44
C GLY D 140 -21.69 51.74 -7.05
N ILE D 141 -22.60 50.77 -6.94
CA ILE D 141 -23.35 50.50 -5.71
C ILE D 141 -23.94 51.82 -5.23
N PRO D 142 -24.61 52.60 -6.10
CA PRO D 142 -24.88 54.00 -5.77
C PRO D 142 -25.84 54.23 -4.60
N GLN D 143 -27.07 53.74 -4.71
CA GLN D 143 -28.10 54.14 -3.76
C GLN D 143 -29.10 53.05 -3.38
N TYR D 144 -28.95 51.83 -3.86
CA TYR D 144 -29.99 50.81 -3.67
C TYR D 144 -29.94 50.30 -2.24
N GLY D 145 -30.99 50.56 -1.47
CA GLY D 145 -31.08 50.08 -0.11
C GLY D 145 -31.03 51.19 0.92
N ASP D 146 -32.03 51.25 1.80
CA ASP D 146 -32.01 52.21 2.89
C ASP D 146 -30.84 51.94 3.82
N PHE D 147 -30.61 50.67 4.14
CA PHE D 147 -29.46 50.23 4.93
C PHE D 147 -28.78 49.08 4.20
N PHE D 148 -27.45 49.06 4.26
CA PHE D 148 -26.68 48.04 3.56
C PHE D 148 -25.61 47.49 4.49
N HIS D 149 -25.19 46.26 4.21
CA HIS D 149 -24.15 45.60 4.99
C HIS D 149 -23.25 44.84 4.01
N ASP D 150 -22.46 43.90 4.53
CA ASP D 150 -21.40 43.27 3.75
C ASP D 150 -21.93 42.68 2.45
N MET D 151 -21.22 42.96 1.37
CA MET D 151 -21.65 42.62 0.02
C MET D 151 -21.15 41.24 -0.38
N VAL D 152 -21.75 40.72 -1.45
CA VAL D 152 -21.35 39.44 -2.04
C VAL D 152 -21.13 39.65 -3.53
N GLY D 153 -20.01 39.17 -4.04
CA GLY D 153 -19.70 39.31 -5.45
C GLY D 153 -19.57 37.97 -6.16
N HIS D 154 -20.45 37.73 -7.14
CA HIS D 154 -20.36 36.53 -7.95
C HIS D 154 -19.29 36.70 -9.03
N HIS D 155 -18.67 35.58 -9.38
CA HIS D 155 -17.68 35.57 -10.45
C HIS D 155 -17.65 34.18 -11.06
N ILE D 156 -18.12 34.06 -12.31
CA ILE D 156 -18.15 32.79 -13.02
C ILE D 156 -16.97 32.75 -13.97
N LEU D 157 -16.06 31.82 -13.75
CA LEU D 157 -14.85 31.71 -14.55
C LEU D 157 -15.13 30.86 -15.79
N GLY D 158 -14.09 30.52 -16.53
CA GLY D 158 -14.26 29.77 -17.77
C GLY D 158 -13.36 28.56 -17.89
N ALA D 159 -13.24 28.05 -19.11
CA ALA D 159 -12.41 26.88 -19.35
C ALA D 159 -10.94 27.21 -19.11
N CYS D 160 -10.14 26.15 -18.90
CA CYS D 160 -8.73 26.33 -18.57
C CYS D 160 -7.86 25.31 -19.30
N HIS D 161 -8.27 24.88 -20.49
CA HIS D 161 -7.47 23.92 -21.24
C HIS D 161 -6.16 24.56 -21.70
N SER D 162 -5.08 23.79 -21.62
CA SER D 162 -3.76 24.28 -21.99
C SER D 162 -3.51 24.05 -23.48
N SER D 163 -2.37 24.54 -23.94
CA SER D 163 -2.00 24.42 -25.35
C SER D 163 -1.31 23.08 -25.62
N TRP D 164 -1.48 22.58 -26.84
CA TRP D 164 -0.85 21.34 -27.24
C TRP D 164 0.66 21.52 -27.38
N GLN D 165 1.40 20.47 -27.07
CA GLN D 165 2.85 20.48 -27.12
C GLN D 165 3.36 19.26 -27.86
N ASP D 166 4.66 19.26 -28.13
CA ASP D 166 5.31 18.20 -28.90
C ASP D 166 6.25 17.40 -28.00
N ALA D 167 6.29 16.08 -28.24
CA ALA D 167 7.15 15.23 -27.44
C ALA D 167 8.62 15.52 -27.74
N PRO D 168 9.50 15.38 -26.74
CA PRO D 168 10.92 15.65 -26.96
C PRO D 168 11.60 14.50 -27.69
N ILE D 169 12.85 14.77 -28.10
CA ILE D 169 13.69 13.79 -28.75
C ILE D 169 14.67 13.25 -27.71
N GLN D 170 15.15 12.02 -27.94
CA GLN D 170 15.96 11.32 -26.94
C GLN D 170 17.22 12.07 -26.54
N GLY D 171 17.72 12.96 -27.38
CA GLY D 171 18.90 13.74 -27.06
C GLY D 171 18.64 15.16 -26.62
N THR D 172 17.38 15.57 -26.55
CA THR D 172 17.05 16.97 -26.27
C THR D 172 17.40 17.34 -24.84
N SER D 173 17.86 18.59 -24.66
CA SER D 173 18.16 19.17 -23.36
C SER D 173 17.60 20.58 -23.29
N GLN D 174 16.33 20.73 -23.67
CA GLN D 174 15.72 22.05 -23.77
C GLN D 174 15.66 22.74 -22.42
N MET D 175 15.78 24.06 -22.46
CA MET D 175 15.71 24.86 -21.23
C MET D 175 14.29 24.82 -20.65
N GLY D 176 14.22 24.72 -19.33
CA GLY D 176 12.95 24.63 -18.63
C GLY D 176 12.49 25.97 -18.08
N ALA D 177 11.70 25.91 -17.03
CA ALA D 177 11.13 27.09 -16.39
C ALA D 177 11.80 27.35 -15.05
N HIS D 178 11.66 28.60 -14.59
CA HIS D 178 12.19 29.04 -13.30
C HIS D 178 13.70 28.84 -13.19
N GLY D 179 14.39 28.87 -14.33
CA GLY D 179 15.83 28.71 -14.35
C GLY D 179 16.34 27.30 -14.20
N GLN D 180 15.44 26.31 -14.11
CA GLN D 180 15.82 24.92 -13.94
C GLN D 180 15.83 24.22 -15.29
N LEU D 181 16.91 23.53 -15.60
CA LEU D 181 17.04 22.84 -16.88
C LEU D 181 16.31 21.50 -16.83
N GLN D 182 15.56 21.19 -17.87
CA GLN D 182 14.85 19.93 -18.01
C GLN D 182 15.50 19.13 -19.12
N THR D 183 15.95 17.92 -18.80
CA THR D 183 16.69 17.09 -19.73
C THR D 183 15.96 15.77 -19.97
N PHE D 184 16.17 15.22 -21.17
CA PHE D 184 15.69 13.89 -21.54
C PHE D 184 16.93 13.02 -21.75
N PRO D 185 17.38 12.29 -20.73
CA PRO D 185 18.67 11.61 -20.83
C PRO D 185 18.67 10.50 -21.87
N ARG D 186 19.85 10.26 -22.43
CA ARG D 186 20.04 9.16 -23.36
C ARG D 186 20.13 7.84 -22.60
N ASN D 187 20.05 6.74 -23.34
CA ASN D 187 20.17 5.43 -22.74
C ASN D 187 21.59 5.21 -22.23
N GLY D 188 21.71 4.71 -21.00
CA GLY D 188 23.00 4.45 -20.42
C GLY D 188 23.67 5.61 -19.72
N TYR D 189 22.91 6.66 -19.39
CA TYR D 189 23.43 7.83 -18.69
C TYR D 189 22.56 8.15 -17.50
N ASP D 190 23.07 9.03 -16.65
CA ASP D 190 22.32 9.50 -15.48
C ASP D 190 21.32 10.57 -15.95
N TRP D 191 20.74 11.31 -15.00
CA TRP D 191 19.85 12.41 -15.38
C TRP D 191 20.60 13.45 -16.17
N ASP D 192 21.82 13.79 -15.76
CA ASP D 192 22.68 14.59 -16.61
C ASP D 192 23.16 13.77 -17.79
N ASN D 193 23.50 14.46 -18.88
CA ASN D 193 23.96 13.81 -20.09
C ASN D 193 25.47 13.66 -20.15
N GLN D 194 26.15 13.67 -19.01
CA GLN D 194 27.60 13.56 -18.95
C GLN D 194 28.07 12.30 -18.22
N THR D 195 27.64 12.09 -16.99
CA THR D 195 28.10 10.96 -16.21
C THR D 195 27.46 9.66 -16.71
N PRO D 196 28.25 8.65 -17.07
CA PRO D 196 27.68 7.39 -17.55
C PRO D 196 27.14 6.57 -16.39
N LEU D 197 25.92 6.05 -16.55
CA LEU D 197 25.28 5.18 -15.58
C LEU D 197 24.96 3.85 -16.23
N GLU D 198 25.35 2.77 -15.58
CA GLU D 198 25.18 1.43 -16.15
C GLU D 198 23.73 1.00 -16.05
N GLY D 199 23.19 0.48 -17.16
CA GLY D 199 21.87 -0.11 -17.18
C GLY D 199 20.72 0.84 -16.89
N ALA D 200 20.71 2.01 -17.52
CA ALA D 200 19.62 2.97 -17.36
C ALA D 200 18.91 3.14 -18.70
N VAL D 201 17.58 2.96 -18.69
CA VAL D 201 16.76 3.07 -19.89
C VAL D 201 15.63 4.06 -19.60
N TYR D 202 15.41 4.99 -20.53
CA TYR D 202 14.44 6.05 -20.33
C TYR D 202 13.29 5.94 -21.34
N THR D 203 12.11 6.36 -20.91
CA THR D 203 10.91 6.27 -21.72
C THR D 203 10.00 7.43 -21.33
N LEU D 204 9.07 7.79 -22.22
CA LEU D 204 8.11 8.84 -21.95
C LEU D 204 6.77 8.22 -21.54
N VAL D 205 6.14 8.79 -20.51
CA VAL D 205 4.88 8.26 -20.00
C VAL D 205 3.95 9.40 -19.62
N ASP D 206 2.65 9.14 -19.76
CA ASP D 206 1.62 10.03 -19.27
C ASP D 206 1.58 9.95 -17.74
N PRO D 207 1.38 11.08 -17.04
CA PRO D 207 1.24 11.03 -15.56
C PRO D 207 0.26 9.98 -15.04
N PHE D 208 -0.66 9.52 -15.87
CA PHE D 208 -1.56 8.43 -15.50
C PHE D 208 -1.01 7.06 -15.90
N GLY D 209 0.18 7.00 -16.47
CA GLY D 209 0.81 5.74 -16.84
C GLY D 209 0.68 5.37 -18.30
N ARG D 210 -0.08 6.11 -19.09
CA ARG D 210 -0.23 5.78 -20.50
C ARG D 210 1.06 6.11 -21.25
N PRO D 211 1.44 5.29 -22.23
CA PRO D 211 2.63 5.60 -23.04
C PRO D 211 2.43 6.84 -23.88
N ILE D 212 3.55 7.54 -24.13
CA ILE D 212 3.57 8.72 -24.99
C ILE D 212 4.66 8.50 -26.03
N VAL D 213 4.29 8.58 -27.30
CA VAL D 213 5.24 8.34 -28.38
C VAL D 213 6.14 9.57 -28.54
N PRO D 214 7.45 9.40 -28.65
CA PRO D 214 8.34 10.56 -28.81
C PRO D 214 8.34 11.09 -30.23
N GLY D 215 8.65 12.39 -30.34
CA GLY D 215 8.83 13.00 -31.65
C GLY D 215 7.57 13.19 -32.46
N THR D 216 6.40 13.14 -31.82
CA THR D 216 5.12 13.26 -32.51
C THR D 216 4.52 14.64 -32.22
N LYS D 217 4.08 15.32 -33.27
CA LYS D 217 3.46 16.63 -33.12
C LYS D 217 2.14 16.52 -32.38
N ASN D 218 1.92 17.42 -31.43
CA ASN D 218 0.69 17.49 -30.64
C ASN D 218 0.44 16.17 -29.91
N ALA D 219 1.39 15.82 -29.03
CA ALA D 219 1.37 14.53 -28.36
C ALA D 219 0.82 14.57 -26.94
N TYR D 220 0.91 15.70 -26.25
CA TYR D 220 0.46 15.78 -24.87
C TYR D 220 0.04 17.20 -24.55
N ARG D 221 -0.71 17.33 -23.45
CA ARG D 221 -1.17 18.61 -22.95
C ARG D 221 -0.84 18.73 -21.47
N ASN D 222 -0.38 19.91 -21.05
CA ASN D 222 -0.07 20.14 -19.65
C ASN D 222 -1.35 20.21 -18.83
N LEU D 223 -1.28 19.70 -17.60
CA LEU D 223 -2.43 19.80 -16.71
C LEU D 223 -2.51 21.20 -16.13
N VAL D 224 -3.73 21.64 -15.84
CA VAL D 224 -3.98 22.98 -15.30
C VAL D 224 -4.69 22.84 -13.97
N TYR D 225 -4.16 23.51 -12.95
CA TYR D 225 -4.77 23.46 -11.63
C TYR D 225 -4.80 24.86 -11.02
N TYR D 226 -5.84 25.13 -10.25
CA TYR D 226 -6.01 26.43 -9.61
C TYR D 226 -5.17 26.50 -8.34
N CYS D 227 -4.70 27.71 -8.03
CA CYS D 227 -3.97 27.92 -6.79
C CYS D 227 -4.91 27.75 -5.59
N GLU D 228 -4.33 27.39 -4.44
CA GLU D 228 -5.12 27.22 -3.24
C GLU D 228 -5.83 28.51 -2.89
N TYR D 229 -7.12 28.40 -2.55
CA TYR D 229 -8.00 29.52 -2.31
C TYR D 229 -8.02 30.46 -3.52
N PRO D 230 -8.52 30.00 -4.68
CA PRO D 230 -8.53 30.86 -5.86
C PRO D 230 -9.34 32.13 -5.67
N GLY D 231 -10.42 32.07 -4.92
CA GLY D 231 -11.25 33.25 -4.71
C GLY D 231 -10.70 34.26 -3.74
N GLU D 232 -9.61 33.93 -3.05
CA GLU D 232 -9.02 34.84 -2.09
C GLU D 232 -7.98 35.77 -2.74
N ARG D 233 -7.20 35.25 -3.68
CA ARG D 233 -6.25 36.08 -4.41
C ARG D 233 -6.92 36.96 -5.45
N LEU D 234 -8.20 36.77 -5.72
CA LEU D 234 -8.88 37.57 -6.73
C LEU D 234 -8.90 39.04 -6.36
N TYR D 235 -9.16 39.34 -5.08
CA TYR D 235 -9.25 40.73 -4.61
C TYR D 235 -7.90 41.09 -3.98
N GLU D 236 -6.90 41.32 -4.85
CA GLU D 236 -5.59 41.71 -4.35
C GLU D 236 -5.58 43.11 -3.75
N ASN D 237 -6.55 43.96 -4.11
CA ASN D 237 -6.64 45.28 -3.53
C ASN D 237 -8.06 45.81 -3.72
N VAL D 238 -8.63 46.37 -2.67
CA VAL D 238 -9.96 46.95 -2.74
C VAL D 238 -9.96 48.29 -2.02
N ARG D 239 -10.60 49.27 -2.66
CA ARG D 239 -10.75 50.63 -2.17
C ARG D 239 -12.24 50.95 -2.08
N PHE D 240 -12.66 51.47 -0.93
CA PHE D 240 -14.02 51.94 -0.71
C PHE D 240 -13.96 53.46 -0.56
N ASP D 241 -14.46 54.18 -1.55
CA ASP D 241 -14.35 55.64 -1.60
C ASP D 241 -15.67 56.26 -2.07
N VAL D 242 -15.86 57.51 -1.66
CA VAL D 242 -17.03 58.31 -2.05
C VAL D 242 -16.51 59.68 -2.45
N ASN D 243 -16.33 59.90 -3.76
CA ASN D 243 -15.87 61.17 -4.31
C ASN D 243 -14.55 61.60 -3.67
N GLY D 244 -13.53 60.78 -3.86
CA GLY D 244 -12.24 61.04 -3.27
C GLY D 244 -12.24 60.76 -1.77
N ASN D 245 -11.10 61.00 -1.15
CA ASN D 245 -10.89 60.73 0.28
C ASN D 245 -11.30 59.29 0.60
N SER D 246 -10.58 58.35 -0.02
CA SER D 246 -10.93 56.94 0.02
C SER D 246 -11.06 56.46 1.46
N LEU D 247 -12.24 55.93 1.80
CA LEU D 247 -12.54 55.60 3.18
C LEU D 247 -11.82 54.33 3.63
N ASP D 248 -11.79 53.30 2.80
CA ASP D 248 -11.26 52.01 3.22
C ASP D 248 -10.30 51.45 2.19
N GLU D 249 -9.22 50.83 2.69
CA GLU D 249 -8.25 50.11 1.88
C GLU D 249 -8.03 48.75 2.51
N TYR D 250 -7.99 47.69 1.70
CA TYR D 250 -7.32 46.48 2.18
C TYR D 250 -7.01 45.56 1.00
N SER D 251 -6.42 44.41 1.33
CA SER D 251 -5.83 43.51 0.34
C SER D 251 -6.08 42.07 0.80
N SER D 252 -5.34 41.14 0.19
CA SER D 252 -5.55 39.72 0.44
C SER D 252 -4.98 39.26 1.78
N ASP D 253 -3.86 39.83 2.21
CA ASP D 253 -3.22 39.38 3.44
C ASP D 253 -4.10 39.63 4.66
N VAL D 254 -4.79 40.77 4.68
CA VAL D 254 -5.72 41.05 5.77
C VAL D 254 -6.84 40.03 5.79
N THR D 255 -7.36 39.66 4.62
CA THR D 255 -8.41 38.66 4.55
C THR D 255 -7.91 37.31 5.06
N THR D 256 -6.67 36.93 4.70
CA THR D 256 -6.12 35.68 5.18
C THR D 256 -5.96 35.68 6.70
N LEU D 257 -5.47 36.80 7.25
CA LEU D 257 -5.32 36.90 8.70
C LEU D 257 -6.66 36.82 9.40
N VAL D 258 -7.69 37.45 8.83
CA VAL D 258 -9.03 37.34 9.40
C VAL D 258 -9.53 35.90 9.32
N ARG D 259 -9.30 35.24 8.18
CA ARG D 259 -9.78 33.88 7.99
C ARG D 259 -9.17 32.93 9.01
N LYS D 260 -7.85 33.03 9.22
CA LYS D 260 -7.19 32.08 10.10
C LYS D 260 -7.64 32.21 11.55
N PHE D 261 -8.22 33.34 11.94
CA PHE D 261 -8.58 33.58 13.33
C PHE D 261 -10.07 33.79 13.57
N CYS D 262 -10.72 34.61 12.74
CA CYS D 262 -12.06 35.10 13.08
C CYS D 262 -13.14 34.04 12.87
N ILE D 263 -13.24 33.51 11.66
CA ILE D 263 -14.38 32.63 11.34
C ILE D 263 -14.30 31.36 12.19
N PRO D 264 -15.41 30.90 12.76
CA PRO D 264 -15.37 29.70 13.61
C PRO D 264 -15.06 28.46 12.80
N GLY D 265 -14.56 27.43 13.51
CA GLY D 265 -14.26 26.17 12.87
C GLY D 265 -15.48 25.39 12.42
N ASP D 266 -16.64 25.67 13.03
CA ASP D 266 -17.86 25.00 12.60
C ASP D 266 -18.36 25.55 11.27
N LYS D 267 -18.28 26.87 11.09
CA LYS D 267 -18.72 27.51 9.86
C LYS D 267 -17.62 27.48 8.81
N MET D 268 -17.05 26.30 8.55
CA MET D 268 -15.85 26.21 7.73
C MET D 268 -16.10 25.49 6.41
N THR D 269 -16.65 24.28 6.44
CA THR D 269 -16.72 23.45 5.23
C THR D 269 -17.45 24.18 4.11
N GLY D 270 -18.65 24.68 4.38
CA GLY D 270 -19.37 25.43 3.37
C GLY D 270 -18.63 26.68 2.93
N TYR D 271 -17.96 27.34 3.89
CA TYR D 271 -17.15 28.50 3.53
C TYR D 271 -16.00 28.12 2.60
N LYS D 272 -15.55 26.87 2.65
CA LYS D 272 -14.53 26.41 1.73
C LYS D 272 -15.07 26.22 0.32
N HIS D 273 -16.40 26.17 0.15
CA HIS D 273 -17.00 26.07 -1.17
C HIS D 273 -17.19 27.42 -1.83
N LEU D 274 -17.30 28.49 -1.05
CA LEU D 274 -17.51 29.82 -1.63
C LEU D 274 -16.26 30.31 -2.35
N VAL D 275 -15.09 29.99 -1.83
CA VAL D 275 -13.83 30.46 -2.40
C VAL D 275 -13.18 29.41 -3.30
N GLY D 276 -13.96 28.42 -3.75
CA GLY D 276 -13.45 27.45 -4.70
C GLY D 276 -12.34 26.57 -4.19
N GLN D 277 -12.44 26.11 -2.94
CA GLN D 277 -11.48 25.19 -2.36
C GLN D 277 -12.14 23.83 -2.18
N GLU D 278 -11.47 22.78 -2.65
CA GLU D 278 -12.02 21.44 -2.56
C GLU D 278 -12.13 20.97 -1.12
N VAL D 279 -13.06 20.05 -0.87
CA VAL D 279 -13.27 19.47 0.45
C VAL D 279 -13.14 17.96 0.33
N SER D 280 -12.68 17.33 1.41
CA SER D 280 -12.38 15.91 1.39
C SER D 280 -13.63 15.07 1.68
N VAL D 281 -13.67 13.89 1.08
CA VAL D 281 -14.72 12.91 1.31
C VAL D 281 -14.06 11.57 1.62
N GLU D 282 -14.73 10.77 2.45
CA GLU D 282 -14.16 9.54 2.97
C GLU D 282 -14.92 8.32 2.45
N GLY D 283 -14.17 7.26 2.17
CA GLY D 283 -14.74 5.98 1.80
C GLY D 283 -14.18 4.86 2.67
N THR D 284 -14.73 3.67 2.46
CA THR D 284 -14.39 2.49 3.25
C THR D 284 -13.76 1.43 2.34
N SER D 285 -13.40 0.29 2.93
CA SER D 285 -12.73 -0.76 2.19
C SER D 285 -13.24 -2.16 2.51
N GLY D 286 -14.41 -2.28 3.14
CA GLY D 286 -14.98 -3.57 3.44
C GLY D 286 -14.40 -4.19 4.70
N PRO D 287 -14.90 -5.38 5.06
CA PRO D 287 -14.45 -6.02 6.29
C PRO D 287 -13.02 -6.56 6.18
N LEU D 288 -12.34 -6.58 7.32
CA LEU D 288 -10.98 -7.13 7.42
C LEU D 288 -10.84 -7.81 8.77
N LEU D 289 -10.01 -8.84 8.80
CA LEU D 289 -9.84 -9.67 9.98
C LEU D 289 -8.65 -9.19 10.80
N CYS D 290 -8.82 -9.13 12.12
CA CYS D 290 -7.79 -8.59 13.01
C CYS D 290 -7.66 -9.47 14.24
N ASN D 291 -6.51 -9.33 14.91
CA ASN D 291 -6.23 -10.03 16.15
C ASN D 291 -6.28 -9.05 17.31
N ILE D 292 -6.81 -9.51 18.44
CA ILE D 292 -6.92 -8.71 19.64
C ILE D 292 -6.07 -9.36 20.73
N HIS D 293 -5.17 -8.59 21.32
CA HIS D 293 -4.25 -9.07 22.34
C HIS D 293 -4.70 -8.58 23.71
N ASP D 294 -4.71 -9.50 24.68
CA ASP D 294 -5.18 -9.21 26.03
C ASP D 294 -4.01 -9.22 27.00
N LEU D 295 -4.07 -8.33 27.99
CA LEU D 295 -3.05 -8.21 29.02
C LEU D 295 -1.66 -7.96 28.42
N LEU D 351 -9.81 -12.48 17.69
CA LEU D 351 -10.13 -12.16 16.31
C LEU D 351 -11.36 -11.27 16.23
N ASP D 352 -11.37 -10.33 15.28
CA ASP D 352 -12.46 -9.38 15.14
C ASP D 352 -12.51 -8.89 13.71
N ILE D 353 -13.60 -8.19 13.38
CA ILE D 353 -13.83 -7.64 12.06
C ILE D 353 -13.80 -6.11 12.17
N ARG D 354 -12.97 -5.47 11.34
CA ARG D 354 -12.81 -4.03 11.34
C ARG D 354 -12.86 -3.50 9.92
N ARG D 355 -13.12 -2.20 9.79
CA ARG D 355 -13.21 -1.55 8.50
C ARG D 355 -12.22 -0.41 8.41
N ASN D 356 -11.64 -0.24 7.22
CA ASN D 356 -10.67 0.82 6.97
C ASN D 356 -11.36 2.06 6.44
N VAL D 357 -10.71 3.20 6.64
CA VAL D 357 -11.22 4.49 6.20
C VAL D 357 -10.15 5.20 5.38
N HIS D 358 -10.53 5.66 4.19
CA HIS D 358 -9.64 6.39 3.31
C HIS D 358 -10.24 7.76 2.98
N TYR D 359 -9.39 8.74 2.80
CA TYR D 359 -9.81 10.10 2.48
C TYR D 359 -9.29 10.50 1.11
N SER D 360 -10.17 11.11 0.31
CA SER D 360 -9.78 11.58 -1.01
C SER D 360 -10.68 12.75 -1.40
N CYS D 361 -10.20 13.56 -2.34
CA CYS D 361 -10.94 14.75 -2.74
C CYS D 361 -10.57 15.10 -4.17
N ASN D 362 -11.46 15.87 -4.81
CA ASN D 362 -11.25 16.36 -6.16
C ASN D 362 -11.89 17.74 -6.29
N GLY D 363 -11.38 18.53 -7.22
CA GLY D 363 -11.90 19.86 -7.43
C GLY D 363 -10.92 20.78 -8.12
N PRO D 364 -11.04 22.08 -7.88
CA PRO D 364 -10.18 23.05 -8.56
C PRO D 364 -8.70 22.86 -8.30
N GLN D 365 -8.33 22.43 -7.09
CA GLN D 365 -6.91 22.26 -6.77
C GLN D 365 -6.33 20.97 -7.34
N THR D 366 -7.17 20.04 -7.77
CA THR D 366 -6.68 18.82 -8.39
C THR D 366 -6.34 19.10 -9.85
N PRO D 367 -5.12 18.84 -10.29
CA PRO D 367 -4.77 19.10 -11.70
C PRO D 367 -5.62 18.25 -12.64
N LYS D 368 -6.30 18.93 -13.56
CA LYS D 368 -7.20 18.29 -14.52
C LYS D 368 -6.94 18.83 -15.91
N TYR D 369 -7.23 18.02 -16.93
CA TYR D 369 -7.08 18.44 -18.31
C TYR D 369 -7.99 19.62 -18.63
N TYR D 370 -9.24 19.56 -18.18
CA TYR D 370 -10.25 20.56 -18.53
C TYR D 370 -11.01 20.92 -17.26
N GLN D 371 -10.90 22.18 -16.85
CA GLN D 371 -11.50 22.63 -15.59
C GLN D 371 -12.93 23.11 -15.83
N PRO D 372 -13.92 22.53 -15.16
CA PRO D 372 -15.26 23.12 -15.20
C PRO D 372 -15.21 24.56 -14.76
N PRO D 373 -16.09 25.41 -15.30
CA PRO D 373 -16.12 26.81 -14.89
C PRO D 373 -16.43 26.94 -13.39
N LEU D 374 -15.61 27.73 -12.70
CA LEU D 374 -15.78 27.92 -11.28
C LEU D 374 -16.88 28.93 -11.00
N ALA D 375 -17.25 29.05 -9.73
CA ALA D 375 -18.26 30.01 -9.26
C ALA D 375 -17.80 30.56 -7.92
N LEU D 376 -17.11 31.69 -7.96
CA LEU D 376 -16.67 32.35 -6.73
C LEU D 376 -17.77 33.25 -6.21
N TRP D 377 -17.99 33.21 -4.90
CA TRP D 377 -19.05 33.98 -4.25
C TRP D 377 -18.43 34.90 -3.21
N ILE D 378 -17.42 35.67 -3.64
CA ILE D 378 -16.51 36.32 -2.71
C ILE D 378 -17.26 37.24 -1.76
N LYS D 379 -16.82 37.25 -0.50
CA LYS D 379 -17.42 38.07 0.54
C LYS D 379 -16.54 39.29 0.81
N LEU D 380 -17.19 40.42 1.08
CA LEU D 380 -16.50 41.68 1.35
C LEU D 380 -16.57 42.00 2.83
N ARG D 381 -15.43 42.37 3.42
CA ARG D 381 -15.33 42.67 4.84
C ARG D 381 -15.28 44.17 5.07
N PHE D 382 -15.96 44.62 6.13
CA PHE D 382 -15.96 46.03 6.49
C PHE D 382 -16.15 46.14 8.00
N TRP D 383 -15.73 47.29 8.55
CA TRP D 383 -15.85 47.51 9.99
C TRP D 383 -17.29 47.83 10.38
N PHE D 384 -18.01 48.56 9.52
CA PHE D 384 -19.38 48.98 9.82
C PHE D 384 -20.42 48.04 9.23
N ASN D 385 -20.00 46.96 8.57
CA ASN D 385 -20.93 45.99 8.00
C ASN D 385 -20.90 44.67 8.73
N GLU D 386 -20.53 44.68 10.01
CA GLU D 386 -20.56 43.48 10.84
C GLU D 386 -21.81 43.37 11.70
N ASN D 387 -22.51 44.48 11.94
CA ASN D 387 -23.75 44.49 12.69
C ASN D 387 -24.78 45.32 11.95
N VAL D 388 -26.05 44.92 12.08
CA VAL D 388 -27.13 45.62 11.39
C VAL D 388 -27.31 47.03 11.95
N ASN D 389 -27.00 47.24 13.24
CA ASN D 389 -27.16 48.55 13.85
C ASN D 389 -26.03 49.51 13.55
N LEU D 390 -24.92 49.02 12.99
CA LEU D 390 -23.77 49.86 12.69
C LEU D 390 -23.76 50.38 11.25
N ALA D 391 -24.79 50.08 10.47
CA ALA D 391 -24.83 50.54 9.09
C ALA D 391 -25.11 52.03 9.04
N ILE D 392 -24.32 52.75 8.24
CA ILE D 392 -24.47 54.19 8.08
C ILE D 392 -25.73 54.47 7.25
N PRO D 393 -26.43 55.57 7.50
CA PRO D 393 -27.62 55.88 6.70
C PRO D 393 -27.24 56.25 5.27
N SER D 394 -28.06 55.79 4.32
CA SER D 394 -27.80 56.07 2.91
C SER D 394 -28.17 57.49 2.53
N VAL D 395 -29.18 58.08 3.18
CA VAL D 395 -29.62 59.42 2.82
C VAL D 395 -28.58 60.45 3.24
N SER D 396 -27.98 60.29 4.42
CA SER D 396 -27.01 61.28 4.90
C SER D 396 -25.74 61.27 4.05
N ILE D 397 -25.24 60.09 3.72
CA ILE D 397 -24.02 59.96 2.93
C ILE D 397 -24.33 60.23 1.46
N PRO D 398 -23.37 60.71 0.67
CA PRO D 398 -23.64 60.94 -0.76
C PRO D 398 -23.81 59.63 -1.51
N PHE D 399 -25.01 59.38 -2.02
CA PHE D 399 -25.28 58.11 -2.69
C PHE D 399 -24.63 58.06 -4.08
N GLY D 400 -24.69 59.15 -4.82
CA GLY D 400 -24.21 59.14 -6.19
C GLY D 400 -22.71 59.14 -6.35
N GLU D 401 -21.96 59.37 -5.28
CA GLU D 401 -20.51 59.48 -5.35
C GLU D 401 -19.78 58.23 -4.88
N ARG D 402 -20.50 57.22 -4.40
CA ARG D 402 -19.84 55.99 -3.95
C ARG D 402 -19.31 55.22 -5.15
N PHE D 403 -18.04 54.83 -5.10
CA PHE D 403 -17.42 54.09 -6.21
C PHE D 403 -16.38 53.15 -5.64
N ILE D 404 -16.69 51.86 -5.62
CA ILE D 404 -15.78 50.86 -5.05
C ILE D 404 -14.85 50.37 -6.15
N THR D 405 -13.54 50.43 -5.89
CA THR D 405 -12.52 50.03 -6.85
C THR D 405 -11.93 48.69 -6.42
N ILE D 406 -11.81 47.76 -7.37
CA ILE D 406 -11.26 46.44 -7.12
C ILE D 406 -10.18 46.16 -8.16
N LYS D 407 -9.01 45.72 -7.70
CA LYS D 407 -7.94 45.32 -8.60
C LYS D 407 -8.01 43.80 -8.76
N LEU D 408 -8.44 43.36 -9.94
CA LEU D 408 -8.56 41.94 -10.20
C LEU D 408 -7.19 41.28 -10.28
N ALA D 409 -7.16 39.99 -9.94
CA ALA D 409 -5.90 39.26 -9.92
C ALA D 409 -5.37 39.03 -11.32
N SER D 410 -4.04 38.88 -11.41
CA SER D 410 -3.42 38.57 -12.69
C SER D 410 -3.79 37.15 -13.12
N GLN D 411 -3.87 36.96 -14.44
CA GLN D 411 -4.22 35.65 -14.98
C GLN D 411 -3.17 34.60 -14.62
N LYS D 412 -1.92 35.03 -14.44
CA LYS D 412 -0.85 34.12 -14.09
C LYS D 412 -0.76 33.83 -12.60
N ASP D 413 -1.61 34.45 -11.78
CA ASP D 413 -1.57 34.24 -10.34
C ASP D 413 -2.51 33.14 -9.87
N LEU D 414 -3.67 33.00 -10.51
CA LEU D 414 -4.65 32.00 -10.08
C LEU D 414 -4.31 30.61 -10.61
N VAL D 415 -4.28 30.45 -11.93
CA VAL D 415 -4.05 29.13 -12.51
C VAL D 415 -2.56 28.82 -12.55
N ASN D 416 -2.25 27.55 -12.72
CA ASN D 416 -0.87 27.10 -12.81
C ASN D 416 -0.83 25.79 -13.58
N GLU D 417 0.37 25.45 -14.04
CA GLU D 417 0.59 24.27 -14.88
C GLU D 417 1.28 23.18 -14.07
N PHE D 418 0.77 21.96 -14.20
CA PHE D 418 1.32 20.71 -13.69
C PHE D 418 1.79 19.87 -14.86
N PRO D 419 2.96 19.23 -14.75
CA PRO D 419 3.55 18.53 -15.90
C PRO D 419 2.62 17.44 -16.43
N GLY D 420 2.40 17.47 -17.74
CA GLY D 420 1.63 16.46 -18.43
C GLY D 420 2.47 15.38 -19.07
N LEU D 421 3.74 15.26 -18.72
CA LEU D 421 4.64 14.28 -19.32
C LEU D 421 5.70 13.92 -18.30
N PHE D 422 6.07 12.65 -18.26
CA PHE D 422 7.04 12.15 -17.29
C PHE D 422 8.09 11.31 -18.00
N VAL D 423 9.31 11.37 -17.48
CA VAL D 423 10.45 10.63 -18.04
C VAL D 423 10.70 9.45 -17.10
N ARG D 424 10.10 8.31 -17.44
CA ARG D 424 10.28 7.10 -16.65
C ARG D 424 11.69 6.55 -16.85
N GLN D 425 12.33 6.17 -15.74
CA GLN D 425 13.64 5.55 -15.75
C GLN D 425 13.56 4.13 -15.22
N SER D 426 14.21 3.20 -15.90
CA SER D 426 14.28 1.81 -15.49
C SER D 426 15.75 1.41 -15.38
N ARG D 427 16.05 0.58 -14.37
CA ARG D 427 17.42 0.19 -14.08
C ARG D 427 17.51 -1.32 -13.93
N PHE D 428 18.74 -1.80 -13.82
CA PHE D 428 19.01 -3.21 -13.53
C PHE D 428 20.38 -3.28 -12.88
N ILE D 429 20.44 -3.86 -11.68
CA ILE D 429 21.68 -3.96 -10.91
C ILE D 429 22.02 -5.44 -10.75
N ALA D 430 23.26 -5.80 -11.08
CA ALA D 430 23.68 -7.23 -11.03
C ALA D 430 23.88 -7.72 -9.57
N GLY D 431 24.72 -8.75 -9.39
CA GLY D 431 24.92 -9.34 -8.04
C GLY D 431 23.95 -10.50 -7.80
N ARG D 432 24.05 -11.15 -6.64
CA ARG D 432 23.20 -12.36 -6.39
C ARG D 432 21.71 -11.97 -6.43
N PRO D 433 21.24 -10.89 -5.77
CA PRO D 433 19.85 -10.46 -5.92
C PRO D 433 19.77 -9.40 -7.02
N SER D 434 19.19 -9.73 -8.18
CA SER D 434 19.02 -8.71 -9.24
C SER D 434 18.00 -7.68 -8.74
N ARG D 435 18.27 -6.40 -8.93
CA ARG D 435 17.35 -5.35 -8.40
C ARG D 435 16.88 -4.47 -9.56
N ARG D 436 15.55 -4.35 -9.74
CA ARG D 436 15.04 -3.55 -10.85
C ARG D 436 14.39 -2.31 -10.25
N ASN D 437 15.03 -1.16 -10.43
CA ASN D 437 14.56 0.09 -9.85
C ASN D 437 13.88 0.92 -10.92
N ILE D 438 12.72 1.49 -10.60
CA ILE D 438 11.97 2.35 -11.50
C ILE D 438 11.75 3.70 -10.82
N ARG D 439 12.15 4.76 -11.50
CA ARG D 439 12.05 6.12 -10.97
C ARG D 439 11.45 7.03 -12.03
N PHE D 440 10.98 8.20 -11.58
CA PHE D 440 10.31 9.17 -12.45
C PHE D 440 10.84 10.56 -12.18
N LYS D 441 10.70 11.43 -13.19
CA LYS D 441 11.09 12.83 -13.09
C LYS D 441 10.31 13.65 -14.10
N PRO D 442 9.59 14.68 -13.67
CA PRO D 442 8.73 15.43 -14.59
C PRO D 442 9.53 16.20 -15.63
N TRP D 443 8.90 16.38 -16.79
CA TRP D 443 9.40 17.21 -17.88
C TRP D 443 8.42 18.39 -17.99
N PHE D 444 8.79 19.52 -17.40
CA PHE D 444 7.89 20.65 -17.26
C PHE D 444 8.36 21.79 -18.16
N ILE D 445 7.52 22.16 -19.12
CA ILE D 445 7.79 23.28 -20.02
C ILE D 445 6.59 24.21 -19.99
N PRO D 446 6.78 25.51 -19.70
CA PRO D 446 5.64 26.41 -19.59
C PRO D 446 5.00 26.73 -20.92
N GLY D 447 3.81 26.18 -21.16
CA GLY D 447 3.08 26.41 -22.39
C GLY D 447 2.25 27.68 -22.32
N VAL D 448 1.25 27.75 -23.20
CA VAL D 448 0.35 28.89 -23.29
C VAL D 448 -0.99 28.49 -22.70
N ILE D 449 -1.50 29.31 -21.77
CA ILE D 449 -2.76 29.05 -21.10
C ILE D 449 -3.85 29.86 -21.78
N ASN D 450 -4.98 29.21 -22.07
CA ASN D 450 -6.09 29.88 -22.71
C ASN D 450 -6.61 31.01 -21.83
N GLU D 451 -7.02 32.11 -22.48
CA GLU D 451 -7.55 33.25 -21.75
C GLU D 451 -8.82 32.87 -21.02
N ILE D 452 -8.97 33.38 -19.79
CA ILE D 452 -10.09 33.03 -18.93
C ILE D 452 -10.94 34.28 -18.74
N SER D 453 -12.21 34.20 -19.14
CA SER D 453 -13.12 35.32 -19.04
C SER D 453 -13.90 35.29 -17.73
N LEU D 454 -14.44 36.44 -17.36
CA LEU D 454 -15.25 36.61 -16.15
C LEU D 454 -16.63 37.11 -16.57
N THR D 455 -17.51 36.19 -16.89
CA THR D 455 -18.88 36.51 -17.31
C THR D 455 -19.86 36.27 -16.17
N ASN D 456 -21.02 36.93 -16.28
CA ASN D 456 -22.08 36.82 -15.28
C ASN D 456 -21.56 37.19 -13.89
N ASN D 457 -20.74 38.24 -13.84
CA ASN D 457 -20.09 38.66 -12.60
C ASN D 457 -20.81 39.83 -11.95
N GLU D 458 -22.04 39.60 -11.52
CA GLU D 458 -22.76 40.61 -10.78
C GLU D 458 -22.41 40.52 -9.29
N LEU D 459 -22.72 41.61 -8.58
CA LEU D 459 -22.56 41.67 -7.12
C LEU D 459 -23.94 41.63 -6.50
N TYR D 460 -24.28 40.48 -5.92
CA TYR D 460 -25.62 40.26 -5.37
C TYR D 460 -25.70 41.02 -4.03
N ILE D 461 -25.86 42.34 -4.15
CA ILE D 461 -25.89 43.18 -2.96
C ILE D 461 -27.08 42.81 -2.09
N ASN D 462 -26.84 42.63 -0.80
CA ASN D 462 -27.87 42.24 0.15
C ASN D 462 -28.57 43.50 0.67
N ASN D 463 -29.84 43.65 0.33
CA ASN D 463 -30.63 44.82 0.67
C ASN D 463 -31.83 44.40 1.50
N LEU D 464 -31.99 45.03 2.68
CA LEU D 464 -33.09 44.70 3.58
C LEU D 464 -34.00 45.90 3.76
N PHE D 465 -35.23 45.63 4.16
CA PHE D 465 -36.25 46.64 4.37
C PHE D 465 -36.44 46.87 5.85
N VAL D 466 -36.45 48.13 6.27
CA VAL D 466 -36.65 48.48 7.67
C VAL D 466 -38.13 48.60 7.98
N ILE D 510 -3.82 48.69 21.89
CA ILE D 510 -5.04 49.13 22.56
C ILE D 510 -5.85 47.91 22.98
N GLU D 511 -6.58 47.33 22.03
CA GLU D 511 -7.34 46.11 22.29
C GLU D 511 -6.48 44.90 21.92
N TYR D 512 -7.11 43.72 21.86
CA TYR D 512 -6.38 42.54 21.40
C TYR D 512 -6.05 42.69 19.93
N MET D 513 -4.77 42.50 19.59
CA MET D 513 -4.23 42.86 18.30
C MET D 513 -3.63 41.63 17.62
N PHE D 514 -3.88 41.51 16.32
CA PHE D 514 -3.45 40.36 15.53
C PHE D 514 -2.28 40.76 14.66
N ILE D 515 -1.22 39.95 14.64
CA ILE D 515 -0.15 40.18 13.67
C ILE D 515 0.20 38.87 12.98
N GLY D 516 0.70 39.00 11.76
CA GLY D 516 1.17 37.86 11.00
C GLY D 516 2.45 38.19 10.27
N LEU D 517 3.40 37.27 10.27
CA LEU D 517 4.71 37.47 9.68
C LEU D 517 4.88 36.51 8.52
N LYS D 518 5.32 37.04 7.37
CA LYS D 518 5.39 36.24 6.15
C LYS D 518 6.72 36.51 5.43
N PRO D 519 7.42 35.47 5.00
CA PRO D 519 8.58 35.69 4.13
C PRO D 519 8.14 36.28 2.80
N THR D 520 9.00 37.13 2.23
CA THR D 520 8.71 37.70 0.92
C THR D 520 8.76 36.65 -0.19
N TRP D 521 9.49 35.56 0.02
CA TRP D 521 9.54 34.49 -0.98
C TRP D 521 8.19 33.82 -1.17
N ASN D 522 7.29 33.93 -0.19
CA ASN D 522 5.97 33.33 -0.33
C ASN D 522 5.19 33.96 -1.48
N ILE D 523 5.28 35.29 -1.62
CA ILE D 523 4.57 35.97 -2.69
C ILE D 523 5.41 36.10 -3.96
N SER D 524 6.74 36.07 -3.84
CA SER D 524 7.60 36.27 -4.99
C SER D 524 7.38 35.21 -6.06
N ASP D 525 7.45 35.62 -7.32
CA ASP D 525 7.21 34.71 -8.44
C ASP D 525 8.30 33.65 -8.57
N GLN D 526 9.47 33.87 -7.97
CA GLN D 526 10.55 32.90 -8.06
C GLN D 526 10.25 31.61 -7.28
N ASN D 527 9.24 31.63 -6.43
CA ASN D 527 8.90 30.45 -5.64
C ASN D 527 8.25 29.41 -6.54
N PRO D 528 8.81 28.19 -6.62
CA PRO D 528 8.15 27.16 -7.44
C PRO D 528 6.75 26.81 -6.95
N HIS D 529 6.51 26.87 -5.65
CA HIS D 529 5.21 26.54 -5.05
C HIS D 529 4.53 27.79 -4.52
N GLN D 530 4.66 28.92 -5.22
CA GLN D 530 4.07 30.17 -4.74
C GLN D 530 2.55 30.12 -4.77
N HIS D 531 1.95 29.21 -5.54
CA HIS D 531 0.51 29.15 -5.63
C HIS D 531 -0.13 28.55 -4.39
N ARG D 532 0.62 27.79 -3.59
CA ARG D 532 0.09 27.21 -2.36
C ARG D 532 0.88 27.64 -1.13
N ASP D 533 1.86 28.53 -1.28
CA ASP D 533 2.58 29.09 -0.14
C ASP D 533 2.25 30.56 0.13
N TRP D 534 1.44 31.19 -0.72
CA TRP D 534 1.17 32.62 -0.57
C TRP D 534 0.43 32.91 0.73
N HIS D 535 -0.50 32.04 1.11
CA HIS D 535 -1.30 32.25 2.31
C HIS D 535 -0.62 31.74 3.58
N LYS D 536 0.51 31.04 3.46
CA LYS D 536 1.19 30.49 4.62
C LYS D 536 2.03 31.56 5.31
N PHE D 537 1.99 31.56 6.64
CA PHE D 537 2.79 32.48 7.46
C PHE D 537 3.94 31.68 8.06
N GLY D 538 5.14 31.92 7.58
CA GLY D 538 6.32 31.21 8.05
C GLY D 538 6.88 30.35 6.94
N HIS D 539 8.21 30.37 6.81
CA HIS D 539 8.85 29.61 5.74
C HIS D 539 8.62 28.11 5.93
N VAL D 540 8.45 27.41 4.82
CA VAL D 540 8.06 26.01 4.83
C VAL D 540 9.06 25.19 4.04
N VAL D 541 9.09 23.89 4.33
CA VAL D 541 9.92 22.92 3.64
C VAL D 541 9.04 21.76 3.21
N ASN D 542 9.55 20.96 2.28
CA ASN D 542 8.78 19.88 1.70
C ASN D 542 9.39 18.54 2.10
N ALA D 543 8.58 17.67 2.71
CA ALA D 543 8.99 16.32 3.06
C ALA D 543 8.40 15.34 2.06
N ILE D 544 9.23 14.45 1.54
CA ILE D 544 8.83 13.54 0.47
C ILE D 544 8.92 12.11 0.96
N MET D 545 7.80 11.40 0.92
CA MET D 545 7.72 9.97 1.22
C MET D 545 7.52 9.24 -0.10
N GLN D 546 8.56 8.55 -0.57
CA GLN D 546 8.43 7.75 -1.78
C GLN D 546 8.21 6.30 -1.39
N PRO D 547 7.01 5.75 -1.58
CA PRO D 547 6.76 4.36 -1.21
C PRO D 547 7.03 3.40 -2.37
N THR D 548 7.73 2.32 -2.05
CA THR D 548 8.11 1.31 -3.02
C THR D 548 7.32 0.02 -2.79
N HIS D 549 7.37 -0.85 -3.77
CA HIS D 549 6.65 -2.13 -3.72
C HIS D 549 7.68 -3.25 -3.87
N HIS D 550 8.27 -3.68 -2.76
CA HIS D 550 9.27 -4.73 -2.77
C HIS D 550 8.62 -6.10 -2.95
N ALA D 551 9.34 -7.00 -3.60
CA ALA D 551 8.87 -8.37 -3.80
C ALA D 551 10.07 -9.24 -4.13
N GLU D 552 10.36 -10.20 -3.27
CA GLU D 552 11.48 -11.12 -3.46
C GLU D 552 10.98 -12.46 -3.96
N ILE D 553 11.70 -13.05 -4.92
CA ILE D 553 11.31 -14.28 -5.58
C ILE D 553 12.51 -15.21 -5.62
N SER D 554 12.28 -16.50 -5.44
CA SER D 554 13.31 -17.53 -5.54
C SER D 554 12.93 -18.52 -6.63
N PHE D 555 13.91 -18.92 -7.44
CA PHE D 555 13.67 -19.78 -8.58
C PHE D 555 14.16 -21.21 -8.42
N GLN D 556 15.25 -21.42 -7.68
CA GLN D 556 15.96 -22.70 -7.71
C GLN D 556 15.66 -23.60 -6.53
N ASP D 557 14.98 -23.09 -5.50
CA ASP D 557 14.54 -23.82 -4.30
C ASP D 557 15.57 -24.82 -3.77
N ARG D 558 16.85 -24.45 -3.87
CA ARG D 558 17.92 -25.30 -3.28
C ARG D 558 18.64 -24.50 -2.19
N ASP D 559 19.45 -23.50 -2.58
CA ASP D 559 20.17 -22.66 -1.59
C ASP D 559 19.16 -21.87 -0.73
N THR D 560 18.19 -21.21 -1.35
CA THR D 560 17.10 -20.52 -0.60
C THR D 560 17.65 -19.61 0.51
N ALA D 561 18.77 -18.91 0.27
CA ALA D 561 19.37 -18.09 1.35
C ALA D 561 19.03 -16.63 1.14
N LEU D 562 19.20 -16.13 -0.08
CA LEU D 562 18.94 -14.70 -0.39
C LEU D 562 18.01 -14.64 -1.60
N PRO D 563 17.18 -13.60 -1.78
CA PRO D 563 16.24 -13.57 -2.88
C PRO D 563 17.02 -13.63 -4.20
N ASP D 564 16.59 -14.51 -5.12
CA ASP D 564 17.25 -14.59 -6.45
C ASP D 564 17.02 -13.27 -7.20
N ALA D 565 15.81 -12.71 -7.10
CA ALA D 565 15.48 -11.44 -7.81
C ALA D 565 14.63 -10.54 -6.91
N CYS D 566 14.66 -9.23 -7.16
CA CYS D 566 13.88 -8.26 -6.35
C CYS D 566 13.22 -7.22 -7.25
N SER D 567 12.41 -6.33 -6.68
CA SER D 567 11.73 -5.28 -7.43
C SER D 567 11.54 -4.07 -6.52
N SER D 568 11.64 -2.89 -7.11
CA SER D 568 11.51 -1.63 -6.38
C SER D 568 10.63 -0.65 -7.14
N ILE D 569 9.46 -1.12 -7.57
CA ILE D 569 8.52 -0.25 -8.28
C ILE D 569 8.11 0.90 -7.37
N SER D 570 8.12 2.12 -7.92
CA SER D 570 7.80 3.31 -7.17
C SER D 570 6.70 4.09 -7.88
N ASP D 571 5.90 4.81 -7.11
CA ASP D 571 4.80 5.58 -7.66
C ASP D 571 5.33 6.76 -8.48
N ILE D 572 4.51 7.20 -9.44
CA ILE D 572 4.92 8.28 -10.33
C ILE D 572 5.06 9.58 -9.55
N SER D 573 4.08 9.90 -8.70
CA SER D 573 4.08 11.16 -7.97
C SER D 573 4.31 10.90 -6.49
N PRO D 574 5.19 11.64 -5.85
CA PRO D 574 5.47 11.43 -4.43
C PRO D 574 4.37 12.03 -3.56
N VAL D 575 4.58 11.95 -2.25
CA VAL D 575 3.68 12.54 -1.26
C VAL D 575 4.42 13.69 -0.61
N THR D 576 3.94 14.92 -0.84
CA THR D 576 4.60 16.13 -0.38
C THR D 576 3.92 16.65 0.88
N TYR D 577 4.69 16.81 1.94
CA TYR D 577 4.19 17.37 3.19
C TYR D 577 4.77 18.76 3.39
N PRO D 578 3.94 19.79 3.44
CA PRO D 578 4.44 21.16 3.66
C PRO D 578 4.68 21.46 5.13
N ILE D 579 5.85 21.08 5.65
CA ILE D 579 6.16 21.30 7.05
C ILE D 579 6.48 22.78 7.26
N THR D 580 5.79 23.41 8.20
CA THR D 580 6.00 24.82 8.51
C THR D 580 6.83 24.95 9.77
N LEU D 581 7.79 25.88 9.76
CA LEU D 581 8.68 26.09 10.89
C LEU D 581 8.64 27.54 11.34
N PRO D 582 8.88 27.81 12.63
CA PRO D 582 8.95 29.19 13.09
C PRO D 582 10.06 29.95 12.37
N ILE D 583 9.81 31.23 12.13
CA ILE D 583 10.77 32.09 11.45
C ILE D 583 11.52 32.95 12.45
N ILE D 584 10.83 33.37 13.52
CA ILE D 584 11.40 34.24 14.54
C ILE D 584 11.60 33.45 15.82
N LYS D 585 12.83 33.45 16.32
CA LYS D 585 13.12 32.81 17.60
C LYS D 585 12.62 33.66 18.77
N ASN D 586 12.62 34.98 18.63
CA ASN D 586 12.23 35.87 19.70
C ASN D 586 11.49 37.06 19.10
N ILE D 587 10.61 37.67 19.90
CA ILE D 587 9.86 38.85 19.50
C ILE D 587 10.21 39.98 20.46
N SER D 588 10.20 41.21 19.91
CA SER D 588 10.48 42.41 20.70
C SER D 588 9.78 43.58 20.03
N VAL D 589 8.65 44.00 20.60
CA VAL D 589 7.89 45.14 20.10
C VAL D 589 8.16 46.30 21.05
N THR D 590 9.09 47.16 20.68
CA THR D 590 9.52 48.27 21.54
C THR D 590 9.05 49.58 20.90
N ALA D 591 7.91 50.07 21.35
CA ALA D 591 7.40 51.36 20.91
C ALA D 591 7.94 52.47 21.81
N HIS D 592 7.94 53.69 21.28
CA HIS D 592 8.46 54.83 22.03
C HIS D 592 7.55 55.16 23.21
N GLY D 593 6.25 55.27 22.96
CA GLY D 593 5.32 55.63 24.02
C GLY D 593 5.21 54.57 25.11
N ILE D 594 5.10 53.31 24.70
CA ILE D 594 4.94 52.19 25.63
C ILE D 594 5.92 51.10 25.26
N ASN D 595 6.53 50.49 26.29
CA ASN D 595 7.53 49.45 26.04
C ASN D 595 6.91 48.21 25.41
N LEU D 596 5.63 47.94 25.68
CA LEU D 596 4.88 46.81 25.11
C LEU D 596 5.60 45.52 25.49
N ILE D 597 6.03 44.70 24.54
CA ILE D 597 6.62 43.39 24.82
C ILE D 597 8.05 43.37 24.27
N ASP D 598 8.95 42.77 25.05
CA ASP D 598 10.35 42.67 24.66
C ASP D 598 10.91 41.34 25.11
N LYS D 599 11.69 40.71 24.23
CA LYS D 599 12.38 39.45 24.53
C LYS D 599 11.39 38.35 24.93
N PHE D 600 10.33 38.19 24.11
CA PHE D 600 9.40 37.13 24.44
C PHE D 600 9.46 35.99 23.42
N PRO D 601 9.21 34.75 23.86
CA PRO D 601 9.16 33.64 22.91
C PRO D 601 7.95 33.72 22.01
N SER D 602 8.06 33.10 20.83
CA SER D 602 6.96 33.11 19.87
C SER D 602 5.81 32.21 20.32
N LYS D 603 6.11 31.14 21.07
CA LYS D 603 5.08 30.19 21.46
C LYS D 603 4.06 30.82 22.40
N PHE D 604 4.47 31.79 23.22
CA PHE D 604 3.50 32.45 24.11
C PHE D 604 2.44 33.19 23.31
N CYS D 605 2.86 34.04 22.38
CA CYS D 605 1.92 34.81 21.60
C CYS D 605 1.21 33.97 20.53
N SER D 606 1.76 32.80 20.19
CA SER D 606 1.16 31.96 19.17
C SER D 606 0.05 31.07 19.72
N SER D 607 0.23 30.52 20.93
CA SER D 607 -0.67 29.50 21.44
C SER D 607 -1.43 29.92 22.69
N TYR D 608 -0.73 30.36 23.74
CA TYR D 608 -1.40 30.57 25.02
C TYR D 608 -2.31 31.79 24.99
N ILE D 609 -1.88 32.88 24.34
CA ILE D 609 -2.70 34.09 24.33
C ILE D 609 -4.05 33.87 23.66
N PRO D 610 -4.13 33.28 22.46
CA PRO D 610 -5.47 32.95 21.92
C PRO D 610 -6.22 31.96 22.77
N PHE D 611 -5.51 31.02 23.42
CA PHE D 611 -6.19 30.02 24.25
C PHE D 611 -6.90 30.66 25.42
N HIS D 612 -6.26 31.61 26.09
CA HIS D 612 -6.80 32.21 27.30
C HIS D 612 -7.55 33.52 27.06
N TYR D 613 -7.32 34.17 25.92
CA TYR D 613 -7.94 35.45 25.62
C TYR D 613 -8.70 35.38 24.32
N GLY D 614 -9.80 36.12 24.23
CA GLY D 614 -10.57 36.19 23.01
C GLY D 614 -11.99 35.66 23.15
N GLY D 615 -12.14 34.57 23.89
CA GLY D 615 -13.45 33.98 24.09
C GLY D 615 -13.76 32.86 23.11
N ASN D 616 -15.03 32.78 22.68
CA ASN D 616 -15.46 31.72 21.78
C ASN D 616 -15.31 32.09 20.32
N ALA D 617 -15.37 33.38 19.98
CA ALA D 617 -15.27 33.78 18.58
C ALA D 617 -13.90 33.45 17.99
N ILE D 618 -12.83 33.65 18.77
CA ILE D 618 -11.49 33.42 18.26
C ILE D 618 -11.24 31.92 18.10
N LYS D 619 -10.48 31.57 17.07
CA LYS D 619 -10.06 30.20 16.82
C LYS D 619 -8.55 30.10 17.00
N THR D 620 -8.10 29.00 17.60
CA THR D 620 -6.69 28.84 17.92
C THR D 620 -5.87 28.79 16.64
N PRO D 621 -4.75 29.51 16.56
CA PRO D 621 -3.94 29.50 15.34
C PRO D 621 -3.35 28.13 15.07
N ASP D 622 -3.09 27.85 13.79
CA ASP D 622 -2.46 26.62 13.38
C ASP D 622 -1.03 26.81 12.90
N ASP D 623 -0.67 28.01 12.45
CA ASP D 623 0.67 28.28 11.96
C ASP D 623 1.45 29.16 12.94
N PRO D 624 2.76 28.91 13.09
CA PRO D 624 3.55 29.71 14.04
C PRO D 624 3.81 31.14 13.58
N GLY D 625 3.57 31.45 12.30
CA GLY D 625 3.87 32.78 11.82
C GLY D 625 3.02 33.87 12.46
N ALA D 626 1.73 33.63 12.58
CA ALA D 626 0.81 34.62 13.12
C ALA D 626 0.63 34.45 14.61
N MET D 627 0.32 35.56 15.30
CA MET D 627 0.19 35.54 16.75
C MET D 627 -0.65 36.72 17.22
N MET D 628 -0.88 36.72 18.54
CA MET D 628 -1.76 37.63 19.25
C MET D 628 -0.96 38.43 20.26
N ILE D 629 -1.17 39.75 20.28
CA ILE D 629 -0.62 40.62 21.33
C ILE D 629 -1.74 41.54 21.80
N THR D 630 -2.10 41.43 23.07
CA THR D 630 -3.17 42.26 23.63
C THR D 630 -2.71 43.69 23.84
N PHE D 653 3.28 51.42 13.96
CA PHE D 653 3.82 50.86 15.20
C PHE D 653 5.17 50.19 14.95
N TYR D 654 6.15 50.52 15.79
CA TYR D 654 7.50 50.01 15.64
C TYR D 654 7.59 48.61 16.23
N ILE D 655 7.89 47.63 15.38
CA ILE D 655 8.02 46.23 15.79
C ILE D 655 9.39 45.72 15.33
N SER D 656 10.13 45.10 16.23
CA SER D 656 11.44 44.53 15.93
C SER D 656 11.40 43.01 16.07
N TRP D 657 12.42 42.37 15.53
CA TRP D 657 12.52 40.92 15.55
C TRP D 657 13.93 40.50 15.90
N ASP D 658 14.07 39.30 16.46
CA ASP D 658 15.35 38.72 16.84
C ASP D 658 15.53 37.36 16.17
N THR D 659 15.10 37.24 14.93
CA THR D 659 15.16 35.99 14.20
C THR D 659 16.58 35.68 13.76
N ASP D 660 16.79 34.41 13.37
CA ASP D 660 18.05 33.99 12.79
C ASP D 660 17.98 33.79 11.28
N TYR D 661 16.81 33.49 10.74
CA TYR D 661 16.62 33.36 9.29
C TYR D 661 16.42 34.75 8.69
N VAL D 662 17.52 35.49 8.64
CA VAL D 662 17.52 36.88 8.19
C VAL D 662 17.88 36.91 6.72
N GLY D 663 16.96 37.39 5.89
CA GLY D 663 17.20 37.55 4.47
C GLY D 663 16.53 38.79 3.92
N SER D 664 16.14 39.71 4.83
CA SER D 664 15.37 40.90 4.47
C SER D 664 14.10 40.53 3.71
N ILE D 665 13.47 39.43 4.13
CA ILE D 665 12.27 38.92 3.49
C ILE D 665 11.05 39.01 4.40
N THR D 666 11.21 39.55 5.60
CA THR D 666 10.10 39.60 6.55
C THR D 666 9.11 40.70 6.16
N THR D 667 7.83 40.35 6.15
CA THR D 667 6.75 41.30 5.91
C THR D 667 5.67 41.08 6.96
N ALA D 668 5.17 42.17 7.52
CA ALA D 668 4.22 42.11 8.63
C ALA D 668 2.85 42.59 8.19
N ASP D 669 1.81 41.92 8.67
CA ASP D 669 0.43 42.35 8.52
C ASP D 669 -0.19 42.45 9.91
N LEU D 670 -1.07 43.42 10.10
CA LEU D 670 -1.59 43.69 11.44
C LEU D 670 -3.06 44.10 11.36
N VAL D 671 -3.83 43.69 12.38
CA VAL D 671 -5.21 44.09 12.57
C VAL D 671 -5.40 44.55 14.00
N VAL D 672 -5.99 45.72 14.19
CA VAL D 672 -6.18 46.30 15.51
C VAL D 672 -7.62 46.63 15.82
N SER D 673 -8.51 46.78 14.83
CA SER D 673 -9.89 47.17 15.09
C SER D 673 -10.65 46.11 15.88
N ALA D 674 -10.19 44.86 15.85
CA ALA D 674 -10.87 43.80 16.59
C ALA D 674 -10.49 43.85 18.07
N GLN E 1 42.70 11.30 -24.87
CA GLN E 1 42.92 10.63 -26.15
C GLN E 1 43.18 9.14 -25.95
N GLU E 2 42.12 8.39 -25.67
CA GLU E 2 42.24 6.96 -25.44
C GLU E 2 42.61 6.24 -26.74
N LYS E 3 43.48 5.24 -26.64
CA LYS E 3 43.96 4.49 -27.78
C LYS E 3 43.91 3.00 -27.50
N LEU E 4 43.63 2.21 -28.53
CA LEU E 4 43.68 0.77 -28.47
C LEU E 4 44.57 0.25 -29.59
N VAL E 5 45.41 -0.73 -29.28
CA VAL E 5 46.37 -1.29 -30.22
C VAL E 5 46.26 -2.80 -30.20
N GLU E 6 46.14 -3.40 -31.39
CA GLU E 6 46.12 -4.85 -31.54
C GLU E 6 47.48 -5.33 -32.04
N SER E 7 47.86 -6.54 -31.61
CA SER E 7 49.11 -7.13 -32.05
C SER E 7 48.97 -8.64 -32.08
N GLY E 8 49.84 -9.28 -32.86
CA GLY E 8 49.87 -10.72 -32.99
C GLY E 8 49.37 -11.27 -34.31
N GLY E 9 49.01 -10.41 -35.26
CA GLY E 9 48.50 -10.86 -36.54
C GLY E 9 49.60 -11.01 -37.58
N GLY E 10 49.45 -12.02 -38.43
CA GLY E 10 50.42 -12.26 -39.48
C GLY E 10 50.12 -13.56 -40.19
N LEU E 11 50.95 -13.85 -41.18
CA LEU E 11 50.80 -15.08 -41.94
C LEU E 11 51.11 -16.29 -41.06
N VAL E 12 50.29 -17.32 -41.20
CA VAL E 12 50.43 -18.53 -40.38
C VAL E 12 49.88 -19.72 -41.16
N GLN E 13 50.51 -20.87 -40.98
CA GLN E 13 50.04 -22.09 -41.62
C GLN E 13 48.73 -22.55 -40.96
N PRO E 14 47.85 -23.20 -41.72
CA PRO E 14 46.61 -23.71 -41.12
C PRO E 14 46.88 -24.78 -40.08
N GLY E 15 45.99 -24.86 -39.09
CA GLY E 15 46.11 -25.83 -38.02
C GLY E 15 47.01 -25.43 -36.88
N GLY E 16 47.54 -24.20 -36.88
CA GLY E 16 48.44 -23.74 -35.85
C GLY E 16 47.71 -23.05 -34.71
N SER E 17 48.48 -22.32 -33.91
CA SER E 17 47.96 -21.59 -32.77
C SER E 17 48.38 -20.12 -32.88
N LEU E 18 47.47 -19.22 -32.54
CA LEU E 18 47.72 -17.79 -32.64
C LEU E 18 47.27 -17.09 -31.36
N ILE E 19 47.97 -16.01 -31.03
CA ILE E 19 47.66 -15.17 -29.89
C ILE E 19 47.46 -13.75 -30.38
N LEU E 20 46.35 -13.13 -29.96
CA LEU E 20 46.06 -11.74 -30.29
C LEU E 20 46.01 -10.96 -28.98
N SER E 21 46.79 -9.88 -28.92
CA SER E 21 46.89 -9.06 -27.72
C SER E 21 46.33 -7.67 -28.01
N CYS E 22 45.40 -7.22 -27.19
CA CYS E 22 44.82 -5.89 -27.29
C CYS E 22 45.24 -5.09 -26.06
N VAL E 23 45.87 -3.94 -26.30
CA VAL E 23 46.33 -3.07 -25.22
C VAL E 23 45.62 -1.72 -25.35
N GLY E 24 45.43 -1.07 -24.21
CA GLY E 24 44.71 0.19 -24.18
C GLY E 24 45.43 1.22 -23.33
N SER E 25 45.17 2.49 -23.64
CA SER E 25 45.76 3.59 -22.93
C SER E 25 44.78 4.75 -22.90
N GLY E 26 44.91 5.61 -21.90
CA GLY E 26 44.07 6.78 -21.75
C GLY E 26 42.74 6.53 -21.06
N PHE E 27 42.47 5.29 -20.63
CA PHE E 27 41.20 4.99 -19.98
C PHE E 27 41.43 3.90 -18.94
N THR E 28 40.51 3.80 -18.00
CA THR E 28 40.58 2.80 -16.94
C THR E 28 40.11 1.45 -17.51
N PHE E 29 41.04 0.52 -17.68
CA PHE E 29 40.72 -0.79 -18.22
C PHE E 29 39.99 -1.68 -17.23
N ILE E 30 39.89 -1.27 -15.97
CA ILE E 30 39.28 -2.12 -14.95
C ILE E 30 37.78 -2.25 -15.17
N THR E 31 37.10 -1.14 -15.46
CA THR E 31 35.64 -1.09 -15.47
C THR E 31 35.10 -1.09 -16.90
N TYR E 32 35.70 -1.89 -17.78
CA TYR E 32 35.22 -1.98 -19.15
C TYR E 32 35.39 -3.40 -19.66
N GLU E 33 34.46 -3.83 -20.50
CA GLU E 33 34.52 -5.13 -21.13
C GLU E 33 35.45 -5.08 -22.35
N ILE E 34 35.65 -6.24 -22.98
CA ILE E 34 36.44 -6.34 -24.20
C ILE E 34 35.75 -7.33 -25.12
N ASN E 35 35.32 -6.87 -26.29
CA ASN E 35 34.70 -7.71 -27.29
C ASN E 35 35.63 -7.83 -28.48
N TRP E 36 35.50 -8.93 -29.22
CA TRP E 36 36.30 -9.14 -30.42
C TRP E 36 35.38 -9.36 -31.61
N VAL E 37 35.57 -8.57 -32.64
CA VAL E 37 34.70 -8.57 -33.81
C VAL E 37 35.54 -8.93 -35.04
N ARG E 38 35.06 -9.90 -35.80
CA ARG E 38 35.75 -10.38 -37.00
C ARG E 38 35.03 -9.87 -38.24
N GLN E 39 35.79 -9.29 -39.16
CA GLN E 39 35.26 -8.80 -40.43
C GLN E 39 35.94 -9.56 -41.56
N ALA E 40 35.19 -10.40 -42.26
CA ALA E 40 35.72 -11.14 -43.40
C ALA E 40 35.86 -10.23 -44.61
N PRO E 41 36.81 -10.52 -45.50
CA PRO E 41 36.97 -9.70 -46.70
C PRO E 41 35.79 -9.87 -47.64
N GLY E 42 35.18 -8.75 -48.02
CA GLY E 42 34.02 -8.80 -48.90
C GLY E 42 32.76 -9.35 -48.27
N LYS E 43 32.68 -9.34 -46.94
CA LYS E 43 31.52 -9.85 -46.22
C LYS E 43 31.25 -8.96 -45.02
N GLY E 44 30.27 -9.34 -44.22
CA GLY E 44 29.88 -8.56 -43.06
C GLY E 44 30.73 -8.86 -41.84
N LEU E 45 30.38 -8.20 -40.75
CA LEU E 45 31.08 -8.33 -39.48
C LEU E 45 30.37 -9.35 -38.60
N GLU E 46 31.16 -10.04 -37.77
CA GLU E 46 30.62 -11.04 -36.86
C GLU E 46 31.15 -10.79 -35.45
N TRP E 47 30.35 -11.22 -34.47
CA TRP E 47 30.74 -11.19 -33.07
C TRP E 47 31.34 -12.53 -32.67
N LEU E 48 32.40 -12.49 -31.86
CA LEU E 48 33.18 -13.67 -31.54
C LEU E 48 33.09 -14.07 -30.08
N ALA E 49 33.41 -13.17 -29.14
CA ALA E 49 33.48 -13.56 -27.75
C ALA E 49 33.28 -12.34 -26.86
N VAL E 50 33.01 -12.61 -25.58
CA VAL E 50 32.84 -11.60 -24.56
C VAL E 50 33.63 -12.01 -23.33
N VAL E 51 34.34 -11.07 -22.73
CA VAL E 51 35.01 -11.27 -21.45
C VAL E 51 34.49 -10.24 -20.47
N SER E 52 34.22 -10.68 -19.24
CA SER E 52 33.59 -9.80 -18.25
C SER E 52 34.61 -8.79 -17.73
N LYS E 53 34.17 -7.99 -16.75
CA LYS E 53 35.03 -6.94 -16.21
C LYS E 53 36.25 -7.51 -15.51
N ILE E 54 36.07 -8.59 -14.75
CA ILE E 54 37.18 -9.21 -14.02
C ILE E 54 37.38 -10.66 -14.44
N GLY E 55 36.87 -11.05 -15.61
CA GLY E 55 37.12 -12.37 -16.15
C GLY E 55 36.35 -13.49 -15.51
N ASP E 56 35.35 -13.19 -14.67
CA ASP E 56 34.60 -14.26 -14.02
C ASP E 56 33.73 -15.02 -15.01
N ARG E 57 33.08 -14.31 -15.93
CA ARG E 57 32.17 -14.92 -16.90
C ARG E 57 32.65 -14.63 -18.31
N THR E 58 32.36 -15.57 -19.21
CA THR E 58 32.73 -15.44 -20.61
C THR E 58 31.67 -16.11 -21.48
N TYR E 59 31.62 -15.70 -22.74
CA TYR E 59 30.67 -16.25 -23.70
C TYR E 59 31.32 -16.26 -25.08
N TYR E 60 30.75 -17.07 -25.96
CA TYR E 60 31.31 -17.26 -27.30
C TYR E 60 30.18 -17.38 -28.31
N ALA E 61 30.54 -17.60 -29.57
CA ALA E 61 29.60 -17.79 -30.65
C ALA E 61 29.45 -19.27 -30.97
N HIS E 62 28.48 -19.57 -31.85
CA HIS E 62 28.16 -20.97 -32.14
C HIS E 62 29.23 -21.63 -32.99
N SER E 63 29.76 -20.92 -33.98
CA SER E 63 30.68 -21.50 -34.95
C SER E 63 32.14 -21.44 -34.53
N VAL E 64 32.46 -20.85 -33.39
CA VAL E 64 33.83 -20.72 -32.93
C VAL E 64 34.06 -21.27 -31.54
N ARG E 65 33.01 -21.67 -30.83
CA ARG E 65 33.18 -22.18 -29.47
C ARG E 65 33.95 -23.50 -29.48
N GLY E 66 34.82 -23.67 -28.49
CA GLY E 66 35.68 -24.84 -28.40
C GLY E 66 37.08 -24.62 -28.93
N ARG E 67 37.30 -23.56 -29.71
CA ARG E 67 38.62 -23.24 -30.23
C ARG E 67 39.14 -21.89 -29.79
N LEU E 68 38.29 -21.02 -29.26
CA LEU E 68 38.66 -19.67 -28.87
C LEU E 68 38.72 -19.57 -27.35
N THR E 69 39.78 -18.97 -26.84
CA THR E 69 39.97 -18.78 -25.40
C THR E 69 40.29 -17.31 -25.16
N ILE E 70 39.32 -16.56 -24.65
CA ILE E 70 39.52 -15.15 -24.33
C ILE E 70 39.94 -15.05 -22.87
N SER E 71 40.79 -14.08 -22.58
CA SER E 71 41.24 -13.87 -21.20
C SER E 71 41.66 -12.42 -21.04
N ARG E 72 41.76 -11.99 -19.79
CA ARG E 72 42.13 -10.64 -19.45
C ARG E 72 43.39 -10.63 -18.59
N ASP E 73 44.00 -9.46 -18.48
CA ASP E 73 45.11 -9.25 -17.55
C ASP E 73 45.05 -7.79 -17.13
N ASN E 74 44.54 -7.55 -15.92
CA ASN E 74 44.27 -6.21 -15.42
C ASN E 74 45.50 -5.56 -14.80
N SER E 75 46.62 -6.26 -14.72
CA SER E 75 47.83 -5.68 -14.13
C SER E 75 48.36 -4.55 -15.01
N GLN E 76 48.73 -4.88 -16.26
CA GLN E 76 49.15 -3.87 -17.22
C GLN E 76 48.13 -3.67 -18.34
N ASN E 77 46.87 -4.00 -18.09
CA ASN E 77 45.74 -3.63 -18.94
C ASN E 77 45.89 -4.19 -20.35
N THR E 78 45.88 -5.52 -20.44
CA THR E 78 46.01 -6.18 -21.73
C THR E 78 45.09 -7.38 -21.80
N ALA E 79 44.38 -7.52 -22.92
CA ALA E 79 43.46 -8.64 -23.15
C ALA E 79 44.07 -9.61 -24.15
N TYR E 80 43.99 -10.90 -23.85
CA TYR E 80 44.54 -11.96 -24.67
C TYR E 80 43.42 -12.76 -25.34
N LEU E 81 43.70 -13.23 -26.55
CA LEU E 81 42.80 -14.12 -27.28
C LEU E 81 43.63 -15.22 -27.91
N GLN E 82 43.49 -16.44 -27.40
CA GLN E 82 44.14 -17.61 -27.99
C GLN E 82 43.18 -18.29 -28.95
N MET E 83 43.69 -18.66 -30.13
CA MET E 83 42.87 -19.34 -31.12
C MET E 83 43.65 -20.48 -31.74
N ASN E 84 43.02 -21.65 -31.82
CA ASN E 84 43.66 -22.87 -32.30
C ASN E 84 42.80 -23.48 -33.40
N SER E 85 43.30 -24.58 -33.98
CA SER E 85 42.63 -25.27 -35.07
C SER E 85 42.34 -24.31 -36.23
N LEU E 86 43.42 -23.76 -36.77
CA LEU E 86 43.31 -22.75 -37.81
C LEU E 86 42.82 -23.37 -39.11
N ARG E 87 41.94 -22.66 -39.82
CA ARG E 87 41.52 -23.02 -41.16
C ARG E 87 41.59 -21.79 -42.07
N THR E 88 41.17 -21.98 -43.32
CA THR E 88 41.31 -20.92 -44.31
C THR E 88 40.33 -19.78 -44.08
N GLU E 89 39.16 -20.05 -43.51
CA GLU E 89 38.15 -19.02 -43.32
C GLU E 89 38.58 -17.97 -42.30
N ASP E 90 39.58 -18.26 -41.48
CA ASP E 90 40.03 -17.33 -40.45
C ASP E 90 40.63 -16.05 -41.02
N THR E 91 40.94 -16.01 -42.32
CA THR E 91 41.47 -14.80 -42.95
C THR E 91 40.45 -13.68 -42.83
N ALA E 92 40.75 -12.68 -42.02
CA ALA E 92 39.81 -11.58 -41.75
C ALA E 92 40.56 -10.45 -41.06
N ARG E 93 39.80 -9.47 -40.59
CA ARG E 93 40.32 -8.37 -39.77
C ARG E 93 39.66 -8.44 -38.41
N TYR E 94 40.47 -8.51 -37.35
CA TYR E 94 39.97 -8.62 -35.99
C TYR E 94 40.07 -7.26 -35.30
N TYR E 95 39.01 -6.88 -34.60
CA TYR E 95 38.94 -5.60 -33.91
C TYR E 95 38.61 -5.87 -32.45
N CYS E 96 39.44 -5.35 -31.55
CA CYS E 96 39.14 -5.39 -30.13
C CYS E 96 38.45 -4.09 -29.74
N VAL E 97 37.27 -4.21 -29.13
CA VAL E 97 36.42 -3.05 -28.90
C VAL E 97 35.98 -3.02 -27.45
N ARG E 98 35.66 -1.81 -26.98
CA ARG E 98 35.14 -1.57 -25.65
C ARG E 98 33.61 -1.55 -25.70
N ALA E 99 32.98 -1.53 -24.54
CA ALA E 99 31.52 -1.53 -24.50
C ALA E 99 31.03 -1.04 -23.15
N TRP E 100 29.85 -0.42 -23.17
CA TRP E 100 29.10 -0.08 -21.97
C TRP E 100 27.96 -1.08 -21.81
N CYS E 101 27.07 -0.82 -20.85
CA CYS E 101 25.91 -1.69 -20.60
C CYS E 101 24.66 -0.82 -20.50
N ALA E 102 24.04 -0.56 -21.64
CA ALA E 102 22.71 0.03 -21.72
C ALA E 102 21.78 -1.00 -22.32
N THR E 103 20.60 -1.17 -21.71
CA THR E 103 19.71 -2.29 -22.03
C THR E 103 20.46 -3.60 -21.89
N THR E 104 20.79 -4.23 -23.01
CA THR E 104 21.61 -5.43 -22.98
C THR E 104 23.01 -5.09 -22.48
N CYS E 105 23.57 -5.96 -21.64
CA CYS E 105 24.86 -5.69 -21.00
C CYS E 105 25.96 -6.65 -21.44
N LEU E 106 25.73 -7.96 -21.29
CA LEU E 106 26.81 -8.92 -21.58
C LEU E 106 27.27 -8.91 -23.03
N PRO E 107 26.41 -8.98 -24.05
CA PRO E 107 26.92 -8.93 -25.42
C PRO E 107 27.41 -7.55 -25.84
N GLY E 108 27.04 -6.50 -25.11
CA GLY E 108 27.45 -5.16 -25.45
C GLY E 108 26.44 -4.45 -26.33
N ASP E 109 26.18 -3.18 -26.04
CA ASP E 109 25.20 -2.41 -26.79
C ASP E 109 25.80 -1.17 -27.45
N ILE E 110 26.66 -0.44 -26.75
CA ILE E 110 27.15 0.84 -27.24
C ILE E 110 28.37 0.65 -28.15
N MET E 111 29.38 -0.09 -27.68
CA MET E 111 30.58 -0.40 -28.46
C MET E 111 31.31 0.87 -28.89
N ASP E 112 31.74 1.64 -27.89
CA ASP E 112 32.56 2.81 -28.15
C ASP E 112 33.99 2.40 -28.47
N LEU E 113 34.67 3.28 -29.22
CA LEU E 113 36.13 3.24 -29.38
C LEU E 113 36.59 1.90 -29.97
N TRP E 114 36.18 1.67 -31.22
CA TRP E 114 36.73 0.55 -31.97
C TRP E 114 38.22 0.76 -32.19
N GLY E 115 38.97 -0.32 -32.15
CA GLY E 115 40.38 -0.27 -32.46
C GLY E 115 40.64 -0.24 -33.94
N PRO E 116 41.87 0.09 -34.32
CA PRO E 116 42.23 0.06 -35.75
C PRO E 116 42.07 -1.31 -36.38
N GLY E 117 42.25 -2.38 -35.62
CA GLY E 117 42.11 -3.72 -36.15
C GLY E 117 43.41 -4.26 -36.72
N VAL E 118 43.50 -5.59 -36.74
CA VAL E 118 44.68 -6.29 -37.25
C VAL E 118 44.23 -7.37 -38.22
N GLY E 119 44.92 -7.48 -39.35
CA GLY E 119 44.58 -8.46 -40.36
C GLY E 119 45.31 -9.77 -40.14
N VAL E 120 44.57 -10.86 -40.15
CA VAL E 120 45.11 -12.20 -39.96
C VAL E 120 44.76 -13.04 -41.18
N ILE E 121 45.77 -13.70 -41.75
CA ILE E 121 45.60 -14.53 -42.93
C ILE E 121 46.21 -15.90 -42.68
N VAL E 122 45.78 -16.87 -43.48
CA VAL E 122 46.26 -18.23 -43.36
C VAL E 122 47.38 -18.49 -44.36
N THR F 1 19.56 -13.06 -41.52
CA THR F 1 20.54 -12.14 -42.07
C THR F 1 19.98 -10.73 -42.17
N VAL F 2 20.82 -9.79 -42.59
CA VAL F 2 20.44 -8.38 -42.71
C VAL F 2 20.71 -7.94 -44.15
N ILE F 3 19.69 -7.36 -44.77
CA ILE F 3 19.77 -6.87 -46.14
C ILE F 3 20.00 -5.36 -46.10
N HIS F 4 20.96 -4.89 -46.90
CA HIS F 4 21.30 -3.48 -46.93
C HIS F 4 21.83 -3.17 -48.32
N GLU F 5 21.79 -1.89 -48.69
CA GLU F 5 22.08 -1.50 -50.06
C GLU F 5 23.51 -1.85 -50.45
N PRO F 6 23.74 -2.22 -51.72
CA PRO F 6 25.12 -2.46 -52.18
C PRO F 6 25.92 -1.20 -52.37
N ALA F 7 25.29 -0.16 -52.91
CA ALA F 7 25.98 1.09 -53.20
C ALA F 7 24.97 2.23 -53.24
N MET F 8 25.48 3.45 -53.15
CA MET F 8 24.61 4.63 -53.09
C MET F 8 25.46 5.87 -53.40
N SER F 9 24.82 6.85 -54.05
CA SER F 9 25.48 8.09 -54.42
C SER F 9 24.64 9.28 -53.95
N LEU F 10 25.32 10.42 -53.78
CA LEU F 10 24.67 11.64 -53.34
C LEU F 10 25.36 12.84 -53.96
N SER F 11 24.57 13.87 -54.27
CA SER F 11 25.13 15.14 -54.72
C SER F 11 25.54 15.99 -53.51
N PRO F 12 26.52 16.87 -53.68
CA PRO F 12 26.94 17.73 -52.56
C PRO F 12 25.80 18.62 -52.09
N GLY F 13 25.70 18.78 -50.77
CA GLY F 13 24.68 19.61 -50.19
C GLY F 13 23.28 19.03 -50.20
N GLY F 14 23.12 17.78 -50.65
CA GLY F 14 21.81 17.16 -50.73
C GLY F 14 21.48 16.35 -49.50
N THR F 15 20.36 15.62 -49.59
CA THR F 15 19.87 14.77 -48.52
C THR F 15 19.84 13.33 -49.00
N ASP F 16 20.35 12.42 -48.19
CA ASP F 16 20.43 11.01 -48.54
C ASP F 16 19.77 10.16 -47.46
N THR F 17 19.26 9.01 -47.88
CA THR F 17 18.64 8.05 -46.98
C THR F 17 19.19 6.65 -47.23
N LEU F 18 19.32 5.88 -46.16
CA LEU F 18 19.82 4.52 -46.22
C LEU F 18 18.90 3.61 -45.42
N THR F 19 18.67 2.41 -45.93
CA THR F 19 17.72 1.47 -45.34
C THR F 19 18.39 0.16 -44.99
N CYS F 20 18.05 -0.35 -43.81
CA CYS F 20 18.53 -1.64 -43.31
C CYS F 20 17.31 -2.49 -42.98
N ALA F 21 17.28 -3.73 -43.46
CA ALA F 21 16.07 -4.54 -43.33
C ALA F 21 16.42 -5.98 -42.97
N PHE F 22 15.41 -6.72 -42.54
CA PHE F 22 15.54 -8.14 -42.27
C PHE F 22 15.17 -8.95 -43.51
N SER F 23 15.50 -10.24 -43.46
CA SER F 23 15.17 -11.13 -44.58
C SER F 23 13.68 -11.37 -44.67
N SER F 24 13.03 -11.71 -43.54
CA SER F 24 11.62 -12.04 -43.53
C SER F 24 10.81 -11.14 -42.60
N GLY F 25 11.26 -10.94 -41.37
CA GLY F 25 10.48 -10.21 -40.39
C GLY F 25 10.62 -8.71 -40.51
N SER F 26 9.97 -8.02 -39.58
CA SER F 26 9.99 -6.56 -39.53
C SER F 26 11.05 -6.09 -38.54
N ILE F 27 11.10 -4.79 -38.30
CA ILE F 27 12.07 -4.19 -37.38
C ILE F 27 11.32 -3.29 -36.40
N THR F 28 11.61 -3.49 -35.11
CA THR F 28 11.00 -2.64 -34.04
C THR F 28 12.12 -2.11 -33.14
N ASN F 29 11.75 -1.49 -32.01
CA ASN F 29 12.75 -0.95 -31.04
C ASN F 29 13.57 -2.09 -30.43
N ASN F 30 12.94 -3.26 -30.21
CA ASN F 30 13.63 -4.39 -29.52
C ASN F 30 14.85 -4.86 -30.31
N ASN F 31 14.83 -4.71 -31.63
CA ASN F 31 15.97 -5.17 -32.49
C ASN F 31 17.24 -4.37 -32.19
N TYR F 32 17.12 -3.14 -31.67
CA TYR F 32 18.30 -2.29 -31.31
C TYR F 32 19.13 -1.98 -32.56
N PRO F 33 18.67 -1.19 -33.57
CA PRO F 33 19.53 -0.84 -34.72
C PRO F 33 20.67 0.07 -34.29
N SER F 34 21.80 -0.10 -34.96
CA SER F 34 22.98 0.73 -34.70
C SER F 34 23.69 1.03 -36.01
N TRP F 35 24.04 2.29 -36.21
CA TRP F 35 24.72 2.75 -37.42
C TRP F 35 26.11 3.23 -37.08
N PHE F 36 27.11 2.70 -37.79
CA PHE F 36 28.51 3.06 -37.66
C PHE F 36 28.97 3.80 -38.91
N GLN F 37 30.27 4.09 -38.95
CA GLN F 37 30.92 4.54 -40.17
C GLN F 37 32.35 4.04 -40.15
N GLN F 38 32.90 3.79 -41.33
CA GLN F 38 34.25 3.21 -41.44
C GLN F 38 34.97 3.86 -42.61
N THR F 39 35.71 4.93 -42.32
CA THR F 39 36.60 5.49 -43.30
C THR F 39 37.76 4.52 -43.53
N PRO F 40 38.37 4.54 -44.73
CA PRO F 40 39.52 3.66 -44.97
C PRO F 40 40.65 3.95 -44.00
N ARG F 41 41.36 2.89 -43.62
CA ARG F 41 42.50 2.87 -42.70
C ARG F 41 42.33 3.78 -41.47
N GLN F 42 41.09 3.96 -41.00
CA GLN F 42 40.82 4.54 -39.68
C GLN F 42 39.83 3.67 -38.93
N PRO F 43 39.87 3.69 -37.60
CA PRO F 43 38.97 2.85 -36.82
C PRO F 43 37.53 3.31 -36.98
N PRO F 44 36.57 2.39 -36.91
CA PRO F 44 35.16 2.78 -36.99
C PRO F 44 34.76 3.69 -35.84
N ARG F 45 33.82 4.59 -36.11
CA ARG F 45 33.33 5.55 -35.13
C ARG F 45 31.84 5.33 -34.93
N LEU F 46 31.43 5.18 -33.66
CA LEU F 46 30.02 5.02 -33.35
C LEU F 46 29.24 6.26 -33.75
N LEU F 47 28.11 6.06 -34.42
CA LEU F 47 27.23 7.16 -34.81
C LEU F 47 25.88 7.08 -34.10
N ILE F 48 25.15 5.97 -34.24
CA ILE F 48 23.81 5.85 -33.68
C ILE F 48 23.68 4.49 -33.01
N TYR F 49 23.79 4.44 -31.67
CA TYR F 49 23.87 3.13 -31.02
C TYR F 49 22.50 2.55 -30.67
N ASN F 50 21.55 3.35 -30.20
CA ASN F 50 20.16 2.92 -30.18
C ASN F 50 19.49 3.38 -31.48
N THR F 51 18.16 3.38 -31.52
CA THR F 51 17.45 3.80 -32.71
C THR F 51 17.78 5.25 -33.06
N ASN F 52 17.80 6.14 -32.06
CA ASN F 52 18.01 7.56 -32.30
C ASN F 52 19.07 8.19 -31.42
N ASN F 53 19.64 7.45 -30.48
CA ASN F 53 20.67 8.01 -29.61
C ASN F 53 21.99 8.16 -30.38
N ARG F 54 22.80 9.12 -29.94
CA ARG F 54 24.12 9.32 -30.50
C ARG F 54 25.08 9.71 -29.39
N PRO F 55 26.36 9.37 -29.51
CA PRO F 55 27.34 9.72 -28.50
C PRO F 55 27.82 11.16 -28.67
N THR F 56 28.67 11.59 -27.74
CA THR F 56 29.21 12.94 -27.77
C THR F 56 30.31 13.06 -28.82
N GLY F 57 30.47 14.27 -29.36
CA GLY F 57 31.50 14.56 -30.33
C GLY F 57 31.12 14.28 -31.77
N VAL F 58 29.96 13.68 -32.02
CA VAL F 58 29.50 13.38 -33.38
C VAL F 58 28.71 14.58 -33.89
N PRO F 59 28.94 15.03 -35.12
CA PRO F 59 28.19 16.19 -35.63
C PRO F 59 26.69 15.92 -35.66
N SER F 60 25.93 16.97 -35.39
CA SER F 60 24.47 16.88 -35.25
C SER F 60 23.74 16.87 -36.59
N ARG F 61 24.43 16.63 -37.69
CA ARG F 61 23.79 16.52 -39.00
C ARG F 61 23.33 15.10 -39.31
N PHE F 62 23.55 14.16 -38.40
CA PHE F 62 23.10 12.78 -38.56
C PHE F 62 21.76 12.57 -37.86
N SER F 63 21.05 11.54 -38.29
CA SER F 63 19.75 11.20 -37.72
C SER F 63 19.56 9.70 -37.84
N GLY F 64 18.32 9.24 -37.70
CA GLY F 64 18.01 7.84 -37.82
C GLY F 64 16.76 7.44 -37.04
N ALA F 65 15.94 6.59 -37.63
CA ALA F 65 14.68 6.17 -37.00
C ALA F 65 14.25 4.85 -37.63
N ILE F 66 12.99 4.48 -37.38
CA ILE F 66 12.39 3.28 -37.97
C ILE F 66 11.23 3.72 -38.85
N SER F 67 11.28 3.32 -40.11
CA SER F 67 10.23 3.66 -41.07
C SER F 67 10.02 2.47 -42.00
N GLY F 68 8.75 2.17 -42.25
CA GLY F 68 8.39 1.09 -43.16
C GLY F 68 8.99 -0.26 -42.80
N ASN F 69 9.02 -0.57 -41.51
CA ASN F 69 9.63 -1.80 -41.00
C ASN F 69 11.10 -1.90 -41.38
N LYS F 70 11.77 -0.75 -41.50
CA LYS F 70 13.19 -0.71 -41.82
C LYS F 70 13.88 0.30 -40.92
N ALA F 71 15.19 0.13 -40.75
CA ALA F 71 16.00 1.10 -40.04
C ALA F 71 16.53 2.13 -41.04
N ALA F 72 16.18 3.39 -40.86
CA ALA F 72 16.49 4.44 -41.82
C ALA F 72 17.50 5.40 -41.22
N LEU F 73 18.56 5.67 -41.98
CA LEU F 73 19.58 6.65 -41.63
C LEU F 73 19.53 7.78 -42.63
N THR F 74 19.31 9.01 -42.16
CA THR F 74 19.15 10.17 -43.03
C THR F 74 20.29 11.14 -42.79
N ILE F 75 20.93 11.58 -43.87
CA ILE F 75 22.02 12.55 -43.81
C ILE F 75 21.56 13.80 -44.54
N THR F 76 21.63 14.94 -43.86
CA THR F 76 21.23 16.22 -44.42
C THR F 76 22.40 17.19 -44.35
N GLY F 77 22.59 17.95 -45.43
CA GLY F 77 23.73 18.85 -45.51
C GLY F 77 25.07 18.15 -45.49
N ALA F 78 25.18 17.07 -46.28
CA ALA F 78 26.41 16.29 -46.30
C ALA F 78 27.56 17.09 -46.92
N GLN F 79 28.75 16.93 -46.33
CA GLN F 79 29.95 17.57 -46.85
C GLN F 79 30.64 16.64 -47.83
N ALA F 80 31.87 16.99 -48.23
CA ALA F 80 32.65 16.18 -49.16
C ALA F 80 33.56 15.20 -48.44
N ASN F 81 33.54 15.17 -47.11
CA ASN F 81 34.40 14.28 -46.34
C ASN F 81 33.72 12.97 -45.97
N ASP F 82 32.50 12.72 -46.47
CA ASP F 82 31.75 11.51 -46.16
C ASP F 82 32.07 10.36 -47.11
N GLU F 83 33.23 10.40 -47.77
CA GLU F 83 33.66 9.31 -48.65
C GLU F 83 34.11 8.15 -47.75
N ALA F 84 33.12 7.38 -47.29
CA ALA F 84 33.37 6.31 -46.35
C ALA F 84 32.36 5.19 -46.60
N ASP F 85 32.25 4.28 -45.65
CA ASP F 85 31.32 3.16 -45.72
C ASP F 85 30.34 3.24 -44.55
N TYR F 86 29.13 2.74 -44.80
CA TYR F 86 28.09 2.72 -43.77
C TYR F 86 27.45 1.34 -43.72
N PHE F 87 27.31 0.79 -42.51
CA PHE F 87 26.71 -0.53 -42.36
C PHE F 87 25.80 -0.56 -41.14
N CYS F 88 24.98 -1.61 -41.07
CA CYS F 88 23.92 -1.76 -40.09
C CYS F 88 24.11 -3.04 -39.29
N THR F 89 23.80 -2.98 -38.00
CA THR F 89 23.83 -4.14 -37.13
C THR F 89 22.55 -4.20 -36.29
N LEU F 90 22.16 -5.42 -35.93
CA LEU F 90 20.90 -5.65 -35.24
C LEU F 90 21.07 -6.75 -34.20
N TYR F 91 20.11 -6.78 -33.26
CA TYR F 91 20.18 -7.72 -32.12
C TYR F 91 18.97 -8.65 -32.17
N ILE F 92 19.20 -9.95 -32.32
CA ILE F 92 18.15 -10.96 -32.38
C ILE F 92 18.45 -12.05 -31.36
N SER F 93 17.44 -12.89 -31.14
CA SER F 93 17.46 -13.96 -30.13
C SER F 93 17.68 -13.31 -28.77
N ILE F 94 18.45 -13.93 -27.88
CA ILE F 94 18.77 -13.33 -26.60
C ILE F 94 20.21 -12.81 -26.53
N ALA F 95 21.14 -13.43 -27.27
CA ALA F 95 22.51 -12.98 -27.31
C ALA F 95 23.07 -13.07 -28.73
N ASP F 96 22.26 -12.71 -29.73
CA ASP F 96 22.67 -12.79 -31.13
C ASP F 96 22.84 -11.38 -31.68
N VAL F 97 24.02 -11.09 -32.21
CA VAL F 97 24.31 -9.81 -32.86
C VAL F 97 24.69 -10.10 -34.31
N ILE F 98 23.96 -9.50 -35.24
CA ILE F 98 24.17 -9.73 -36.67
C ILE F 98 24.47 -8.40 -37.33
N PHE F 99 25.62 -8.32 -38.00
CA PHE F 99 25.99 -7.12 -38.75
C PHE F 99 25.57 -7.26 -40.21
N GLY F 100 25.44 -6.13 -40.88
CA GLY F 100 25.01 -6.09 -42.26
C GLY F 100 26.11 -5.63 -43.22
N GLY F 101 25.72 -5.55 -44.49
CA GLY F 101 26.63 -5.11 -45.53
C GLY F 101 26.87 -3.62 -45.50
N GLY F 102 27.86 -3.18 -46.28
CA GLY F 102 28.30 -1.80 -46.29
C GLY F 102 28.01 -1.10 -47.61
N THR F 103 27.67 0.19 -47.51
CA THR F 103 27.50 1.07 -48.65
C THR F 103 28.71 1.99 -48.74
N HIS F 104 29.33 2.01 -49.93
CA HIS F 104 30.38 2.96 -50.27
C HIS F 104 29.72 4.22 -50.82
N LEU F 105 29.27 5.08 -49.92
CA LEU F 105 28.61 6.32 -50.31
C LEU F 105 29.58 7.20 -51.10
N THR F 106 29.10 7.76 -52.19
CA THR F 106 29.91 8.58 -53.10
C THR F 106 29.27 9.95 -53.24
N VAL F 107 30.08 11.00 -53.14
CA VAL F 107 29.63 12.37 -53.31
C VAL F 107 30.18 12.91 -54.62
N LEU F 108 29.30 13.38 -55.50
CA LEU F 108 29.70 13.89 -56.79
C LEU F 108 30.46 15.21 -56.65
N GLY G 118 -31.97 16.64 44.75
CA GLY G 118 -31.72 15.61 43.76
C GLY G 118 -32.97 15.10 43.09
N PHE G 119 -32.94 14.97 41.77
CA PHE G 119 -34.07 14.49 40.98
C PHE G 119 -33.69 13.19 40.30
N GLU G 120 -34.64 12.25 40.27
CA GLU G 120 -34.44 10.97 39.62
C GLU G 120 -35.57 10.70 38.64
N TYR G 121 -35.21 10.20 37.45
CA TYR G 121 -36.17 9.96 36.39
C TYR G 121 -36.67 8.52 36.50
N ASN G 122 -37.97 8.33 36.32
CA ASN G 122 -38.60 7.03 36.45
C ASN G 122 -39.09 6.50 35.11
N LYS G 123 -39.08 5.17 34.98
CA LYS G 123 -39.41 4.48 33.75
C LYS G 123 -40.91 4.20 33.66
N VAL G 124 -41.31 3.68 32.50
CA VAL G 124 -42.70 3.27 32.25
C VAL G 124 -42.68 2.21 31.16
N ARG G 125 -43.61 1.25 31.27
CA ARG G 125 -43.66 0.15 30.32
C ARG G 125 -44.89 0.23 29.43
N PRO G 126 -44.80 -0.25 28.19
CA PRO G 126 -45.97 -0.24 27.31
C PRO G 126 -47.06 -1.17 27.82
N HIS G 127 -48.31 -0.83 27.49
CA HIS G 127 -49.46 -1.60 27.93
C HIS G 127 -49.90 -2.64 26.91
N THR G 128 -49.59 -2.45 25.63
CA THR G 128 -50.00 -3.40 24.60
C THR G 128 -49.31 -4.76 24.79
N GLY G 129 -48.00 -4.74 25.00
CA GLY G 129 -47.25 -5.95 25.23
C GLY G 129 -46.84 -6.64 23.94
N THR G 130 -45.77 -7.44 24.06
CA THR G 130 -45.19 -8.21 22.96
C THR G 130 -44.92 -7.32 21.75
N PRO G 131 -43.96 -6.41 21.83
CA PRO G 131 -43.65 -5.57 20.67
C PRO G 131 -43.11 -6.39 19.51
N THR G 132 -43.50 -6.00 18.29
CA THR G 132 -43.06 -6.67 17.07
C THR G 132 -42.60 -5.63 16.06
N LEU G 133 -41.64 -6.01 15.24
CA LEU G 133 -41.13 -5.12 14.21
C LEU G 133 -42.18 -4.94 13.11
N GLY G 134 -42.24 -3.73 12.56
CA GLY G 134 -43.16 -3.44 11.49
C GLY G 134 -44.61 -3.32 11.88
N ASN G 135 -44.90 -3.06 13.15
CA ASN G 135 -46.26 -2.90 13.63
C ASN G 135 -46.36 -1.67 14.52
N LYS G 136 -47.57 -1.13 14.61
CA LYS G 136 -47.80 0.08 15.38
C LYS G 136 -47.87 -0.24 16.87
N LEU G 137 -47.25 0.63 17.67
CA LEU G 137 -47.20 0.47 19.12
C LEU G 137 -47.73 1.73 19.79
N THR G 138 -48.66 1.56 20.73
CA THR G 138 -49.26 2.66 21.46
C THR G 138 -48.77 2.64 22.90
N PHE G 139 -48.11 3.72 23.31
CA PHE G 139 -47.53 3.83 24.64
C PHE G 139 -48.27 4.91 25.43
N GLY G 140 -48.49 4.65 26.71
CA GLY G 140 -49.29 5.54 27.54
C GLY G 140 -48.65 6.87 27.87
N ILE G 141 -47.59 6.84 28.66
CA ILE G 141 -46.97 8.04 29.25
C ILE G 141 -48.09 8.84 29.91
N PRO G 142 -48.94 8.22 30.74
CA PRO G 142 -50.20 8.88 31.12
C PRO G 142 -50.07 10.13 31.95
N GLN G 143 -49.46 10.03 33.13
CA GLN G 143 -49.52 11.14 34.09
C GLN G 143 -48.25 11.34 34.91
N TYR G 144 -47.19 10.58 34.70
CA TYR G 144 -46.06 10.60 35.60
C TYR G 144 -45.23 11.86 35.34
N GLY G 145 -45.21 12.77 36.31
CA GLY G 145 -44.42 13.98 36.20
C GLY G 145 -45.25 15.25 36.19
N ASP G 146 -44.97 16.16 37.12
CA ASP G 146 -45.64 17.45 37.11
C ASP G 146 -45.31 18.22 35.84
N PHE G 147 -44.04 18.21 35.43
CA PHE G 147 -43.59 18.78 34.17
C PHE G 147 -42.73 17.76 33.46
N PHE G 148 -42.86 17.69 32.14
CA PHE G 148 -42.12 16.74 31.33
C PHE G 148 -41.53 17.44 30.12
N HIS G 149 -40.44 16.87 29.60
CA HIS G 149 -39.76 17.40 28.43
C HIS G 149 -39.36 16.21 27.55
N ASP G 150 -38.46 16.46 26.60
CA ASP G 150 -38.16 15.49 25.54
C ASP G 150 -37.85 14.11 26.09
N MET G 151 -38.51 13.10 25.52
CA MET G 151 -38.46 11.74 26.01
C MET G 151 -37.28 10.98 25.43
N VAL G 152 -36.95 9.86 26.07
CA VAL G 152 -35.89 8.97 25.62
C VAL G 152 -36.43 7.55 25.61
N GLY G 153 -36.17 6.82 24.52
CA GLY G 153 -36.65 5.46 24.42
C GLY G 153 -35.53 4.45 24.20
N HIS G 154 -35.38 3.50 25.11
CA HIS G 154 -34.39 2.44 24.96
C HIS G 154 -34.93 1.35 24.04
N HIS G 155 -34.01 0.69 23.35
CA HIS G 155 -34.36 -0.44 22.49
C HIS G 155 -33.15 -1.35 22.39
N ILE G 156 -33.25 -2.55 22.95
CA ILE G 156 -32.18 -3.53 22.91
C ILE G 156 -32.51 -4.53 21.80
N LEU G 157 -31.63 -4.62 20.81
CA LEU G 157 -31.87 -5.48 19.66
C LEU G 157 -31.37 -6.88 19.97
N GLY G 158 -31.36 -7.75 18.96
CA GLY G 158 -30.98 -9.14 19.17
C GLY G 158 -29.91 -9.64 18.22
N ALA G 159 -29.79 -10.96 18.12
CA ALA G 159 -28.79 -11.55 17.24
C ALA G 159 -29.15 -11.31 15.78
N CYS G 160 -28.14 -11.44 14.90
CA CYS G 160 -28.33 -11.17 13.49
C CYS G 160 -27.62 -12.21 12.63
N HIS G 161 -27.48 -13.43 13.10
CA HIS G 161 -26.85 -14.48 12.31
C HIS G 161 -27.74 -14.84 11.12
N SER G 162 -27.11 -15.03 9.96
CA SER G 162 -27.83 -15.36 8.75
C SER G 162 -28.00 -16.87 8.62
N SER G 163 -28.65 -17.29 7.54
CA SER G 163 -28.90 -18.70 7.29
C SER G 163 -27.77 -19.33 6.50
N TRP G 164 -27.57 -20.63 6.71
CA TRP G 164 -26.55 -21.36 5.99
C TRP G 164 -26.98 -21.57 4.54
N GLN G 165 -26.00 -21.58 3.63
CA GLN G 165 -26.25 -21.75 2.22
C GLN G 165 -25.29 -22.78 1.65
N ASP G 166 -25.51 -23.14 0.38
CA ASP G 166 -24.76 -24.18 -0.30
C ASP G 166 -23.91 -23.56 -1.40
N ALA G 167 -22.69 -24.07 -1.55
CA ALA G 167 -21.79 -23.55 -2.58
C ALA G 167 -22.31 -23.90 -3.97
N PRO G 168 -22.08 -23.03 -4.95
CA PRO G 168 -22.57 -23.29 -6.30
C PRO G 168 -21.70 -24.32 -7.03
N ILE G 169 -22.17 -24.71 -8.22
CA ILE G 169 -21.45 -25.62 -9.08
C ILE G 169 -20.81 -24.80 -10.20
N GLN G 170 -19.75 -25.36 -10.79
CA GLN G 170 -18.93 -24.61 -11.74
C GLN G 170 -19.72 -24.12 -12.95
N GLY G 171 -20.85 -24.75 -13.27
CA GLY G 171 -21.67 -24.31 -14.37
C GLY G 171 -22.93 -23.56 -14.01
N THR G 172 -23.18 -23.32 -12.72
CA THR G 172 -24.43 -22.73 -12.29
C THR G 172 -24.55 -21.27 -12.73
N SER G 173 -25.76 -20.86 -13.09
CA SER G 173 -26.09 -19.50 -13.48
C SER G 173 -27.38 -19.05 -12.80
N GLN G 174 -27.45 -19.26 -11.49
CA GLN G 174 -28.69 -19.03 -10.75
C GLN G 174 -29.06 -17.54 -10.76
N MET G 175 -30.37 -17.28 -10.69
CA MET G 175 -30.85 -15.91 -10.60
C MET G 175 -30.44 -15.29 -9.28
N GLY G 176 -30.10 -13.99 -9.33
CA GLY G 176 -29.66 -13.25 -8.17
C GLY G 176 -30.75 -12.37 -7.59
N ALA G 177 -30.32 -11.31 -6.91
CA ALA G 177 -31.22 -10.37 -6.28
C ALA G 177 -31.33 -9.09 -7.09
N HIS G 178 -32.44 -8.38 -6.88
CA HIS G 178 -32.71 -7.10 -7.54
C HIS G 178 -32.71 -7.22 -9.06
N GLY G 179 -33.02 -8.41 -9.57
CA GLY G 179 -33.08 -8.64 -11.00
C GLY G 179 -31.74 -8.81 -11.68
N GLN G 180 -30.64 -8.81 -10.93
CA GLN G 180 -29.30 -8.95 -11.50
C GLN G 180 -28.88 -10.41 -11.44
N LEU G 181 -28.44 -10.95 -12.58
CA LEU G 181 -28.04 -12.34 -12.65
C LEU G 181 -26.65 -12.52 -12.05
N GLN G 182 -26.49 -13.54 -11.21
CA GLN G 182 -25.22 -13.91 -10.62
C GLN G 182 -24.76 -15.22 -11.22
N THR G 183 -23.55 -15.24 -11.77
CA THR G 183 -23.05 -16.38 -12.51
C THR G 183 -21.74 -16.87 -11.91
N PHE G 184 -21.50 -18.18 -12.07
CA PHE G 184 -20.23 -18.82 -11.72
C PHE G 184 -19.64 -19.31 -13.03
N PRO G 185 -18.78 -18.54 -13.67
CA PRO G 185 -18.33 -18.88 -15.02
C PRO G 185 -17.49 -20.14 -15.05
N ARG G 186 -17.54 -20.82 -16.19
CA ARG G 186 -16.74 -22.00 -16.43
C ARG G 186 -15.29 -21.60 -16.72
N ASN G 187 -14.41 -22.60 -16.70
CA ASN G 187 -13.01 -22.35 -17.02
C ASN G 187 -12.87 -22.00 -18.50
N GLY G 188 -12.14 -20.93 -18.79
CA GLY G 188 -11.91 -20.53 -20.16
C GLY G 188 -12.98 -19.63 -20.75
N TYR G 189 -13.81 -19.00 -19.93
CA TYR G 189 -14.84 -18.10 -20.40
C TYR G 189 -14.79 -16.80 -19.61
N ASP G 190 -15.48 -15.79 -20.11
CA ASP G 190 -15.58 -14.50 -19.44
C ASP G 190 -16.58 -14.60 -18.29
N TRP G 191 -16.99 -13.46 -17.73
CA TRP G 191 -18.01 -13.48 -16.69
C TRP G 191 -19.31 -14.07 -17.21
N ASP G 192 -19.70 -13.70 -18.43
CA ASP G 192 -20.79 -14.38 -19.10
C ASP G 192 -20.34 -15.75 -19.56
N ASN G 193 -21.31 -16.66 -19.72
CA ASN G 193 -21.02 -18.03 -20.13
C ASN G 193 -21.10 -18.22 -21.64
N GLN G 194 -20.93 -17.15 -22.42
CA GLN G 194 -20.98 -17.24 -23.87
C GLN G 194 -19.67 -16.88 -24.54
N THR G 195 -19.11 -15.71 -24.26
CA THR G 195 -17.90 -15.26 -24.93
C THR G 195 -16.69 -16.02 -24.40
N PRO G 196 -15.91 -16.68 -25.26
CA PRO G 196 -14.72 -17.38 -24.79
C PRO G 196 -13.59 -16.43 -24.45
N LEU G 197 -12.95 -16.67 -23.31
CA LEU G 197 -11.83 -15.87 -22.84
C LEU G 197 -10.63 -16.80 -22.62
N GLU G 198 -9.48 -16.41 -23.16
CA GLU G 198 -8.28 -17.24 -23.07
C GLU G 198 -7.66 -17.15 -21.68
N GLY G 199 -7.33 -18.31 -21.11
CA GLY G 199 -6.59 -18.37 -19.86
C GLY G 199 -7.28 -17.78 -18.65
N ALA G 200 -8.55 -18.09 -18.44
CA ALA G 200 -9.30 -17.64 -17.27
C ALA G 200 -9.65 -18.83 -16.40
N VAL G 201 -9.29 -18.75 -15.11
CA VAL G 201 -9.55 -19.83 -14.15
C VAL G 201 -10.29 -19.23 -12.97
N TYR G 202 -11.35 -19.93 -12.52
CA TYR G 202 -12.20 -19.41 -11.46
C TYR G 202 -12.15 -20.31 -10.23
N THR G 203 -12.33 -19.69 -9.06
CA THR G 203 -12.29 -20.40 -7.78
C THR G 203 -13.21 -19.67 -6.82
N LEU G 204 -13.67 -20.38 -5.79
CA LEU G 204 -14.51 -19.78 -4.76
C LEU G 204 -13.66 -19.46 -3.54
N VAL G 205 -13.87 -18.25 -2.97
CA VAL G 205 -13.09 -17.80 -1.83
C VAL G 205 -13.98 -17.08 -0.83
N ASP G 206 -13.61 -17.21 0.43
CA ASP G 206 -14.22 -16.42 1.50
C ASP G 206 -13.77 -14.96 1.37
N PRO G 207 -14.66 -13.98 1.61
CA PRO G 207 -14.24 -12.57 1.59
C PRO G 207 -12.97 -12.25 2.37
N PHE G 208 -12.61 -13.09 3.33
CA PHE G 208 -11.35 -12.93 4.05
C PHE G 208 -10.19 -13.69 3.41
N GLY G 209 -10.42 -14.35 2.29
CA GLY G 209 -9.37 -15.05 1.57
C GLY G 209 -9.34 -16.54 1.78
N ARG G 210 -10.14 -17.07 2.70
CA ARG G 210 -10.13 -18.51 2.95
C ARG G 210 -10.80 -19.25 1.81
N PRO G 211 -10.26 -20.41 1.40
CA PRO G 211 -10.91 -21.19 0.35
C PRO G 211 -12.26 -21.73 0.79
N ILE G 212 -13.16 -21.89 -0.17
CA ILE G 212 -14.48 -22.48 0.04
C ILE G 212 -14.66 -23.60 -0.96
N VAL G 213 -14.93 -24.80 -0.46
CA VAL G 213 -15.06 -25.98 -1.33
C VAL G 213 -16.41 -25.92 -2.05
N PRO G 214 -16.46 -26.12 -3.37
CA PRO G 214 -17.73 -26.07 -4.08
C PRO G 214 -18.57 -27.33 -3.88
N GLY G 215 -19.88 -27.16 -4.05
CA GLY G 215 -20.79 -28.29 -4.02
C GLY G 215 -20.99 -28.92 -2.66
N THR G 216 -20.63 -28.23 -1.58
CA THR G 216 -20.73 -28.77 -0.23
C THR G 216 -21.90 -28.12 0.50
N LYS G 217 -22.73 -28.95 1.13
CA LYS G 217 -23.87 -28.44 1.87
C LYS G 217 -23.42 -27.65 3.10
N ASN G 218 -24.05 -26.49 3.30
CA ASN G 218 -23.77 -25.61 4.43
C ASN G 218 -22.29 -25.20 4.44
N ALA G 219 -21.90 -24.50 3.37
CA ALA G 219 -20.50 -24.15 3.17
C ALA G 219 -20.16 -22.71 3.54
N TYR G 220 -21.13 -21.80 3.53
CA TYR G 220 -20.85 -20.40 3.82
C TYR G 220 -22.09 -19.74 4.41
N ARG G 221 -21.88 -18.57 5.01
CA ARG G 221 -22.95 -17.77 5.57
C ARG G 221 -22.80 -16.33 5.10
N ASN G 222 -23.92 -15.70 4.76
CA ASN G 222 -23.89 -14.31 4.32
C ASN G 222 -23.60 -13.39 5.49
N LEU G 223 -22.84 -12.33 5.24
CA LEU G 223 -22.56 -11.36 6.28
C LEU G 223 -23.76 -10.45 6.48
N VAL G 224 -24.00 -10.04 7.71
CA VAL G 224 -25.13 -9.19 8.07
C VAL G 224 -24.60 -7.88 8.62
N TYR G 225 -25.09 -6.76 8.09
CA TYR G 225 -24.67 -5.45 8.55
C TYR G 225 -25.86 -4.52 8.66
N TYR G 226 -25.84 -3.66 9.67
CA TYR G 226 -26.91 -2.70 9.88
C TYR G 226 -26.78 -1.52 8.92
N CYS G 227 -27.92 -0.95 8.56
CA CYS G 227 -27.90 0.25 7.73
C CYS G 227 -27.33 1.42 8.51
N GLU G 228 -26.83 2.42 7.78
CA GLU G 228 -26.28 3.60 8.40
C GLU G 228 -27.36 4.31 9.23
N TYR G 229 -27.00 4.69 10.45
CA TYR G 229 -27.92 5.27 11.42
C TYR G 229 -29.09 4.31 11.66
N PRO G 230 -28.83 3.11 12.21
CA PRO G 230 -29.93 2.16 12.41
C PRO G 230 -31.03 2.67 13.31
N GLY G 231 -30.69 3.47 14.32
CA GLY G 231 -31.69 3.99 15.22
C GLY G 231 -32.52 5.13 14.67
N GLU G 232 -32.10 5.70 13.54
CA GLU G 232 -32.86 6.81 12.97
C GLU G 232 -34.02 6.35 12.12
N ARG G 233 -33.87 5.22 11.43
CA ARG G 233 -34.97 4.64 10.65
C ARG G 233 -35.97 3.90 11.50
N LEU G 234 -35.69 3.69 12.80
CA LEU G 234 -36.60 2.95 13.65
C LEU G 234 -37.95 3.65 13.76
N TYR G 235 -37.93 4.97 13.93
CA TYR G 235 -39.17 5.74 14.10
C TYR G 235 -39.59 6.33 12.76
N GLU G 236 -40.12 5.45 11.90
CA GLU G 236 -40.57 5.89 10.59
C GLU G 236 -41.75 6.84 10.68
N ASN G 237 -42.55 6.74 11.73
CA ASN G 237 -43.69 7.63 11.92
C ASN G 237 -44.04 7.67 13.39
N VAL G 238 -44.29 8.87 13.92
CA VAL G 238 -44.68 9.02 15.31
C VAL G 238 -45.79 10.05 15.41
N ARG G 239 -46.80 9.73 16.22
CA ARG G 239 -47.98 10.54 16.45
C ARG G 239 -48.09 10.83 17.94
N PHE G 240 -48.30 12.10 18.28
CA PHE G 240 -48.53 12.54 19.64
C PHE G 240 -49.97 13.04 19.74
N ASP G 241 -50.81 12.28 20.44
CA ASP G 241 -52.24 12.54 20.49
C ASP G 241 -52.77 12.33 21.91
N VAL G 242 -53.87 13.02 22.20
CA VAL G 242 -54.57 12.93 23.48
C VAL G 242 -56.05 12.82 23.15
N ASN G 243 -56.57 11.58 23.14
CA ASN G 243 -57.98 11.31 22.87
C ASN G 243 -58.43 11.93 21.54
N GLY G 244 -57.80 11.46 20.47
CA GLY G 244 -58.09 12.00 19.14
C GLY G 244 -57.48 13.38 18.96
N ASN G 245 -57.73 13.95 17.78
CA ASN G 245 -57.19 15.24 17.40
C ASN G 245 -55.67 15.27 17.63
N SER G 246 -54.99 14.41 16.88
CA SER G 246 -53.56 14.17 17.09
C SER G 246 -52.77 15.47 17.02
N LEU G 247 -52.01 15.75 18.08
CA LEU G 247 -51.34 17.04 18.20
C LEU G 247 -50.10 17.13 17.32
N ASP G 248 -49.31 16.06 17.24
CA ASP G 248 -48.05 16.14 16.51
C ASP G 248 -47.85 14.93 15.60
N GLU G 249 -47.32 15.19 14.41
CA GLU G 249 -46.92 14.17 13.46
C GLU G 249 -45.48 14.42 13.04
N TYR G 250 -44.63 13.39 13.05
CA TYR G 250 -43.41 13.54 12.28
C TYR G 250 -42.81 12.17 11.98
N SER G 251 -41.72 12.19 11.21
CA SER G 251 -41.15 10.99 10.61
C SER G 251 -39.63 11.11 10.61
N SER G 252 -38.98 10.25 9.82
CA SER G 252 -37.52 10.16 9.84
C SER G 252 -36.85 11.31 9.09
N ASP G 253 -37.47 11.79 8.01
CA ASP G 253 -36.80 12.78 7.16
C ASP G 253 -36.61 14.11 7.90
N VAL G 254 -37.60 14.54 8.66
CA VAL G 254 -37.45 15.78 9.41
C VAL G 254 -36.38 15.64 10.49
N THR G 255 -36.28 14.45 11.10
CA THR G 255 -35.21 14.21 12.07
C THR G 255 -33.85 14.25 11.40
N THR G 256 -33.74 13.72 10.18
CA THR G 256 -32.48 13.79 9.45
C THR G 256 -32.11 15.23 9.14
N LEU G 257 -33.09 16.03 8.74
CA LEU G 257 -32.82 17.45 8.47
C LEU G 257 -32.35 18.16 9.73
N VAL G 258 -33.03 17.90 10.85
CA VAL G 258 -32.66 18.53 12.11
C VAL G 258 -31.25 18.11 12.52
N ARG G 259 -30.93 16.83 12.35
CA ARG G 259 -29.58 16.35 12.63
C ARG G 259 -28.54 17.07 11.78
N LYS G 260 -28.81 17.19 10.48
CA LYS G 260 -27.85 17.83 9.58
C LYS G 260 -27.69 19.31 9.88
N PHE G 261 -28.67 19.96 10.49
CA PHE G 261 -28.57 21.40 10.74
C PHE G 261 -28.51 21.78 12.21
N CYS G 262 -29.37 21.22 13.06
CA CYS G 262 -29.53 21.76 14.40
C CYS G 262 -28.37 21.42 15.32
N ILE G 263 -28.11 20.13 15.53
CA ILE G 263 -27.18 19.72 16.59
C ILE G 263 -25.78 20.22 16.28
N PRO G 264 -25.05 20.74 17.27
CA PRO G 264 -23.70 21.25 17.00
C PRO G 264 -22.72 20.14 16.68
N GLY G 265 -21.62 20.54 16.03
CA GLY G 265 -20.58 19.58 15.69
C GLY G 265 -19.79 19.09 16.88
N ASP G 266 -19.77 19.83 17.98
CA ASP G 266 -19.07 19.38 19.18
C ASP G 266 -19.83 18.25 19.87
N LYS G 267 -21.15 18.37 19.94
CA LYS G 267 -21.98 17.36 20.57
C LYS G 267 -22.32 16.24 19.59
N MET G 268 -21.31 15.68 18.94
CA MET G 268 -21.54 14.76 17.83
C MET G 268 -21.12 13.33 18.15
N THR G 269 -19.87 13.12 18.57
CA THR G 269 -19.34 11.76 18.70
C THR G 269 -20.20 10.92 19.62
N GLY G 270 -20.48 11.42 20.81
CA GLY G 270 -21.37 10.70 21.71
C GLY G 270 -22.76 10.52 21.14
N TYR G 271 -23.28 11.55 20.47
CA TYR G 271 -24.57 11.40 19.80
C TYR G 271 -24.49 10.35 18.70
N LYS G 272 -23.30 10.13 18.14
CA LYS G 272 -23.15 9.08 17.13
C LYS G 272 -23.22 7.69 17.76
N HIS G 273 -23.05 7.58 19.07
CA HIS G 273 -23.18 6.29 19.75
C HIS G 273 -24.62 6.00 20.14
N LEU G 274 -25.45 7.02 20.33
CA LEU G 274 -26.84 6.80 20.72
C LEU G 274 -27.62 6.11 19.61
N VAL G 275 -27.37 6.48 18.36
CA VAL G 275 -28.11 5.94 17.23
C VAL G 275 -27.38 4.75 16.60
N GLY G 276 -26.40 4.19 17.31
CA GLY G 276 -25.73 2.99 16.83
C GLY G 276 -24.91 3.15 15.56
N GLN G 277 -24.21 4.28 15.43
CA GLN G 277 -23.32 4.51 14.31
C GLN G 277 -21.87 4.45 14.79
N GLU G 278 -21.04 3.70 14.07
CA GLU G 278 -19.66 3.50 14.47
C GLU G 278 -18.87 4.81 14.39
N VAL G 279 -17.81 4.89 15.19
CA VAL G 279 -16.93 6.04 15.23
C VAL G 279 -15.50 5.57 14.97
N SER G 280 -14.73 6.43 14.32
CA SER G 280 -13.40 6.05 13.86
C SER G 280 -12.36 6.22 14.96
N VAL G 281 -11.34 5.37 14.92
CA VAL G 281 -10.20 5.42 15.83
C VAL G 281 -8.93 5.38 15.00
N GLU G 282 -7.88 6.03 15.50
CA GLU G 282 -6.65 6.21 14.75
C GLU G 282 -5.49 5.45 15.41
N GLY G 283 -4.61 4.91 14.57
CA GLY G 283 -3.41 4.27 15.03
C GLY G 283 -2.19 4.80 14.28
N THR G 284 -1.02 4.37 14.73
CA THR G 284 0.25 4.82 14.19
C THR G 284 1.00 3.65 13.55
N SER G 285 2.19 3.94 13.03
CA SER G 285 2.96 2.93 12.33
C SER G 285 4.45 2.95 12.67
N GLY G 286 4.86 3.63 13.72
CA GLY G 286 6.25 3.66 14.12
C GLY G 286 7.07 4.67 13.34
N PRO G 287 8.35 4.77 13.65
CA PRO G 287 9.19 5.78 13.00
C PRO G 287 9.47 5.43 11.55
N LEU G 288 9.62 6.48 10.73
CA LEU G 288 9.99 6.34 9.33
C LEU G 288 10.94 7.49 8.96
N LEU G 289 11.83 7.21 8.03
CA LEU G 289 12.89 8.15 7.65
C LEU G 289 12.45 8.94 6.42
N CYS G 290 12.67 10.26 6.46
CA CYS G 290 12.22 11.14 5.40
C CYS G 290 13.30 12.15 5.06
N ASN G 291 13.16 12.76 3.89
CA ASN G 291 14.07 13.81 3.44
C ASN G 291 13.35 15.16 3.48
N ILE G 292 14.09 16.20 3.83
CA ILE G 292 13.58 17.57 3.84
C ILE G 292 14.38 18.38 2.84
N HIS G 293 13.68 19.08 1.96
CA HIS G 293 14.30 19.87 0.90
C HIS G 293 14.24 21.36 1.26
N ASP G 294 15.35 22.05 1.06
CA ASP G 294 15.48 23.45 1.39
C ASP G 294 15.61 24.30 0.14
N LEU G 295 15.17 25.55 0.23
CA LEU G 295 15.24 26.51 -0.87
C LEU G 295 14.52 26.00 -2.11
N LEU G 351 17.30 14.94 6.53
CA LEU G 351 16.71 13.70 7.03
C LEU G 351 15.98 13.94 8.35
N ASP G 352 14.86 13.24 8.53
CA ASP G 352 14.04 13.42 9.71
C ASP G 352 13.25 12.15 9.98
N ILE G 353 12.65 12.08 11.16
CA ILE G 353 11.85 10.95 11.59
C ILE G 353 10.40 11.39 11.70
N ARG G 354 9.50 10.67 11.04
CA ARG G 354 8.07 10.99 11.04
C ARG G 354 7.26 9.73 11.30
N ARG G 355 6.00 9.94 11.69
CA ARG G 355 5.09 8.84 11.99
C ARG G 355 3.84 8.96 11.13
N ASN G 356 3.37 7.81 10.63
CA ASN G 356 2.18 7.75 9.81
C ASN G 356 0.95 7.50 10.68
N VAL G 357 -0.19 8.04 10.23
CA VAL G 357 -1.45 7.93 10.96
C VAL G 357 -2.47 7.23 10.06
N HIS G 358 -3.11 6.20 10.59
CA HIS G 358 -4.14 5.45 9.88
C HIS G 358 -5.44 5.51 10.66
N TYR G 359 -6.56 5.50 9.95
CA TYR G 359 -7.88 5.54 10.56
C TYR G 359 -8.65 4.27 10.23
N SER G 360 -9.31 3.72 11.23
CA SER G 360 -10.11 2.51 11.04
C SER G 360 -11.18 2.46 12.11
N CYS G 361 -12.23 1.70 11.83
CA CYS G 361 -13.36 1.63 12.75
C CYS G 361 -14.10 0.31 12.55
N ASN G 362 -14.89 -0.05 13.56
CA ASN G 362 -15.70 -1.25 13.53
C ASN G 362 -16.97 -1.02 14.33
N GLY G 363 -18.01 -1.77 14.02
CA GLY G 363 -19.27 -1.64 14.71
C GLY G 363 -20.43 -2.19 13.91
N PRO G 364 -21.63 -1.68 14.17
CA PRO G 364 -22.83 -2.19 13.47
C PRO G 364 -22.75 -2.04 11.96
N GLN G 365 -22.16 -0.96 11.45
CA GLN G 365 -22.06 -0.76 10.01
C GLN G 365 -21.02 -1.66 9.35
N THR G 366 -20.16 -2.30 10.13
CA THR G 366 -19.19 -3.23 9.57
C THR G 366 -19.83 -4.60 9.39
N PRO G 367 -19.82 -5.16 8.18
CA PRO G 367 -20.40 -6.50 7.98
C PRO G 367 -19.69 -7.54 8.82
N LYS G 368 -20.46 -8.22 9.68
CA LYS G 368 -19.92 -9.23 10.58
C LYS G 368 -20.80 -10.47 10.53
N TYR G 369 -20.19 -11.62 10.84
CA TYR G 369 -20.94 -12.87 10.88
C TYR G 369 -22.02 -12.83 11.94
N TYR G 370 -21.70 -12.30 13.12
CA TYR G 370 -22.60 -12.32 14.26
C TYR G 370 -22.59 -10.93 14.89
N GLN G 371 -23.77 -10.31 14.96
CA GLN G 371 -23.87 -8.95 15.46
C GLN G 371 -24.22 -8.96 16.95
N PRO G 372 -23.38 -8.41 17.81
CA PRO G 372 -23.78 -8.17 19.20
C PRO G 372 -25.09 -7.42 19.27
N PRO G 373 -25.90 -7.64 20.31
CA PRO G 373 -27.15 -6.89 20.44
C PRO G 373 -26.90 -5.40 20.59
N LEU G 374 -27.56 -4.60 19.76
CA LEU G 374 -27.41 -3.17 19.80
C LEU G 374 -28.20 -2.57 20.97
N ALA G 375 -27.96 -1.28 21.22
CA ALA G 375 -28.66 -0.55 22.29
C ALA G 375 -28.94 0.85 21.76
N LEU G 376 -30.13 1.04 21.21
CA LEU G 376 -30.56 2.36 20.74
C LEU G 376 -31.16 3.14 21.90
N TRP G 377 -30.79 4.41 21.99
CA TRP G 377 -31.25 5.27 23.07
C TRP G 377 -32.00 6.46 22.47
N ILE G 378 -32.95 6.16 21.58
CA ILE G 378 -33.47 7.14 20.65
C ILE G 378 -34.08 8.33 21.38
N LYS G 379 -33.87 9.52 20.82
CA LYS G 379 -34.36 10.77 21.39
C LYS G 379 -35.61 11.22 20.62
N LEU G 380 -36.57 11.80 21.34
CA LEU G 380 -37.80 12.30 20.75
C LEU G 380 -37.76 13.83 20.71
N ARG G 381 -38.17 14.38 19.57
CA ARG G 381 -38.13 15.82 19.33
C ARG G 381 -39.54 16.39 19.42
N PHE G 382 -39.65 17.57 20.03
CA PHE G 382 -40.93 18.25 20.14
C PHE G 382 -40.69 19.76 20.18
N TRP G 383 -41.74 20.52 19.85
CA TRP G 383 -41.62 21.97 19.84
C TRP G 383 -41.66 22.54 21.25
N PHE G 384 -42.44 21.94 22.14
CA PHE G 384 -42.60 22.42 23.51
C PHE G 384 -41.68 21.72 24.49
N ASN G 385 -40.86 20.78 24.03
CA ASN G 385 -39.93 20.06 24.90
C ASN G 385 -38.48 20.47 24.66
N GLU G 386 -38.26 21.69 24.18
CA GLU G 386 -36.91 22.22 24.00
C GLU G 386 -36.46 23.10 25.14
N ASN G 387 -37.39 23.65 25.92
CA ASN G 387 -37.07 24.48 27.07
C ASN G 387 -37.90 24.03 28.26
N VAL G 388 -37.32 24.16 29.46
CA VAL G 388 -38.02 23.74 30.67
C VAL G 388 -39.23 24.62 30.96
N ASN G 389 -39.18 25.89 30.54
CA ASN G 389 -40.29 26.81 30.79
C ASN G 389 -41.43 26.65 29.79
N LEU G 390 -41.22 25.93 28.70
CA LEU G 390 -42.25 25.74 27.69
C LEU G 390 -43.07 24.48 27.88
N ALA G 391 -42.82 23.72 28.94
CA ALA G 391 -43.56 22.48 29.18
C ALA G 391 -44.99 22.80 29.62
N ILE G 392 -45.95 22.14 29.00
CA ILE G 392 -47.37 22.33 29.32
C ILE G 392 -47.66 21.69 30.69
N PRO G 393 -48.58 22.25 31.47
CA PRO G 393 -48.89 21.62 32.76
C PRO G 393 -49.61 20.30 32.58
N SER G 394 -49.28 19.33 33.43
CA SER G 394 -49.89 18.02 33.35
C SER G 394 -51.31 18.00 33.91
N VAL G 395 -51.59 18.84 34.91
CA VAL G 395 -52.91 18.85 35.53
C VAL G 395 -53.96 19.42 34.57
N SER G 396 -53.61 20.48 33.84
CA SER G 396 -54.58 21.10 32.94
C SER G 396 -54.93 20.18 31.77
N ILE G 397 -53.93 19.55 31.17
CA ILE G 397 -54.14 18.66 30.02
C ILE G 397 -54.70 17.33 30.53
N PRO G 398 -55.48 16.61 29.71
CA PRO G 398 -55.98 15.30 30.15
C PRO G 398 -54.86 14.26 30.25
N PHE G 399 -54.57 13.80 31.46
CA PHE G 399 -53.46 12.87 31.65
C PHE G 399 -53.82 11.47 31.16
N GLY G 400 -55.04 11.02 31.41
CA GLY G 400 -55.41 9.65 31.08
C GLY G 400 -55.63 9.37 29.61
N GLU G 401 -55.66 10.41 28.78
CA GLU G 401 -55.97 10.25 27.37
C GLU G 401 -54.75 10.36 26.46
N ARG G 402 -53.57 10.66 27.00
CA ARG G 402 -52.37 10.75 26.19
C ARG G 402 -51.96 9.36 25.71
N PHE G 403 -51.72 9.23 24.41
CA PHE G 403 -51.33 7.94 23.84
C PHE G 403 -50.43 8.20 22.64
N ILE G 404 -49.15 7.91 22.79
CA ILE G 404 -48.16 8.17 21.74
C ILE G 404 -48.05 6.93 20.87
N THR G 405 -48.21 7.12 19.55
CA THR G 405 -48.17 6.02 18.60
C THR G 405 -46.85 6.05 17.83
N ILE G 406 -46.21 4.89 17.71
CA ILE G 406 -44.95 4.76 16.99
C ILE G 406 -45.08 3.62 15.99
N LYS G 407 -44.72 3.88 14.74
CA LYS G 407 -44.68 2.86 13.70
C LYS G 407 -43.24 2.37 13.57
N LEU G 408 -42.98 1.18 14.10
CA LEU G 408 -41.63 0.62 14.03
C LEU G 408 -41.29 0.25 12.59
N ALA G 409 -40.00 0.36 12.27
CA ALA G 409 -39.53 0.07 10.92
C ALA G 409 -39.62 -1.41 10.62
N SER G 410 -39.72 -1.72 9.32
CA SER G 410 -39.74 -3.11 8.89
C SER G 410 -38.39 -3.78 9.15
N GLN G 411 -38.43 -5.09 9.40
CA GLN G 411 -37.20 -5.82 9.68
C GLN G 411 -36.27 -5.84 8.48
N LYS G 412 -36.79 -5.66 7.26
CA LYS G 412 -35.97 -5.62 6.06
C LYS G 412 -35.38 -4.24 5.78
N ASP G 413 -35.69 -3.25 6.61
CA ASP G 413 -35.18 -1.90 6.39
C ASP G 413 -33.88 -1.62 7.13
N LEU G 414 -33.72 -2.18 8.33
CA LEU G 414 -32.52 -1.91 9.12
C LEU G 414 -31.35 -2.77 8.68
N VAL G 415 -31.50 -4.10 8.79
CA VAL G 415 -30.40 -5.00 8.49
C VAL G 415 -30.29 -5.20 6.98
N ASN G 416 -29.13 -5.69 6.55
CA ASN G 416 -28.91 -5.98 5.14
C ASN G 416 -27.82 -7.04 5.04
N GLU G 417 -27.73 -7.65 3.85
CA GLU G 417 -26.80 -8.74 3.59
C GLU G 417 -25.65 -8.26 2.71
N PHE G 418 -24.44 -8.65 3.07
CA PHE G 418 -23.20 -8.51 2.35
C PHE G 418 -22.70 -9.89 1.92
N PRO G 419 -22.22 -10.03 0.68
CA PRO G 419 -21.90 -11.36 0.16
C PRO G 419 -20.84 -12.05 1.02
N GLY G 420 -21.12 -13.31 1.33
CA GLY G 420 -20.19 -14.17 2.04
C GLY G 420 -19.40 -15.10 1.15
N LEU G 421 -19.44 -14.91 -0.17
CA LEU G 421 -18.73 -15.75 -1.11
C LEU G 421 -18.26 -14.89 -2.27
N PHE G 422 -17.06 -15.18 -2.77
CA PHE G 422 -16.47 -14.42 -3.87
C PHE G 422 -15.95 -15.38 -4.93
N VAL G 423 -16.07 -14.96 -6.19
CA VAL G 423 -15.62 -15.77 -7.33
C VAL G 423 -14.30 -15.16 -7.80
N ARG G 424 -13.20 -15.68 -7.27
CA ARG G 424 -11.88 -15.23 -7.67
C ARG G 424 -11.58 -15.69 -9.09
N GLN G 425 -11.08 -14.76 -9.90
CA GLN G 425 -10.72 -15.02 -11.29
C GLN G 425 -9.23 -14.75 -11.48
N SER G 426 -8.53 -15.70 -12.09
CA SER G 426 -7.11 -15.58 -12.36
C SER G 426 -6.88 -15.69 -13.87
N ARG G 427 -5.91 -14.94 -14.37
CA ARG G 427 -5.64 -14.87 -15.80
C ARG G 427 -4.17 -15.13 -16.07
N PHE G 428 -3.84 -15.19 -17.36
CA PHE G 428 -2.45 -15.26 -17.80
C PHE G 428 -2.39 -14.74 -19.23
N ILE G 429 -1.54 -13.74 -19.46
CA ILE G 429 -1.42 -13.11 -20.77
C ILE G 429 0.00 -13.33 -21.28
N ALA G 430 0.11 -13.88 -22.48
CA ALA G 430 1.41 -14.14 -23.07
C ALA G 430 2.07 -12.84 -23.54
N GLY G 431 3.37 -12.91 -23.83
CA GLY G 431 4.10 -11.72 -24.31
C GLY G 431 5.47 -11.61 -23.68
N ARG G 432 6.23 -10.56 -24.02
CA ARG G 432 7.55 -10.36 -23.36
C ARG G 432 7.34 -10.17 -21.86
N PRO G 433 6.37 -9.36 -21.37
CA PRO G 433 6.05 -9.30 -19.94
C PRO G 433 4.83 -10.20 -19.71
N SER G 434 5.04 -11.38 -19.12
CA SER G 434 3.92 -12.32 -18.89
C SER G 434 3.14 -11.88 -17.65
N ARG G 435 1.96 -11.28 -17.83
CA ARG G 435 1.23 -10.77 -16.68
C ARG G 435 0.31 -11.83 -16.09
N ARG G 436 -0.02 -11.65 -14.82
CA ARG G 436 -0.97 -12.51 -14.11
C ARG G 436 -1.95 -11.62 -13.37
N ASN G 437 -3.17 -11.51 -13.88
CA ASN G 437 -4.18 -10.62 -13.32
C ASN G 437 -5.18 -11.42 -12.50
N ILE G 438 -5.50 -10.92 -11.32
CA ILE G 438 -6.49 -11.52 -10.44
C ILE G 438 -7.59 -10.51 -10.15
N ARG G 439 -8.84 -10.91 -10.36
CA ARG G 439 -9.99 -10.07 -10.13
C ARG G 439 -11.03 -10.84 -9.34
N PHE G 440 -11.98 -10.11 -8.76
CA PHE G 440 -13.01 -10.69 -7.90
C PHE G 440 -14.37 -10.15 -8.28
N LYS G 441 -15.41 -10.93 -7.99
CA LYS G 441 -16.79 -10.53 -8.23
C LYS G 441 -17.69 -11.23 -7.23
N PRO G 442 -18.56 -10.51 -6.53
CA PRO G 442 -19.37 -11.14 -5.49
C PRO G 442 -20.40 -12.11 -6.05
N TRP G 443 -20.76 -13.08 -5.22
CA TRP G 443 -21.88 -14.01 -5.49
C TRP G 443 -22.90 -13.75 -4.40
N PHE G 444 -23.94 -12.98 -4.73
CA PHE G 444 -24.90 -12.49 -3.76
C PHE G 444 -26.25 -13.14 -4.00
N ILE G 445 -26.71 -13.94 -3.03
CA ILE G 445 -28.01 -14.58 -3.08
C ILE G 445 -28.75 -14.21 -1.80
N PRO G 446 -29.95 -13.64 -1.88
CA PRO G 446 -30.64 -13.22 -0.65
C PRO G 446 -31.15 -14.40 0.17
N GLY G 447 -30.52 -14.66 1.29
CA GLY G 447 -30.91 -15.73 2.18
C GLY G 447 -31.99 -15.31 3.15
N VAL G 448 -32.15 -16.10 4.21
CA VAL G 448 -33.14 -15.84 5.25
C VAL G 448 -32.44 -15.26 6.46
N ILE G 449 -32.96 -14.15 6.98
CA ILE G 449 -32.39 -13.47 8.13
C ILE G 449 -33.19 -13.87 9.37
N ASN G 450 -32.48 -14.22 10.44
CA ASN G 450 -33.13 -14.60 11.68
C ASN G 450 -33.98 -13.46 12.22
N GLU G 451 -35.12 -13.81 12.80
CA GLU G 451 -36.01 -12.80 13.36
C GLU G 451 -35.32 -12.04 14.48
N ILE G 452 -35.52 -10.73 14.51
CA ILE G 452 -34.86 -9.84 15.47
C ILE G 452 -35.93 -9.27 16.39
N SER G 453 -35.79 -9.52 17.69
CA SER G 453 -36.77 -9.08 18.67
C SER G 453 -36.38 -7.73 19.26
N LEU G 454 -37.34 -7.12 19.96
CA LEU G 454 -37.14 -5.85 20.66
C LEU G 454 -37.44 -6.08 22.13
N THR G 455 -36.43 -6.51 22.88
CA THR G 455 -36.59 -6.82 24.30
C THR G 455 -36.04 -5.69 25.16
N ASN G 456 -36.55 -5.61 26.38
CA ASN G 456 -36.14 -4.59 27.35
C ASN G 456 -36.28 -3.19 26.75
N ASN G 457 -37.39 -2.97 26.05
CA ASN G 457 -37.61 -1.70 25.34
C ASN G 457 -38.40 -0.72 26.19
N GLU G 458 -37.85 -0.40 27.36
CA GLU G 458 -38.48 0.59 28.20
C GLU G 458 -38.17 1.99 27.70
N LEU G 459 -38.96 2.95 28.18
CA LEU G 459 -38.78 4.36 27.84
C LEU G 459 -38.39 5.10 29.12
N TYR G 460 -37.12 5.46 29.24
CA TYR G 460 -36.62 6.10 30.45
C TYR G 460 -37.04 7.57 30.40
N ILE G 461 -38.28 7.81 30.81
CA ILE G 461 -38.85 9.15 30.74
C ILE G 461 -38.14 10.05 31.75
N ASN G 462 -37.73 11.24 31.30
CA ASN G 462 -37.06 12.21 32.15
C ASN G 462 -38.08 13.03 32.92
N ASN G 463 -38.15 12.81 34.23
CA ASN G 463 -39.12 13.47 35.11
C ASN G 463 -38.41 14.25 36.19
N LEU G 464 -38.70 15.54 36.29
CA LEU G 464 -38.05 16.43 37.24
C LEU G 464 -39.07 16.93 38.26
N PHE G 465 -38.55 17.35 39.42
CA PHE G 465 -39.36 17.86 40.51
C PHE G 465 -39.22 19.38 40.59
N VAL G 466 -40.35 20.07 40.69
CA VAL G 466 -40.34 21.52 40.78
C VAL G 466 -40.19 21.95 42.24
N ILE G 510 -41.72 32.92 6.86
CA ILE G 510 -41.86 33.74 8.06
C ILE G 510 -40.49 33.94 8.69
N GLU G 511 -40.04 32.95 9.46
CA GLU G 511 -38.72 32.96 10.07
C GLU G 511 -37.75 32.24 9.13
N TYR G 512 -36.54 31.96 9.62
CA TYR G 512 -35.60 31.19 8.82
C TYR G 512 -36.07 29.75 8.69
N MET G 513 -36.17 29.28 7.44
CA MET G 513 -36.82 28.03 7.10
C MET G 513 -35.81 27.07 6.48
N PHE G 514 -35.93 25.79 6.80
CA PHE G 514 -34.97 24.78 6.38
C PHE G 514 -35.66 23.83 5.42
N ILE G 515 -35.07 23.60 4.25
CA ILE G 515 -35.67 22.70 3.28
C ILE G 515 -34.63 21.70 2.81
N GLY G 516 -35.10 20.51 2.43
CA GLY G 516 -34.24 19.48 1.88
C GLY G 516 -34.91 18.76 0.74
N LEU G 517 -34.13 18.44 -0.29
CA LEU G 517 -34.64 17.81 -1.50
C LEU G 517 -34.00 16.44 -1.64
N LYS G 518 -34.81 15.41 -1.91
CA LYS G 518 -34.33 14.05 -1.94
C LYS G 518 -34.93 13.31 -3.14
N PRO G 519 -34.11 12.60 -3.91
CA PRO G 519 -34.68 11.72 -4.95
C PRO G 519 -35.49 10.61 -4.32
N THR G 520 -36.55 10.19 -5.02
CA THR G 520 -37.36 9.07 -4.55
C THR G 520 -36.59 7.76 -4.60
N TRP G 521 -35.59 7.65 -5.47
CA TRP G 521 -34.79 6.43 -5.54
C TRP G 521 -34.00 6.19 -4.26
N ASN G 522 -33.80 7.23 -3.44
CA ASN G 522 -33.08 7.05 -2.18
C ASN G 522 -33.87 6.14 -1.23
N ILE G 523 -35.19 6.28 -1.20
CA ILE G 523 -35.99 5.49 -0.30
C ILE G 523 -36.52 4.21 -0.97
N SER G 524 -36.61 4.21 -2.30
CA SER G 524 -37.18 3.06 -3.00
C SER G 524 -36.34 1.81 -2.78
N ASP G 525 -37.02 0.66 -2.69
CA ASP G 525 -36.35 -0.61 -2.44
C ASP G 525 -35.51 -1.06 -3.64
N GLN G 526 -35.74 -0.49 -4.82
CA GLN G 526 -34.96 -0.88 -5.99
C GLN G 526 -33.51 -0.40 -5.91
N ASN G 527 -33.20 0.49 -5.00
CA ASN G 527 -31.84 1.00 -4.88
C ASN G 527 -30.94 -0.07 -4.25
N PRO G 528 -29.86 -0.49 -4.93
CA PRO G 528 -28.96 -1.46 -4.30
C PRO G 528 -28.33 -0.97 -3.02
N HIS G 529 -28.07 0.34 -2.91
CA HIS G 529 -27.45 0.93 -1.73
C HIS G 529 -28.45 1.80 -0.96
N GLN G 530 -29.71 1.37 -0.91
CA GLN G 530 -30.73 2.16 -0.23
C GLN G 530 -30.50 2.24 1.27
N HIS G 531 -29.73 1.31 1.84
CA HIS G 531 -29.51 1.31 3.28
C HIS G 531 -28.57 2.43 3.72
N ARG G 532 -27.72 2.94 2.82
CA ARG G 532 -26.81 4.03 3.15
C ARG G 532 -27.05 5.27 2.31
N ASP G 533 -28.08 5.30 1.48
CA ASP G 533 -28.45 6.47 0.70
C ASP G 533 -29.76 7.11 1.14
N TRP G 534 -30.47 6.49 2.09
CA TRP G 534 -31.78 7.01 2.48
C TRP G 534 -31.67 8.39 3.11
N HIS G 535 -30.64 8.63 3.92
CA HIS G 535 -30.48 9.90 4.61
C HIS G 535 -29.79 10.95 3.75
N LYS G 536 -29.29 10.59 2.57
CA LYS G 536 -28.59 11.54 1.72
C LYS G 536 -29.57 12.40 0.95
N PHE G 537 -29.27 13.69 0.86
CA PHE G 537 -30.07 14.65 0.10
C PHE G 537 -29.32 14.98 -1.18
N GLY G 538 -29.82 14.50 -2.30
CA GLY G 538 -29.18 14.70 -3.59
C GLY G 538 -28.66 13.38 -4.12
N HIS G 539 -28.88 13.15 -5.41
CA HIS G 539 -28.48 11.89 -6.03
C HIS G 539 -26.97 11.73 -5.97
N VAL G 540 -26.51 10.49 -5.79
CA VAL G 540 -25.10 10.21 -5.57
C VAL G 540 -24.64 9.16 -6.56
N VAL G 541 -23.33 9.12 -6.77
CA VAL G 541 -22.66 8.15 -7.62
C VAL G 541 -21.52 7.52 -6.84
N ASN G 542 -21.02 6.41 -7.34
CA ASN G 542 -19.99 5.63 -6.66
C ASN G 542 -18.70 5.69 -7.45
N ALA G 543 -17.62 6.13 -6.80
CA ALA G 543 -16.29 6.13 -7.38
C ALA G 543 -15.47 4.98 -6.80
N ILE G 544 -14.80 4.24 -7.67
CA ILE G 544 -14.09 3.02 -7.28
C ILE G 544 -12.62 3.17 -7.61
N MET G 545 -11.76 3.03 -6.59
CA MET G 545 -10.32 2.92 -6.78
C MET G 545 -9.92 1.48 -6.50
N GLN G 546 -9.52 0.76 -7.54
CA GLN G 546 -9.01 -0.59 -7.37
C GLN G 546 -7.49 -0.53 -7.30
N PRO G 547 -6.88 -0.78 -6.13
CA PRO G 547 -5.42 -0.72 -6.03
C PRO G 547 -4.76 -2.06 -6.33
N THR G 548 -3.71 -2.02 -7.14
CA THR G 548 -2.99 -3.20 -7.54
C THR G 548 -1.59 -3.21 -6.93
N HIS G 549 -0.95 -4.36 -7.02
CA HIS G 549 0.40 -4.57 -6.47
C HIS G 549 1.30 -5.04 -7.60
N HIS G 550 1.89 -4.10 -8.34
CA HIS G 550 2.77 -4.43 -9.43
C HIS G 550 4.14 -4.87 -8.93
N ALA G 551 4.76 -5.77 -9.68
CA ALA G 551 6.11 -6.24 -9.34
C ALA G 551 6.72 -6.85 -10.59
N GLU G 552 7.80 -6.26 -11.08
CA GLU G 552 8.49 -6.76 -12.27
C GLU G 552 9.75 -7.51 -11.86
N ILE G 553 9.99 -8.63 -12.53
CA ILE G 553 11.09 -9.53 -12.21
C ILE G 553 11.81 -9.90 -13.50
N SER G 554 13.14 -10.00 -13.43
CA SER G 554 13.97 -10.43 -14.54
C SER G 554 14.74 -11.68 -14.14
N PHE G 555 14.81 -12.65 -15.05
CA PHE G 555 15.43 -13.94 -14.78
C PHE G 555 16.79 -14.13 -15.44
N GLN G 556 16.99 -13.60 -16.65
CA GLN G 556 18.12 -13.99 -17.48
C GLN G 556 19.29 -13.02 -17.44
N ASP G 557 19.13 -11.86 -16.80
CA ASP G 557 20.16 -10.85 -16.58
C ASP G 557 21.10 -10.64 -17.77
N ARG G 558 20.55 -10.76 -18.99
CA ARG G 558 21.33 -10.54 -20.21
C ARG G 558 20.63 -9.66 -21.23
N ASP G 559 19.33 -9.38 -21.05
CA ASP G 559 18.60 -8.41 -21.91
C ASP G 559 18.35 -7.17 -21.05
N THR G 560 17.62 -7.31 -19.94
CA THR G 560 17.48 -6.28 -18.91
C THR G 560 16.91 -4.97 -19.45
N ALA G 561 16.05 -5.05 -20.46
CA ALA G 561 15.36 -3.89 -20.99
C ALA G 561 13.87 -3.90 -20.72
N LEU G 562 13.24 -5.05 -20.93
CA LEU G 562 11.78 -5.19 -20.68
C LEU G 562 11.59 -6.24 -19.58
N PRO G 563 10.65 -6.06 -18.63
CA PRO G 563 10.51 -7.00 -17.52
C PRO G 563 10.12 -8.39 -18.04
N ASP G 564 10.79 -9.43 -17.55
CA ASP G 564 10.48 -10.82 -17.98
C ASP G 564 9.06 -11.20 -17.53
N ALA G 565 8.66 -10.82 -16.32
CA ALA G 565 7.34 -11.21 -15.78
C ALA G 565 6.72 -10.06 -14.98
N CYS G 566 5.40 -10.10 -14.77
CA CYS G 566 4.71 -9.04 -14.03
C CYS G 566 3.59 -9.66 -13.22
N SER G 567 3.12 -8.91 -12.23
CA SER G 567 2.01 -9.32 -11.39
C SER G 567 1.08 -8.15 -11.19
N SER G 568 -0.22 -8.44 -11.09
CA SER G 568 -1.26 -7.43 -10.92
C SER G 568 -2.25 -7.86 -9.83
N ILE G 569 -1.72 -8.26 -8.68
CA ILE G 569 -2.57 -8.68 -7.57
C ILE G 569 -3.48 -7.52 -7.18
N SER G 570 -4.76 -7.81 -7.01
CA SER G 570 -5.76 -6.80 -6.66
C SER G 570 -6.49 -7.21 -5.40
N ASP G 571 -6.95 -6.20 -4.65
CA ASP G 571 -7.68 -6.45 -3.42
C ASP G 571 -9.05 -7.04 -3.70
N ILE G 572 -9.58 -7.78 -2.72
CA ILE G 572 -10.87 -8.42 -2.88
C ILE G 572 -11.98 -7.38 -2.99
N SER G 573 -11.99 -6.42 -2.08
CA SER G 573 -13.05 -5.42 -2.03
C SER G 573 -12.51 -4.05 -2.41
N PRO G 574 -13.18 -3.31 -3.28
CA PRO G 574 -12.68 -2.00 -3.71
C PRO G 574 -12.94 -0.95 -2.64
N VAL G 575 -12.59 0.29 -2.97
CA VAL G 575 -12.82 1.44 -2.10
C VAL G 575 -13.90 2.28 -2.76
N THR G 576 -15.05 2.39 -2.10
CA THR G 576 -16.21 3.06 -2.66
C THR G 576 -16.34 4.46 -2.07
N TYR G 577 -16.42 5.46 -2.94
CA TYR G 577 -16.62 6.84 -2.53
C TYR G 577 -18.00 7.30 -2.96
N PRO G 578 -18.87 7.68 -2.03
CA PRO G 578 -20.20 8.20 -2.40
C PRO G 578 -20.18 9.66 -2.78
N ILE G 579 -19.84 9.95 -4.05
CA ILE G 579 -19.78 11.33 -4.48
C ILE G 579 -21.19 11.88 -4.65
N THR G 580 -21.47 13.00 -3.99
CA THR G 580 -22.79 13.63 -4.05
C THR G 580 -22.75 14.81 -5.02
N LEU G 581 -23.79 14.95 -5.84
CA LEU G 581 -23.88 16.00 -6.81
C LEU G 581 -25.18 16.76 -6.64
N PRO G 582 -25.20 18.05 -6.99
CA PRO G 582 -26.47 18.80 -6.91
C PRO G 582 -27.49 18.26 -7.90
N ILE G 583 -28.76 18.37 -7.51
CA ILE G 583 -29.85 17.84 -8.33
C ILE G 583 -30.53 18.99 -9.06
N ILE G 584 -30.60 20.15 -8.44
CA ILE G 584 -31.24 21.34 -9.01
C ILE G 584 -30.16 22.36 -9.33
N LYS G 585 -30.13 22.83 -10.58
CA LYS G 585 -29.26 23.92 -10.96
C LYS G 585 -29.84 25.28 -10.65
N ASN G 586 -31.14 25.35 -10.31
CA ASN G 586 -31.80 26.61 -10.04
C ASN G 586 -32.97 26.35 -9.10
N ILE G 587 -33.34 27.36 -8.33
CA ILE G 587 -34.48 27.30 -7.42
C ILE G 587 -35.42 28.45 -7.75
N SER G 588 -36.71 28.21 -7.54
CA SER G 588 -37.74 29.21 -7.80
C SER G 588 -38.92 28.90 -6.88
N VAL G 589 -39.04 29.65 -5.80
CA VAL G 589 -40.15 29.51 -4.87
C VAL G 589 -41.13 30.65 -5.09
N THR G 590 -42.17 30.41 -5.89
CA THR G 590 -43.11 31.44 -6.30
C THR G 590 -44.46 31.17 -5.62
N ALA G 591 -44.67 31.81 -4.48
CA ALA G 591 -45.96 31.72 -3.79
C ALA G 591 -46.90 32.82 -4.29
N HIS G 592 -48.20 32.58 -4.12
CA HIS G 592 -49.19 33.54 -4.57
C HIS G 592 -49.15 34.83 -3.75
N GLY G 593 -49.13 34.70 -2.43
CA GLY G 593 -49.12 35.88 -1.58
C GLY G 593 -47.84 36.69 -1.70
N ILE G 594 -46.70 36.03 -1.70
CA ILE G 594 -45.39 36.68 -1.75
C ILE G 594 -44.55 35.99 -2.82
N ASN G 595 -43.82 36.80 -3.61
CA ASN G 595 -43.00 36.25 -4.68
C ASN G 595 -41.85 35.40 -4.14
N LEU G 596 -41.37 35.72 -2.94
CA LEU G 596 -40.29 34.97 -2.27
C LEU G 596 -39.06 35.00 -3.17
N ILE G 597 -38.53 33.86 -3.61
CA ILE G 597 -37.30 33.82 -4.38
C ILE G 597 -37.58 33.16 -5.72
N ASP G 598 -36.91 33.64 -6.77
CA ASP G 598 -37.08 33.11 -8.11
C ASP G 598 -35.76 33.18 -8.85
N LYS G 599 -35.44 32.10 -9.58
CA LYS G 599 -34.24 32.04 -10.41
C LYS G 599 -32.96 32.25 -9.60
N PHE G 600 -32.86 31.54 -8.47
CA PHE G 600 -31.64 31.70 -7.70
C PHE G 600 -30.77 30.44 -7.75
N PRO G 601 -29.45 30.59 -7.69
CA PRO G 601 -28.59 29.40 -7.67
C PRO G 601 -28.70 28.66 -6.35
N SER G 602 -28.39 27.35 -6.42
CA SER G 602 -28.46 26.52 -5.22
C SER G 602 -27.32 26.80 -4.26
N LYS G 603 -26.17 27.25 -4.76
CA LYS G 603 -25.02 27.50 -3.90
C LYS G 603 -25.29 28.61 -2.91
N PHE G 604 -26.11 29.60 -3.27
CA PHE G 604 -26.42 30.68 -2.34
C PHE G 604 -27.18 30.17 -1.13
N CYS G 605 -28.25 29.42 -1.36
CA CYS G 605 -29.06 28.89 -0.26
C CYS G 605 -28.41 27.72 0.44
N SER G 606 -27.38 27.10 -0.17
CA SER G 606 -26.71 25.97 0.46
C SER G 606 -25.57 26.39 1.38
N SER G 607 -24.81 27.42 1.00
CA SER G 607 -23.59 27.77 1.71
C SER G 607 -23.62 29.13 2.37
N TYR G 608 -23.93 30.19 1.62
CA TYR G 608 -23.75 31.53 2.17
C TYR G 608 -24.82 31.86 3.21
N ILE G 609 -26.06 31.44 2.97
CA ILE G 609 -27.14 31.76 3.91
C ILE G 609 -26.89 31.18 5.30
N PRO G 610 -26.57 29.88 5.45
CA PRO G 610 -26.19 29.39 6.79
C PRO G 610 -24.94 30.06 7.33
N PHE G 611 -24.00 30.42 6.47
CA PHE G 611 -22.76 31.04 6.93
C PHE G 611 -23.03 32.40 7.57
N HIS G 612 -23.88 33.21 6.95
CA HIS G 612 -24.11 34.57 7.43
C HIS G 612 -25.32 34.70 8.34
N TYR G 613 -26.25 33.74 8.30
CA TYR G 613 -27.47 33.79 9.10
C TYR G 613 -27.57 32.55 9.97
N GLY G 614 -28.14 32.73 11.16
CA GLY G 614 -28.36 31.61 12.06
C GLY G 614 -27.61 31.73 13.37
N GLY G 615 -26.37 32.21 13.32
CA GLY G 615 -25.57 32.36 14.52
C GLY G 615 -24.69 31.16 14.82
N ASN G 616 -24.58 30.81 16.10
CA ASN G 616 -23.72 29.73 16.53
C ASN G 616 -24.44 28.39 16.60
N ALA G 617 -25.75 28.39 16.81
CA ALA G 617 -26.48 27.14 16.94
C ALA G 617 -26.47 26.35 15.64
N ILE G 618 -26.61 27.04 14.51
CA ILE G 618 -26.67 26.36 13.22
C ILE G 618 -25.30 25.83 12.84
N LYS G 619 -25.29 24.69 12.14
CA LYS G 619 -24.08 24.09 11.61
C LYS G 619 -24.14 24.11 10.10
N THR G 620 -23.00 24.38 9.47
CA THR G 620 -22.95 24.54 8.03
C THR G 620 -23.33 23.24 7.32
N PRO G 621 -24.21 23.29 6.32
CA PRO G 621 -24.58 22.06 5.62
C PRO G 621 -23.40 21.45 4.87
N ASP G 622 -23.44 20.13 4.71
CA ASP G 622 -22.43 19.39 3.97
C ASP G 622 -22.93 18.90 2.62
N ASP G 623 -24.21 18.60 2.49
CA ASP G 623 -24.78 18.08 1.25
C ASP G 623 -25.48 19.18 0.47
N PRO G 624 -25.28 19.22 -0.86
CA PRO G 624 -25.91 20.27 -1.66
C PRO G 624 -27.43 20.17 -1.74
N GLY G 625 -28.00 19.02 -1.40
CA GLY G 625 -29.44 18.85 -1.54
C GLY G 625 -30.24 19.77 -0.62
N ALA G 626 -29.84 19.88 0.63
CA ALA G 626 -30.55 20.68 1.61
C ALA G 626 -30.04 22.12 1.58
N MET G 627 -30.95 23.05 1.90
CA MET G 627 -30.62 24.47 1.86
C MET G 627 -31.49 25.23 2.85
N MET G 628 -31.23 26.54 2.93
CA MET G 628 -31.83 27.45 3.88
C MET G 628 -32.48 28.59 3.12
N ILE G 629 -33.73 28.92 3.47
CA ILE G 629 -34.43 30.06 2.89
C ILE G 629 -35.04 30.86 4.02
N THR G 630 -34.62 32.12 4.16
CA THR G 630 -35.12 32.99 5.22
C THR G 630 -36.52 33.50 4.90
N PHE G 653 -47.02 25.37 0.99
CA PHE G 653 -46.25 26.38 0.28
C PHE G 653 -45.84 25.87 -1.09
N TYR G 654 -46.11 26.68 -2.12
CA TYR G 654 -45.81 26.29 -3.50
C TYR G 654 -44.34 26.54 -3.79
N ILE G 655 -43.61 25.48 -4.12
CA ILE G 655 -42.19 25.55 -4.45
C ILE G 655 -41.98 24.86 -5.80
N SER G 656 -41.28 25.55 -6.70
CA SER G 656 -40.96 25.03 -8.01
C SER G 656 -39.46 24.79 -8.16
N TRP G 657 -39.10 24.03 -9.18
CA TRP G 657 -37.71 23.70 -9.43
C TRP G 657 -37.42 23.84 -10.93
N ASP G 658 -36.15 24.08 -11.24
CA ASP G 658 -35.69 24.22 -12.63
C ASP G 658 -34.55 23.25 -12.91
N THR G 659 -34.64 22.05 -12.35
CA THR G 659 -33.60 21.05 -12.49
C THR G 659 -33.59 20.43 -13.88
N ASP G 660 -32.50 19.75 -14.20
CA ASP G 660 -32.38 18.99 -15.44
C ASP G 660 -32.52 17.50 -15.24
N TYR G 661 -32.19 16.99 -14.04
CA TYR G 661 -32.35 15.58 -13.70
C TYR G 661 -33.80 15.32 -13.30
N VAL G 662 -34.68 15.37 -14.30
CA VAL G 662 -36.12 15.24 -14.08
C VAL G 662 -36.50 13.79 -14.28
N GLY G 663 -37.03 13.17 -13.22
CA GLY G 663 -37.52 11.81 -13.30
C GLY G 663 -38.75 11.61 -12.45
N SER G 664 -39.39 12.71 -12.06
CA SER G 664 -40.53 12.70 -11.13
C SER G 664 -40.16 11.99 -9.83
N ILE G 665 -38.94 12.21 -9.37
CA ILE G 665 -38.41 11.57 -8.17
C ILE G 665 -38.15 12.56 -7.05
N THR G 666 -38.39 13.84 -7.28
CA THR G 666 -38.10 14.86 -6.28
C THR G 666 -39.11 14.82 -5.14
N THR G 667 -38.61 14.82 -3.91
CA THR G 667 -39.44 14.89 -2.72
C THR G 667 -38.86 15.94 -1.78
N ALA G 668 -39.72 16.76 -1.20
CA ALA G 668 -39.30 17.89 -0.39
C ALA G 668 -39.68 17.67 1.06
N ASP G 669 -38.75 18.00 1.97
CA ASP G 669 -39.00 18.06 3.39
C ASP G 669 -38.69 19.47 3.87
N LEU G 670 -39.44 19.94 4.86
CA LEU G 670 -39.31 21.33 5.27
C LEU G 670 -39.65 21.47 6.75
N VAL G 671 -38.98 22.43 7.40
CA VAL G 671 -39.30 22.83 8.76
C VAL G 671 -39.23 24.36 8.83
N VAL G 672 -40.18 24.94 9.57
CA VAL G 672 -40.28 26.40 9.68
C VAL G 672 -40.38 26.89 11.10
N SER G 673 -40.69 26.03 12.09
CA SER G 673 -40.85 26.48 13.46
C SER G 673 -39.55 27.02 14.05
N ALA G 674 -38.41 26.65 13.48
CA ALA G 674 -37.13 27.15 13.97
C ALA G 674 -36.86 28.57 13.47
N GLN H 1 -22.22 -24.63 -38.48
CA GLN H 1 -21.86 -26.04 -38.61
C GLN H 1 -20.41 -26.21 -39.06
N GLU H 2 -19.49 -26.03 -38.11
CA GLU H 2 -18.07 -26.16 -38.42
C GLU H 2 -17.72 -27.60 -38.74
N LYS H 3 -16.85 -27.79 -39.73
CA LYS H 3 -16.43 -29.11 -40.17
C LYS H 3 -14.91 -29.16 -40.27
N LEU H 4 -14.36 -30.35 -40.03
CA LEU H 4 -12.93 -30.59 -40.19
C LEU H 4 -12.75 -31.89 -40.96
N VAL H 5 -11.83 -31.88 -41.92
CA VAL H 5 -11.58 -33.02 -42.79
C VAL H 5 -10.09 -33.31 -42.83
N GLU H 6 -9.73 -34.57 -42.61
CA GLU H 6 -8.36 -35.04 -42.78
C GLU H 6 -8.22 -35.79 -44.09
N SER H 7 -7.01 -35.73 -44.65
CA SER H 7 -6.73 -36.41 -45.91
C SER H 7 -5.27 -36.79 -45.98
N GLY H 8 -4.96 -37.76 -46.84
CA GLY H 8 -3.61 -38.22 -47.06
C GLY H 8 -3.31 -39.60 -46.52
N GLY H 9 -4.29 -40.29 -45.94
CA GLY H 9 -4.06 -41.61 -45.38
C GLY H 9 -4.26 -42.72 -46.40
N GLY H 10 -3.47 -43.78 -46.26
CA GLY H 10 -3.58 -44.91 -47.15
C GLY H 10 -2.44 -45.87 -46.93
N LEU H 11 -2.47 -46.96 -47.70
CA LEU H 11 -1.43 -47.98 -47.61
C LEU H 11 -0.11 -47.41 -48.11
N VAL H 12 0.96 -47.70 -47.38
CA VAL H 12 2.29 -47.20 -47.73
C VAL H 12 3.33 -48.19 -47.23
N GLN H 13 4.41 -48.34 -48.01
CA GLN H 13 5.50 -49.22 -47.60
C GLN H 13 6.26 -48.60 -46.42
N PRO H 14 6.83 -49.42 -45.55
CA PRO H 14 7.61 -48.88 -44.43
C PRO H 14 8.85 -48.14 -44.91
N GLY H 15 9.25 -47.14 -44.14
CA GLY H 15 10.41 -46.34 -44.48
C GLY H 15 10.17 -45.22 -45.46
N GLY H 16 8.91 -44.97 -45.84
CA GLY H 16 8.58 -43.93 -46.78
C GLY H 16 8.27 -42.60 -46.11
N SER H 17 7.62 -41.73 -46.87
CA SER H 17 7.22 -40.42 -46.39
C SER H 17 5.73 -40.22 -46.62
N LEU H 18 5.05 -39.63 -45.65
CA LEU H 18 3.62 -39.41 -45.71
C LEU H 18 3.30 -37.97 -45.36
N ILE H 19 2.25 -37.45 -46.00
CA ILE H 19 1.75 -36.10 -45.75
C ILE H 19 0.29 -36.21 -45.32
N LEU H 20 -0.05 -35.55 -44.22
CA LEU H 20 -1.42 -35.49 -43.73
C LEU H 20 -1.90 -34.06 -43.77
N SER H 21 -3.02 -33.83 -44.44
CA SER H 21 -3.60 -32.50 -44.59
C SER H 21 -4.86 -32.40 -43.76
N CYS H 22 -5.00 -31.28 -43.06
CA CYS H 22 -6.16 -31.01 -42.21
C CYS H 22 -6.78 -29.70 -42.65
N VAL H 23 -8.04 -29.76 -43.08
CA VAL H 23 -8.75 -28.58 -43.58
C VAL H 23 -9.98 -28.36 -42.71
N GLY H 24 -10.37 -27.09 -42.57
CA GLY H 24 -11.50 -26.75 -41.74
C GLY H 24 -12.39 -25.72 -42.42
N SER H 25 -13.64 -25.69 -41.97
CA SER H 25 -14.61 -24.74 -42.50
C SER H 25 -15.61 -24.40 -41.40
N GLY H 26 -16.24 -23.23 -41.55
CA GLY H 26 -17.21 -22.76 -40.60
C GLY H 26 -16.65 -22.05 -39.38
N PHE H 27 -15.32 -21.91 -39.29
CA PHE H 27 -14.70 -21.27 -38.15
C PHE H 27 -13.45 -20.53 -38.60
N THR H 28 -13.02 -19.57 -37.79
CA THR H 28 -11.83 -18.79 -38.08
C THR H 28 -10.60 -19.62 -37.72
N PHE H 29 -9.88 -20.09 -38.74
CA PHE H 29 -8.69 -20.91 -38.53
C PHE H 29 -7.51 -20.10 -38.02
N ILE H 30 -7.61 -18.77 -38.00
CA ILE H 30 -6.48 -17.94 -37.61
C ILE H 30 -6.19 -18.08 -36.12
N THR H 31 -7.24 -18.05 -35.29
CA THR H 31 -7.09 -17.94 -33.84
C THR H 31 -7.33 -19.28 -33.15
N TYR H 32 -6.84 -20.36 -33.74
CA TYR H 32 -6.99 -21.67 -33.14
C TYR H 32 -5.76 -22.51 -33.41
N GLU H 33 -5.41 -23.36 -32.45
CA GLU H 33 -4.29 -24.27 -32.60
C GLU H 33 -4.72 -25.51 -33.37
N ILE H 34 -3.78 -26.41 -33.61
CA ILE H 34 -4.05 -27.68 -34.28
C ILE H 34 -3.22 -28.76 -33.61
N ASN H 35 -3.88 -29.76 -33.04
CA ASN H 35 -3.22 -30.88 -32.41
C ASN H 35 -3.51 -32.15 -33.20
N TRP H 36 -2.61 -33.12 -33.09
CA TRP H 36 -2.75 -34.40 -33.77
C TRP H 36 -2.69 -35.51 -32.75
N VAL H 37 -3.72 -36.36 -32.72
CA VAL H 37 -3.84 -37.42 -31.74
C VAL H 37 -3.86 -38.76 -32.47
N ARG H 38 -3.01 -39.68 -32.03
CA ARG H 38 -2.90 -40.99 -32.64
C ARG H 38 -3.56 -42.05 -31.76
N GLN H 39 -4.43 -42.85 -32.35
CA GLN H 39 -5.12 -43.93 -31.65
C GLN H 39 -4.72 -45.25 -32.29
N ALA H 40 -3.97 -46.05 -31.55
CA ALA H 40 -3.57 -47.36 -32.05
C ALA H 40 -4.75 -48.34 -32.00
N PRO H 41 -4.79 -49.33 -32.89
CA PRO H 41 -5.88 -50.31 -32.86
C PRO H 41 -5.80 -51.18 -31.61
N GLY H 42 -6.88 -51.19 -30.84
CA GLY H 42 -6.91 -51.97 -29.62
C GLY H 42 -6.07 -51.41 -28.50
N LYS H 43 -5.74 -50.12 -28.54
CA LYS H 43 -4.94 -49.49 -27.51
C LYS H 43 -5.54 -48.12 -27.21
N GLY H 44 -4.82 -47.31 -26.43
CA GLY H 44 -5.26 -45.98 -26.08
C GLY H 44 -4.85 -44.93 -27.07
N LEU H 45 -5.18 -43.69 -26.75
CA LEU H 45 -4.87 -42.53 -27.59
C LEU H 45 -3.60 -41.85 -27.08
N GLU H 46 -2.83 -41.30 -28.01
CA GLU H 46 -1.58 -40.61 -27.68
C GLU H 46 -1.56 -39.23 -28.33
N TRP H 47 -0.90 -38.30 -27.65
CA TRP H 47 -0.64 -36.97 -28.20
C TRP H 47 0.65 -36.97 -28.99
N LEU H 48 0.65 -36.25 -30.13
CA LEU H 48 1.77 -36.28 -31.06
C LEU H 48 2.50 -34.96 -31.15
N ALA H 49 1.81 -33.86 -31.46
CA ALA H 49 2.48 -32.60 -31.73
C ALA H 49 1.56 -31.43 -31.45
N VAL H 50 2.16 -30.25 -31.33
CA VAL H 50 1.45 -29.00 -31.13
C VAL H 50 2.02 -27.96 -32.09
N VAL H 51 1.13 -27.20 -32.72
CA VAL H 51 1.53 -26.06 -33.54
C VAL H 51 0.81 -24.83 -33.02
N SER H 52 1.53 -23.70 -32.97
CA SER H 52 1.01 -22.48 -32.37
C SER H 52 -0.01 -21.83 -33.30
N LYS H 53 -0.48 -20.65 -32.92
CA LYS H 53 -1.51 -19.96 -33.71
C LYS H 53 -0.97 -19.51 -35.06
N ILE H 54 0.27 -19.02 -35.10
CA ILE H 54 0.87 -18.55 -36.33
C ILE H 54 2.14 -19.33 -36.68
N GLY H 55 2.31 -20.51 -36.09
CA GLY H 55 3.40 -21.38 -36.46
C GLY H 55 4.77 -21.00 -35.91
N ASP H 56 4.83 -20.04 -34.99
CA ASP H 56 6.13 -19.63 -34.44
C ASP H 56 6.72 -20.71 -33.54
N ARG H 57 5.90 -21.29 -32.67
CA ARG H 57 6.36 -22.28 -31.70
C ARG H 57 5.72 -23.63 -31.98
N THR H 58 6.49 -24.70 -31.77
CA THR H 58 6.02 -26.05 -31.98
C THR H 58 6.61 -26.97 -30.91
N TYR H 59 5.93 -28.10 -30.69
CA TYR H 59 6.37 -29.08 -29.72
C TYR H 59 5.99 -30.46 -30.21
N TYR H 60 6.64 -31.48 -29.65
CA TYR H 60 6.44 -32.85 -30.10
C TYR H 60 6.48 -33.78 -28.90
N ALA H 61 6.35 -35.08 -29.18
CA ALA H 61 6.42 -36.10 -28.15
C ALA H 61 7.79 -36.76 -28.14
N HIS H 62 8.03 -37.61 -27.14
CA HIS H 62 9.34 -38.20 -26.95
C HIS H 62 9.64 -39.26 -28.00
N SER H 63 8.64 -40.07 -28.38
CA SER H 63 8.86 -41.20 -29.26
C SER H 63 8.72 -40.86 -30.73
N VAL H 64 8.37 -39.63 -31.08
CA VAL H 64 8.19 -39.23 -32.47
C VAL H 64 9.02 -38.01 -32.86
N ARG H 65 9.69 -37.36 -31.92
CA ARG H 65 10.47 -36.18 -32.24
C ARG H 65 11.65 -36.55 -33.13
N GLY H 66 11.92 -35.71 -34.13
CA GLY H 66 12.96 -35.95 -35.09
C GLY H 66 12.50 -36.58 -36.39
N ARG H 67 11.30 -37.15 -36.41
CA ARG H 67 10.75 -37.77 -37.61
C ARG H 67 9.50 -37.09 -38.14
N LEU H 68 8.81 -36.29 -37.33
CA LEU H 68 7.58 -35.63 -37.74
C LEU H 68 7.78 -34.13 -37.75
N THR H 69 7.26 -33.47 -38.77
CA THR H 69 7.34 -32.02 -38.93
C THR H 69 5.93 -31.48 -39.16
N ILE H 70 5.46 -30.67 -38.23
CA ILE H 70 4.14 -30.06 -38.33
C ILE H 70 4.30 -28.65 -38.88
N SER H 71 3.31 -28.18 -39.64
CA SER H 71 3.37 -26.84 -40.19
C SER H 71 1.95 -26.35 -40.44
N ARG H 72 1.82 -25.04 -40.60
CA ARG H 72 0.53 -24.42 -40.82
C ARG H 72 0.52 -23.66 -42.14
N ASP H 73 -0.69 -23.36 -42.61
CA ASP H 73 -0.89 -22.51 -43.80
C ASP H 73 -2.19 -21.75 -43.58
N ASN H 74 -2.05 -20.51 -43.11
CA ASN H 74 -3.21 -19.71 -42.73
C ASN H 74 -3.90 -19.06 -43.92
N SER H 75 -3.28 -19.10 -45.11
CA SER H 75 -3.86 -18.44 -46.27
C SER H 75 -5.17 -19.11 -46.70
N GLN H 76 -5.10 -20.39 -47.09
CA GLN H 76 -6.28 -21.17 -47.41
C GLN H 76 -6.61 -22.19 -46.33
N ASN H 77 -6.08 -22.02 -45.12
CA ASN H 77 -6.56 -22.71 -43.93
C ASN H 77 -6.32 -24.22 -44.01
N THR H 78 -5.04 -24.60 -43.97
CA THR H 78 -4.67 -26.01 -44.03
C THR H 78 -3.47 -26.27 -43.12
N ALA H 79 -3.58 -27.29 -42.28
CA ALA H 79 -2.48 -27.72 -41.44
C ALA H 79 -1.84 -28.97 -42.04
N TYR H 80 -0.52 -28.95 -42.17
CA TYR H 80 0.21 -30.03 -42.80
C TYR H 80 1.04 -30.78 -41.75
N LEU H 81 1.13 -32.09 -41.91
CA LEU H 81 1.97 -32.93 -41.06
C LEU H 81 2.77 -33.87 -41.95
N GLN H 82 4.07 -33.64 -42.05
CA GLN H 82 4.97 -34.54 -42.75
C GLN H 82 5.53 -35.55 -41.77
N MET H 83 5.61 -36.82 -42.19
CA MET H 83 6.17 -37.84 -41.32
C MET H 83 7.03 -38.79 -42.16
N ASN H 84 8.23 -39.08 -41.68
CA ASN H 84 9.20 -39.90 -42.39
C ASN H 84 9.66 -41.04 -41.49
N SER H 85 10.51 -41.90 -42.04
CA SER H 85 11.02 -43.08 -41.34
C SER H 85 9.86 -43.94 -40.84
N LEU H 86 9.06 -44.41 -41.78
CA LEU H 86 7.86 -45.18 -41.46
C LEU H 86 8.23 -46.56 -40.93
N ARG H 87 7.49 -47.02 -39.93
CA ARG H 87 7.65 -48.35 -39.37
C ARG H 87 6.28 -49.00 -39.21
N THR H 88 6.27 -50.19 -38.61
CA THR H 88 5.03 -50.96 -38.54
C THR H 88 4.07 -50.40 -37.51
N GLU H 89 4.58 -49.81 -36.42
CA GLU H 89 3.70 -49.33 -35.36
C GLU H 89 2.91 -48.09 -35.78
N ASP H 90 3.26 -47.48 -36.92
CA ASP H 90 2.54 -46.30 -37.38
C ASP H 90 1.08 -46.58 -37.75
N THR H 91 0.70 -47.85 -37.90
CA THR H 91 -0.67 -48.19 -38.21
C THR H 91 -1.60 -47.77 -37.07
N ALA H 92 -2.47 -46.80 -37.33
CA ALA H 92 -3.33 -46.22 -36.31
C ALA H 92 -4.38 -45.35 -36.99
N ARG H 93 -5.11 -44.59 -36.18
CA ARG H 93 -6.05 -43.58 -36.67
C ARG H 93 -5.60 -42.23 -36.15
N TYR H 94 -5.44 -41.27 -37.07
CA TYR H 94 -4.96 -39.94 -36.73
C TYR H 94 -6.13 -38.97 -36.73
N TYR H 95 -6.21 -38.14 -35.69
CA TYR H 95 -7.29 -37.18 -35.51
C TYR H 95 -6.70 -35.78 -35.43
N CYS H 96 -7.17 -34.89 -36.30
CA CYS H 96 -6.81 -33.49 -36.26
C CYS H 96 -7.83 -32.76 -35.40
N VAL H 97 -7.38 -32.14 -34.31
CA VAL H 97 -8.29 -31.56 -33.33
C VAL H 97 -7.93 -30.11 -33.07
N ARG H 98 -8.93 -29.35 -32.65
CA ARG H 98 -8.79 -27.96 -32.25
C ARG H 98 -8.65 -27.87 -30.74
N ALA H 99 -8.31 -26.68 -30.25
CA ALA H 99 -8.11 -26.53 -28.82
C ALA H 99 -8.21 -25.06 -28.43
N TRP H 100 -8.68 -24.83 -27.20
CA TRP H 100 -8.65 -23.53 -26.56
C TRP H 100 -7.49 -23.49 -25.56
N CYS H 101 -7.43 -22.44 -24.75
CA CYS H 101 -6.39 -22.31 -23.72
C CYS H 101 -7.05 -21.91 -22.40
N ALA H 102 -7.44 -22.91 -21.62
CA ALA H 102 -7.84 -22.73 -20.23
C ALA H 102 -6.84 -23.49 -19.37
N THR H 103 -6.40 -22.85 -18.28
CA THR H 103 -5.28 -23.34 -17.48
C THR H 103 -4.07 -23.57 -18.38
N THR H 104 -3.73 -24.83 -18.65
CA THR H 104 -2.68 -25.13 -19.60
C THR H 104 -3.09 -24.69 -21.00
N CYS H 105 -2.14 -24.10 -21.74
CA CYS H 105 -2.43 -23.53 -23.05
C CYS H 105 -1.75 -24.26 -24.19
N LEU H 106 -0.43 -24.41 -24.14
CA LEU H 106 0.29 -24.99 -25.28
C LEU H 106 -0.13 -26.43 -25.60
N PRO H 107 -0.16 -27.37 -24.64
CA PRO H 107 -0.58 -28.73 -25.01
C PRO H 107 -2.07 -28.87 -25.24
N GLY H 108 -2.87 -27.88 -24.84
CA GLY H 108 -4.31 -27.94 -25.06
C GLY H 108 -5.05 -28.57 -23.90
N ASP H 109 -6.16 -27.97 -23.49
CA ASP H 109 -6.95 -28.47 -22.38
C ASP H 109 -8.37 -28.82 -22.79
N ILE H 110 -9.03 -27.95 -23.57
CA ILE H 110 -10.45 -28.13 -23.86
C ILE H 110 -10.66 -29.14 -24.98
N MET H 111 -9.96 -28.94 -26.12
CA MET H 111 -9.97 -29.89 -27.23
C MET H 111 -11.38 -30.09 -27.80
N ASP H 112 -11.98 -28.98 -28.24
CA ASP H 112 -13.28 -29.03 -28.90
C ASP H 112 -13.13 -29.54 -30.33
N LEU H 113 -14.25 -30.05 -30.86
CA LEU H 113 -14.43 -30.31 -32.28
C LEU H 113 -13.35 -31.25 -32.81
N TRP H 114 -13.43 -32.49 -32.33
CA TRP H 114 -12.60 -33.55 -32.89
C TRP H 114 -13.00 -33.84 -34.33
N GLY H 115 -12.01 -34.14 -35.15
CA GLY H 115 -12.28 -34.54 -36.53
C GLY H 115 -12.65 -36.00 -36.62
N PRO H 116 -13.22 -36.37 -37.77
CA PRO H 116 -13.54 -37.79 -37.99
C PRO H 116 -12.34 -38.70 -37.92
N GLY H 117 -11.17 -38.23 -38.32
CA GLY H 117 -9.96 -39.05 -38.28
C GLY H 117 -9.76 -39.84 -39.56
N VAL H 118 -8.50 -40.17 -39.82
CA VAL H 118 -8.11 -40.92 -41.01
C VAL H 118 -7.21 -42.08 -40.59
N GLY H 119 -7.44 -43.25 -41.17
CA GLY H 119 -6.66 -44.43 -40.84
C GLY H 119 -5.43 -44.54 -41.71
N VAL H 120 -4.29 -44.82 -41.07
CA VAL H 120 -3.02 -44.98 -41.76
C VAL H 120 -2.45 -46.34 -41.41
N ILE H 121 -2.07 -47.10 -42.43
CA ILE H 121 -1.54 -48.45 -42.27
C ILE H 121 -0.21 -48.54 -43.00
N VAL H 122 0.60 -49.50 -42.59
CA VAL H 122 1.90 -49.73 -43.21
C VAL H 122 1.81 -50.86 -44.23
N THR I 1 0.74 -44.74 -16.45
CA THR I 1 -0.39 -45.09 -17.29
C THR I 1 -1.71 -44.83 -16.58
N VAL I 2 -2.82 -45.13 -17.26
CA VAL I 2 -4.16 -44.91 -16.74
C VAL I 2 -4.93 -46.22 -16.80
N ILE I 3 -5.52 -46.61 -15.68
CA ILE I 3 -6.30 -47.85 -15.57
C ILE I 3 -7.78 -47.48 -15.62
N HIS I 4 -8.53 -48.22 -16.43
CA HIS I 4 -9.95 -47.96 -16.61
C HIS I 4 -10.63 -49.27 -16.95
N GLU I 5 -11.94 -49.33 -16.73
CA GLU I 5 -12.65 -50.60 -16.79
C GLU I 5 -12.59 -51.20 -18.20
N PRO I 6 -12.32 -52.50 -18.33
CA PRO I 6 -12.44 -53.14 -19.65
C PRO I 6 -13.80 -52.99 -20.30
N ALA I 7 -14.88 -53.11 -19.53
CA ALA I 7 -16.23 -53.08 -20.08
C ALA I 7 -17.22 -52.82 -18.94
N MET I 8 -18.45 -52.52 -19.32
CA MET I 8 -19.48 -52.17 -18.35
C MET I 8 -20.85 -52.25 -19.02
N SER I 9 -21.86 -52.60 -18.23
CA SER I 9 -23.23 -52.73 -18.72
C SER I 9 -24.18 -51.95 -17.82
N LEU I 10 -25.32 -51.58 -18.38
CA LEU I 10 -26.33 -50.82 -17.66
C LEU I 10 -27.72 -51.22 -18.17
N SER I 11 -28.71 -51.18 -17.24
CA SER I 11 -30.11 -51.37 -17.62
C SER I 11 -30.72 -50.04 -18.03
N PRO I 12 -31.73 -50.07 -18.91
CA PRO I 12 -32.37 -48.81 -19.33
C PRO I 12 -33.01 -48.09 -18.15
N GLY I 13 -32.85 -46.76 -18.13
CA GLY I 13 -33.41 -45.94 -17.09
C GLY I 13 -32.65 -45.96 -15.77
N GLY I 14 -31.53 -46.68 -15.69
CA GLY I 14 -30.76 -46.80 -14.47
C GLY I 14 -29.67 -45.77 -14.37
N THR I 15 -28.84 -45.93 -13.34
CA THR I 15 -27.72 -45.05 -13.06
C THR I 15 -26.43 -45.84 -13.13
N ASP I 16 -25.44 -45.31 -13.84
CA ASP I 16 -24.16 -45.99 -14.02
C ASP I 16 -23.02 -45.10 -13.57
N THR I 17 -21.92 -45.74 -13.16
CA THR I 17 -20.71 -45.04 -12.73
C THR I 17 -19.49 -45.67 -13.38
N LEU I 18 -18.52 -44.83 -13.75
CA LEU I 18 -17.28 -45.25 -14.36
C LEU I 18 -16.12 -44.63 -13.61
N THR I 19 -15.04 -45.40 -13.45
CA THR I 19 -13.89 -44.97 -12.67
C THR I 19 -12.62 -44.98 -13.51
N CYS I 20 -11.81 -43.95 -13.35
CA CYS I 20 -10.52 -43.80 -14.02
C CYS I 20 -9.46 -43.57 -12.95
N ALA I 21 -8.37 -44.34 -13.00
CA ALA I 21 -7.40 -44.32 -11.92
C ALA I 21 -5.98 -44.31 -12.47
N PHE I 22 -5.04 -43.99 -11.58
CA PHE I 22 -3.61 -44.07 -11.89
C PHE I 22 -3.07 -45.44 -11.49
N SER I 23 -1.85 -45.72 -11.97
CA SER I 23 -1.20 -46.99 -11.62
C SER I 23 -0.78 -47.01 -10.16
N SER I 24 -0.12 -45.95 -9.70
CA SER I 24 0.40 -45.90 -8.33
C SER I 24 -0.15 -44.72 -7.53
N GLY I 25 -0.12 -43.52 -8.08
CA GLY I 25 -0.49 -42.33 -7.35
C GLY I 25 -1.99 -42.09 -7.32
N SER I 26 -2.36 -40.96 -6.74
CA SER I 26 -3.74 -40.54 -6.63
C SER I 26 -4.08 -39.51 -7.71
N ILE I 27 -5.31 -39.04 -7.70
CA ILE I 27 -5.79 -38.05 -8.66
C ILE I 27 -6.39 -36.88 -7.90
N THR I 28 -5.96 -35.67 -8.26
CA THR I 28 -6.51 -34.43 -7.73
C THR I 28 -6.97 -33.56 -8.90
N ASN I 29 -7.40 -32.33 -8.60
CA ASN I 29 -7.85 -31.40 -9.66
C ASN I 29 -6.65 -30.97 -10.51
N ASN I 30 -5.44 -31.18 -10.00
CA ASN I 30 -4.19 -30.81 -10.75
C ASN I 30 -4.13 -31.63 -12.04
N ASN I 31 -4.53 -32.90 -11.97
CA ASN I 31 -4.48 -33.80 -13.15
C ASN I 31 -5.48 -33.35 -14.22
N TYR I 32 -6.49 -32.55 -13.86
CA TYR I 32 -7.47 -32.01 -14.84
C TYR I 32 -8.15 -33.12 -15.67
N PRO I 33 -8.83 -34.11 -15.04
CA PRO I 33 -9.46 -35.22 -15.78
C PRO I 33 -10.43 -34.75 -16.89
N SER I 34 -10.57 -35.53 -17.96
CA SER I 34 -11.46 -35.19 -19.05
C SER I 34 -12.14 -36.45 -19.57
N TRP I 35 -13.44 -36.35 -19.82
CA TRP I 35 -14.25 -37.46 -20.29
C TRP I 35 -14.83 -37.12 -21.65
N PHE I 36 -14.64 -38.04 -22.60
CA PHE I 36 -15.13 -37.94 -23.97
C PHE I 36 -16.20 -39.01 -24.21
N GLN I 37 -16.65 -39.11 -25.46
CA GLN I 37 -17.40 -40.27 -25.92
C GLN I 37 -17.08 -40.45 -27.38
N GLN I 38 -17.14 -41.69 -27.85
CA GLN I 38 -16.77 -42.02 -29.23
C GLN I 38 -17.77 -43.05 -29.76
N THR I 39 -18.84 -42.56 -30.39
CA THR I 39 -19.73 -43.44 -31.12
C THR I 39 -18.99 -43.97 -32.36
N PRO I 40 -19.36 -45.15 -32.83
CA PRO I 40 -18.72 -45.68 -34.04
C PRO I 40 -18.93 -44.76 -35.23
N ARG I 41 -17.91 -44.66 -36.08
CA ARG I 41 -17.85 -43.87 -37.31
C ARG I 41 -18.42 -42.44 -37.16
N GLN I 42 -18.34 -41.86 -35.97
CA GLN I 42 -18.58 -40.44 -35.76
C GLN I 42 -17.45 -39.84 -34.95
N PRO I 43 -17.16 -38.55 -35.14
CA PRO I 43 -16.06 -37.92 -34.42
C PRO I 43 -16.35 -37.85 -32.94
N PRO I 44 -15.33 -37.95 -32.09
CA PRO I 44 -15.55 -37.82 -30.65
C PRO I 44 -16.07 -36.46 -30.27
N ARG I 45 -16.88 -36.42 -29.21
CA ARG I 45 -17.50 -35.21 -28.71
C ARG I 45 -17.06 -34.97 -27.27
N LEU I 46 -16.57 -33.77 -27.00
CA LEU I 46 -16.18 -33.41 -25.64
C LEU I 46 -17.37 -33.45 -24.71
N LEU I 47 -17.20 -34.06 -23.55
CA LEU I 47 -18.25 -34.12 -22.53
C LEU I 47 -17.85 -33.35 -21.28
N ILE I 48 -16.74 -33.70 -20.65
CA ILE I 48 -16.33 -33.08 -19.40
C ILE I 48 -14.85 -32.73 -19.46
N TYR I 49 -14.52 -31.47 -19.77
CA TYR I 49 -13.12 -31.16 -20.06
C TYR I 49 -12.31 -30.88 -18.80
N ASN I 50 -12.86 -30.18 -17.82
CA ASN I 50 -12.28 -30.16 -16.49
C ASN I 50 -12.91 -31.27 -15.65
N THR I 51 -12.74 -31.19 -14.33
CA THR I 51 -13.35 -32.18 -13.45
C THR I 51 -14.87 -32.18 -13.58
N ASN I 52 -15.48 -31.00 -13.62
CA ASN I 52 -16.94 -30.89 -13.66
C ASN I 52 -17.46 -29.95 -14.74
N ASN I 53 -16.59 -29.24 -15.45
CA ASN I 53 -17.04 -28.35 -16.51
C ASN I 53 -17.52 -29.15 -17.71
N ARG I 54 -18.47 -28.58 -18.45
CA ARG I 54 -18.97 -29.18 -19.68
C ARG I 54 -19.23 -28.09 -20.70
N PRO I 55 -19.09 -28.39 -21.99
CA PRO I 55 -19.34 -27.40 -23.04
C PRO I 55 -20.84 -27.27 -23.32
N THR I 56 -21.16 -26.34 -24.22
CA THR I 56 -22.55 -26.10 -24.60
C THR I 56 -23.03 -27.18 -25.56
N GLY I 57 -24.33 -27.44 -25.53
CA GLY I 57 -24.96 -28.40 -26.41
C GLY I 57 -24.96 -29.84 -25.91
N VAL I 58 -24.28 -30.11 -24.81
CA VAL I 58 -24.24 -31.45 -24.23
C VAL I 58 -25.41 -31.59 -23.26
N PRO I 59 -26.16 -32.70 -23.30
CA PRO I 59 -27.29 -32.86 -22.37
C PRO I 59 -26.84 -32.81 -20.92
N SER I 60 -27.70 -32.26 -20.07
CA SER I 60 -27.38 -32.03 -18.66
C SER I 60 -27.57 -33.28 -17.80
N ARG I 61 -27.66 -34.46 -18.40
CA ARG I 61 -27.75 -35.70 -17.64
C ARG I 61 -26.39 -36.30 -17.32
N PHE I 62 -25.31 -35.64 -17.70
CA PHE I 62 -23.95 -36.09 -17.41
C PHE I 62 -23.41 -35.36 -16.19
N SER I 63 -22.41 -35.97 -15.57
CA SER I 63 -21.78 -35.41 -14.37
C SER I 63 -20.33 -35.86 -14.35
N GLY I 64 -19.69 -35.76 -13.19
CA GLY I 64 -18.31 -36.19 -13.03
C GLY I 64 -17.59 -35.45 -11.93
N ALA I 65 -16.80 -36.15 -11.13
CA ALA I 65 -16.08 -35.54 -10.02
C ALA I 65 -14.91 -36.44 -9.65
N ILE I 66 -14.32 -36.20 -8.48
CA ILE I 66 -13.23 -37.01 -7.95
C ILE I 66 -13.72 -37.66 -6.66
N SER I 67 -13.66 -38.99 -6.61
CA SER I 67 -14.07 -39.75 -5.45
C SER I 67 -13.11 -40.91 -5.25
N GLY I 68 -12.69 -41.11 -4.00
CA GLY I 68 -11.80 -42.22 -3.66
C GLY I 68 -10.52 -42.22 -4.44
N ASN I 69 -9.92 -41.04 -4.66
CA ASN I 69 -8.71 -40.89 -5.46
C ASN I 69 -8.89 -41.42 -6.88
N LYS I 70 -10.12 -41.33 -7.41
CA LYS I 70 -10.41 -41.76 -8.76
C LYS I 70 -11.28 -40.71 -9.44
N ALA I 71 -11.23 -40.66 -10.76
CA ALA I 71 -12.10 -39.81 -11.55
C ALA I 71 -13.37 -40.58 -11.86
N ALA I 72 -14.52 -40.06 -11.40
CA ALA I 72 -15.79 -40.75 -11.48
C ALA I 72 -16.72 -40.02 -12.44
N LEU I 73 -17.28 -40.77 -13.39
CA LEU I 73 -18.28 -40.26 -14.33
C LEU I 73 -19.59 -40.98 -14.05
N THR I 74 -20.63 -40.21 -13.73
CA THR I 74 -21.93 -40.77 -13.38
C THR I 74 -22.97 -40.38 -14.42
N ILE I 75 -23.70 -41.37 -14.92
CA ILE I 75 -24.77 -41.15 -15.90
C ILE I 75 -26.08 -41.53 -15.24
N THR I 76 -27.04 -40.61 -15.24
CA THR I 76 -28.35 -40.81 -14.65
C THR I 76 -29.43 -40.60 -15.72
N GLY I 77 -30.43 -41.46 -15.71
CA GLY I 77 -31.47 -41.40 -16.73
C GLY I 77 -30.95 -41.68 -18.12
N ALA I 78 -30.12 -42.71 -18.26
CA ALA I 78 -29.53 -43.03 -19.55
C ALA I 78 -30.60 -43.51 -20.54
N GLN I 79 -30.46 -43.09 -21.79
CA GLN I 79 -31.36 -43.51 -22.86
C GLN I 79 -30.77 -44.76 -23.53
N ALA I 80 -31.36 -45.15 -24.65
CA ALA I 80 -30.89 -46.30 -25.41
C ALA I 80 -29.89 -45.93 -26.49
N ASN I 81 -29.55 -44.65 -26.63
CA ASN I 81 -28.60 -44.19 -27.64
C ASN I 81 -27.17 -44.08 -27.13
N ASP I 82 -26.91 -44.49 -25.89
CA ASP I 82 -25.58 -44.44 -25.31
C ASP I 82 -24.73 -45.66 -25.66
N GLU I 83 -25.07 -46.35 -26.75
CA GLU I 83 -24.28 -47.50 -27.22
C GLU I 83 -23.01 -46.94 -27.88
N ALA I 84 -22.04 -46.61 -27.03
CA ALA I 84 -20.82 -45.95 -27.50
C ALA I 84 -19.66 -46.38 -26.61
N ASP I 85 -18.55 -45.65 -26.73
CA ASP I 85 -17.35 -45.89 -25.96
C ASP I 85 -17.05 -44.68 -25.08
N TYR I 86 -16.47 -44.95 -23.91
CA TYR I 86 -16.09 -43.89 -22.98
C TYR I 86 -14.67 -44.12 -22.50
N PHE I 87 -13.83 -43.08 -22.57
CA PHE I 87 -12.44 -43.19 -22.15
C PHE I 87 -12.03 -41.96 -21.36
N CYS I 88 -10.91 -42.10 -20.64
CA CYS I 88 -10.40 -41.10 -19.71
C CYS I 88 -9.02 -40.63 -20.12
N THR I 89 -8.75 -39.35 -19.94
CA THR I 89 -7.43 -38.77 -20.19
C THR I 89 -7.03 -37.89 -19.03
N LEU I 90 -5.73 -37.76 -18.81
CA LEU I 90 -5.19 -37.04 -17.67
C LEU I 90 -3.91 -36.31 -18.08
N TYR I 91 -3.53 -35.35 -17.25
CA TYR I 91 -2.39 -34.47 -17.48
C TYR I 91 -1.36 -34.69 -16.38
N ILE I 92 -0.16 -35.12 -16.76
CA ILE I 92 0.93 -35.34 -15.83
C ILE I 92 2.18 -34.62 -16.35
N SER I 93 3.18 -34.53 -15.48
CA SER I 93 4.44 -33.81 -15.74
C SER I 93 4.08 -32.35 -16.03
N ILE I 94 4.78 -31.69 -16.94
CA ILE I 94 4.47 -30.30 -17.28
C ILE I 94 3.80 -30.25 -18.64
N ALA I 95 4.12 -31.19 -19.51
CA ALA I 95 3.53 -31.25 -20.84
C ALA I 95 3.23 -32.69 -21.25
N ASP I 96 2.71 -33.49 -20.33
CA ASP I 96 2.39 -34.89 -20.62
C ASP I 96 0.89 -35.10 -20.58
N VAL I 97 0.34 -35.65 -21.66
CA VAL I 97 -1.08 -35.99 -21.75
C VAL I 97 -1.18 -37.49 -22.01
N ILE I 98 -1.86 -38.20 -21.11
CA ILE I 98 -1.98 -39.66 -21.20
C ILE I 98 -3.46 -40.00 -21.27
N PHE I 99 -3.84 -40.73 -22.33
CA PHE I 99 -5.21 -41.20 -22.47
C PHE I 99 -5.34 -42.62 -21.92
N GLY I 100 -6.58 -43.00 -21.59
CA GLY I 100 -6.85 -44.30 -21.02
C GLY I 100 -7.64 -45.20 -21.95
N GLY I 101 -7.97 -46.38 -21.43
CA GLY I 101 -8.76 -47.34 -22.18
C GLY I 101 -10.22 -46.97 -22.25
N GLY I 102 -10.94 -47.70 -23.08
CA GLY I 102 -12.34 -47.41 -23.36
C GLY I 102 -13.28 -48.49 -22.85
N THR I 103 -14.44 -48.06 -22.38
CA THR I 103 -15.55 -48.95 -22.02
C THR I 103 -16.58 -48.92 -23.14
N HIS I 104 -16.92 -50.10 -23.65
CA HIS I 104 -18.04 -50.30 -24.56
C HIS I 104 -19.30 -50.51 -23.72
N LEU I 105 -19.87 -49.39 -23.27
CA LEU I 105 -21.07 -49.44 -22.44
C LEU I 105 -22.22 -50.06 -23.21
N THR I 106 -22.92 -50.99 -22.57
CA THR I 106 -24.02 -51.73 -23.18
C THR I 106 -25.29 -51.49 -22.39
N VAL I 107 -26.39 -51.23 -23.09
CA VAL I 107 -27.69 -51.01 -22.48
C VAL I 107 -28.58 -52.21 -22.81
N LEU I 108 -29.14 -52.85 -21.80
CA LEU I 108 -30.00 -54.02 -22.00
C LEU I 108 -31.33 -53.60 -22.61
#